data_3HTY
#
_entry.id   3HTY
#
_cell.length_a   125.510
_cell.length_b   125.510
_cell.length_c   181.450
_cell.angle_alpha   90.000
_cell.angle_beta   90.000
_cell.angle_gamma   120.000
#
_symmetry.space_group_name_H-M   'P 31 2 1'
#
loop_
_entity.id
_entity.type
_entity.pdbx_description
1 polymer 'hypothetical protein BT_0869'
2 non-polymer GLYCEROL
3 non-polymer 'SULFATE ION'
4 water water
#
_entity_poly.entity_id   1
_entity_poly.type   'polypeptide(L)'
_entity_poly.pdbx_seq_one_letter_code
;GASIVGSWVEPVPGLEGQVQGIK(MSE)EEGGVASSVN(MSE)ATLVYESWKQEGTKLILTGKSIGNGQTIEFVDT
(MSE)DIKRLTADSLVLDNQG(MSE)EIRYAKQK
;
_entity_poly.pdbx_strand_id   A,B,C,D,E,F,G,H,I,J,K,L,M,N,O,P
#
# COMPACT_ATOMS: atom_id res chain seq x y z
N GLY A 1 18.25 -45.37 -53.85
CA GLY A 1 17.49 -44.38 -53.03
C GLY A 1 18.47 -43.64 -52.15
N ALA A 2 17.99 -42.63 -51.45
CA ALA A 2 18.84 -41.82 -50.60
C ALA A 2 19.22 -42.57 -49.34
N SER A 3 20.38 -42.24 -48.79
CA SER A 3 20.87 -42.85 -47.58
C SER A 3 20.36 -42.05 -46.37
N ILE A 4 20.09 -42.76 -45.29
CA ILE A 4 19.63 -42.12 -44.05
C ILE A 4 20.78 -41.52 -43.26
N VAL A 5 22.01 -41.84 -43.63
CA VAL A 5 23.17 -41.30 -42.92
C VAL A 5 23.21 -39.78 -43.16
N GLY A 6 23.30 -39.00 -42.08
CA GLY A 6 23.34 -37.55 -42.14
C GLY A 6 22.73 -36.90 -40.90
N SER A 7 22.63 -35.58 -40.94
CA SER A 7 22.01 -34.81 -39.88
C SER A 7 20.62 -34.38 -40.34
N TRP A 8 19.64 -34.65 -39.49
CA TRP A 8 18.25 -34.40 -39.74
C TRP A 8 17.68 -33.51 -38.67
N VAL A 9 17.11 -32.37 -39.05
CA VAL A 9 16.58 -31.43 -38.08
C VAL A 9 15.18 -30.92 -38.42
N GLU A 10 14.54 -30.37 -37.38
CA GLU A 10 13.21 -29.79 -37.45
C GLU A 10 13.23 -28.52 -36.61
N PRO A 11 12.30 -27.59 -36.88
CA PRO A 11 12.23 -26.40 -36.06
C PRO A 11 11.91 -26.75 -34.61
N VAL A 12 12.51 -26.03 -33.67
CA VAL A 12 12.22 -26.23 -32.24
C VAL A 12 10.82 -25.66 -31.97
N PRO A 13 9.86 -26.50 -31.52
CA PRO A 13 8.54 -25.97 -31.22
C PRO A 13 8.62 -24.81 -30.24
N GLY A 14 7.95 -23.72 -30.57
CA GLY A 14 7.91 -22.54 -29.71
C GLY A 14 9.14 -21.64 -29.71
N LEU A 15 10.18 -21.99 -30.47
CA LEU A 15 11.41 -21.18 -30.53
C LEU A 15 11.78 -20.95 -31.99
N GLU A 16 11.24 -19.86 -32.53
CA GLU A 16 11.46 -19.47 -33.93
C GLU A 16 12.95 -19.32 -34.23
N GLY A 17 13.38 -19.88 -35.37
CA GLY A 17 14.77 -19.77 -35.79
C GLY A 17 15.72 -20.86 -35.32
N GLN A 18 15.28 -21.63 -34.33
CA GLN A 18 16.05 -22.72 -33.75
C GLN A 18 15.73 -24.05 -34.40
N VAL A 19 16.70 -24.96 -34.43
CA VAL A 19 16.45 -26.30 -34.94
C VAL A 19 16.99 -27.35 -33.99
N GLN A 20 16.41 -28.54 -34.04
CA GLN A 20 16.81 -29.66 -33.21
C GLN A 20 16.68 -30.95 -34.01
N GLY A 21 17.39 -31.98 -33.58
CA GLY A 21 17.26 -33.26 -34.26
C GLY A 21 18.27 -34.31 -33.93
N ILE A 22 18.65 -35.07 -34.94
CA ILE A 22 19.54 -36.21 -34.77
C ILE A 22 20.55 -36.37 -35.90
N LYS A 23 21.79 -36.67 -35.51
CA LYS A 23 22.87 -36.95 -36.46
C LYS A 23 23.09 -38.47 -36.44
N GLU A 25 25.41 -41.39 -37.93
CA GLU A 25 26.72 -41.60 -38.55
C GLU A 25 26.99 -43.01 -38.98
N GLU A 26 27.91 -43.14 -39.92
CA GLU A 26 28.41 -44.47 -40.28
C GLU A 26 28.96 -45.09 -39.01
N GLY A 27 28.69 -46.39 -38.81
CA GLY A 27 29.16 -47.11 -37.64
C GLY A 27 28.05 -47.28 -36.61
N GLY A 28 26.90 -46.66 -36.86
CA GLY A 28 25.73 -46.82 -36.01
C GLY A 28 25.55 -45.82 -34.90
N VAL A 29 26.49 -44.90 -34.74
CA VAL A 29 26.35 -43.90 -33.71
C VAL A 29 25.31 -42.84 -34.14
N ALA A 30 24.47 -42.45 -33.20
CA ALA A 30 23.53 -41.35 -33.36
C ALA A 30 23.78 -40.41 -32.20
N SER A 31 23.57 -39.13 -32.44
CA SER A 31 23.75 -38.15 -31.42
C SER A 31 22.70 -37.06 -31.57
N SER A 32 22.30 -36.48 -30.45
CA SER A 32 21.32 -35.40 -30.46
C SER A 32 21.90 -34.10 -31.02
N VAL A 33 21.07 -33.39 -31.78
CA VAL A 33 21.39 -32.08 -32.27
C VAL A 33 20.49 -31.10 -31.49
N ASN A 34 21.11 -30.30 -30.63
CA ASN A 34 20.44 -29.25 -29.84
C ASN A 34 19.30 -29.73 -28.95
N ALA A 36 18.78 -31.40 -24.84
CA ALA A 36 19.41 -31.64 -23.52
C ALA A 36 18.82 -32.81 -22.78
N THR A 37 17.53 -33.07 -22.98
CA THR A 37 16.81 -34.16 -22.32
C THR A 37 16.93 -35.47 -23.05
N LEU A 38 16.88 -35.41 -24.38
CA LEU A 38 16.99 -36.62 -25.19
C LEU A 38 18.41 -36.73 -25.64
N VAL A 39 19.09 -37.77 -25.20
CA VAL A 39 20.46 -38.04 -25.59
C VAL A 39 20.49 -39.26 -26.49
N TYR A 40 20.56 -39.07 -27.80
CA TYR A 40 20.61 -40.22 -28.69
C TYR A 40 21.98 -40.88 -28.64
N GLU A 41 21.99 -42.17 -28.91
CA GLU A 41 23.23 -42.97 -28.85
C GLU A 41 23.45 -43.89 -30.05
N SER A 42 22.41 -44.50 -30.60
CA SER A 42 22.61 -45.35 -31.79
C SER A 42 21.39 -45.40 -32.67
N TRP A 43 21.61 -45.84 -33.91
CA TRP A 43 20.56 -46.05 -34.89
C TRP A 43 20.83 -47.35 -35.67
N LYS A 44 19.76 -47.94 -36.19
CA LYS A 44 19.82 -49.11 -37.01
C LYS A 44 18.60 -49.07 -37.91
N GLN A 45 18.79 -49.40 -39.17
CA GLN A 45 17.71 -49.43 -40.17
C GLN A 45 17.57 -50.85 -40.70
N GLU A 46 16.36 -51.39 -40.63
CA GLU A 46 16.01 -52.73 -41.14
C GLU A 46 14.80 -52.48 -42.04
N GLY A 47 15.07 -52.26 -43.32
CA GLY A 47 14.02 -51.97 -44.27
C GLY A 47 13.41 -50.62 -43.99
N THR A 48 12.10 -50.61 -43.79
CA THR A 48 11.36 -49.39 -43.44
C THR A 48 11.30 -49.18 -41.93
N LYS A 49 11.93 -50.04 -41.13
CA LYS A 49 11.99 -49.85 -39.69
C LYS A 49 13.27 -49.14 -39.26
N LEU A 50 13.14 -48.08 -38.49
CA LEU A 50 14.29 -47.40 -37.92
C LEU A 50 14.24 -47.64 -36.41
N ILE A 51 15.36 -48.08 -35.83
CA ILE A 51 15.42 -48.27 -34.39
C ILE A 51 16.42 -47.27 -33.82
N LEU A 52 15.96 -46.40 -32.90
CA LEU A 52 16.81 -45.38 -32.30
C LEU A 52 16.95 -45.68 -30.82
N THR A 53 18.17 -45.55 -30.29
CA THR A 53 18.42 -45.80 -28.87
C THR A 53 19.10 -44.59 -28.27
N GLY A 54 19.02 -44.50 -26.95
CA GLY A 54 19.63 -43.43 -26.21
C GLY A 54 19.06 -43.41 -24.84
N LYS A 55 19.19 -42.27 -24.19
CA LYS A 55 18.66 -42.11 -22.87
C LYS A 55 17.93 -40.80 -22.73
N SER A 56 16.98 -40.82 -21.79
CA SER A 56 16.16 -39.67 -21.52
C SER A 56 16.39 -39.27 -20.07
N ILE A 57 16.80 -38.03 -19.87
CA ILE A 57 17.10 -37.49 -18.55
C ILE A 57 15.82 -36.79 -18.11
N GLY A 58 15.21 -37.23 -17.02
CA GLY A 58 13.94 -36.63 -16.57
C GLY A 58 13.25 -37.39 -15.45
N ASN A 59 12.35 -36.71 -14.74
CA ASN A 59 11.63 -37.31 -13.64
C ASN A 59 12.59 -37.88 -12.59
N GLY A 60 13.74 -37.19 -12.40
CA GLY A 60 14.75 -37.62 -11.44
C GLY A 60 15.51 -38.88 -11.82
N GLN A 61 15.39 -39.33 -13.06
CA GLN A 61 16.08 -40.56 -13.49
C GLN A 61 16.64 -40.41 -14.88
N THR A 62 17.57 -41.30 -15.23
CA THR A 62 18.10 -41.37 -16.57
C THR A 62 17.73 -42.77 -17.02
N ILE A 63 16.93 -42.86 -18.09
CA ILE A 63 16.43 -44.14 -18.56
C ILE A 63 16.77 -44.39 -20.02
N GLU A 64 17.39 -45.51 -20.29
CA GLU A 64 17.72 -45.88 -21.63
C GLU A 64 16.44 -46.28 -22.36
N PHE A 65 16.36 -45.96 -23.64
CA PHE A 65 15.19 -46.33 -24.43
C PHE A 65 15.59 -47.00 -25.73
N VAL A 66 14.62 -47.69 -26.31
CA VAL A 66 14.77 -48.28 -27.63
C VAL A 66 13.44 -47.98 -28.33
N ASP A 67 13.47 -46.99 -29.23
CA ASP A 67 12.32 -46.52 -29.99
C ASP A 67 12.37 -47.09 -31.41
N THR A 68 11.31 -47.77 -31.80
CA THR A 68 11.16 -48.37 -33.11
C THR A 68 10.07 -47.61 -33.90
N ASP A 70 8.60 -46.33 -38.12
CA ASP A 70 8.49 -46.61 -39.53
C ASP A 70 8.99 -45.44 -40.31
N ILE A 71 9.81 -45.71 -41.32
CA ILE A 71 10.29 -44.67 -42.22
C ILE A 71 9.21 -44.57 -43.29
N LYS A 72 8.58 -43.40 -43.39
CA LYS A 72 7.54 -43.14 -44.38
C LYS A 72 8.07 -42.41 -45.63
N ARG A 73 9.12 -41.61 -45.44
CA ARG A 73 9.75 -40.85 -46.54
C ARG A 73 11.25 -40.77 -46.29
N LEU A 74 12.03 -40.98 -47.33
CA LEU A 74 13.49 -40.82 -47.23
C LEU A 74 14.07 -40.42 -48.58
N THR A 75 14.46 -39.15 -48.67
CA THR A 75 15.03 -38.56 -49.87
C THR A 75 16.35 -37.88 -49.48
N ALA A 76 17.00 -37.25 -50.46
CA ALA A 76 18.22 -36.49 -50.17
C ALA A 76 17.95 -35.33 -49.19
N ASP A 77 16.71 -34.84 -49.18
CA ASP A 77 16.33 -33.67 -48.39
C ASP A 77 15.39 -33.92 -47.22
N SER A 78 14.71 -35.05 -47.18
CA SER A 78 13.67 -35.27 -46.18
C SER A 78 13.64 -36.65 -45.59
N LEU A 79 13.26 -36.73 -44.32
CA LEU A 79 13.07 -37.99 -43.61
C LEU A 79 11.82 -37.79 -42.77
N VAL A 80 10.81 -38.64 -43.00
CA VAL A 80 9.56 -38.59 -42.25
C VAL A 80 9.41 -39.94 -41.54
N LEU A 81 9.16 -39.86 -40.23
CA LEU A 81 9.04 -41.04 -39.37
C LEU A 81 7.68 -41.09 -38.68
N ASP A 82 7.16 -42.31 -38.48
CA ASP A 82 5.95 -42.55 -37.74
C ASP A 82 6.37 -43.32 -36.49
N ASN A 83 6.27 -42.64 -35.36
CA ASN A 83 6.63 -43.24 -34.07
C ASN A 83 5.36 -43.46 -33.31
N GLN A 84 4.81 -44.66 -33.46
CA GLN A 84 3.60 -45.05 -32.77
C GLN A 84 2.46 -44.07 -32.99
N GLY A 85 2.33 -43.57 -34.21
CA GLY A 85 1.24 -42.64 -34.52
C GLY A 85 1.61 -41.16 -34.48
N GLU A 87 3.94 -38.42 -36.04
CA GLU A 87 4.77 -38.23 -37.19
C GLU A 87 5.83 -37.20 -36.87
N ILE A 88 7.05 -37.50 -37.29
CA ILE A 88 8.21 -36.67 -37.10
C ILE A 88 8.69 -36.32 -38.52
N ARG A 89 8.76 -35.03 -38.84
CA ARG A 89 9.24 -34.57 -40.15
C ARG A 89 10.60 -33.84 -40.04
N TYR A 90 11.64 -34.43 -40.62
CA TYR A 90 12.98 -33.86 -40.61
C TYR A 90 13.45 -33.41 -41.99
N ALA A 91 14.27 -32.36 -42.01
CA ALA A 91 14.94 -31.88 -43.20
C ALA A 91 16.43 -32.17 -43.01
N LYS A 92 17.11 -32.47 -44.11
CA LYS A 92 18.53 -32.72 -44.08
C LYS A 92 19.27 -31.43 -43.79
N GLN A 93 20.17 -31.45 -42.81
CA GLN A 93 20.94 -30.28 -42.44
C GLN A 93 22.09 -30.31 -43.43
N LYS A 94 22.09 -29.31 -44.30
CA LYS A 94 23.03 -29.20 -45.40
C LYS A 94 24.46 -28.88 -44.95
N GLY B 1 1.96 -30.39 -39.18
CA GLY B 1 1.31 -30.97 -37.96
C GLY B 1 0.80 -29.91 -37.01
N ALA B 2 -0.09 -30.33 -36.10
CA ALA B 2 -0.63 -29.42 -35.09
C ALA B 2 0.47 -29.01 -34.11
N SER B 3 0.45 -27.74 -33.71
CA SER B 3 1.42 -27.22 -32.75
C SER B 3 0.93 -27.39 -31.32
N ILE B 4 1.86 -27.61 -30.42
CA ILE B 4 1.55 -27.72 -29.02
C ILE B 4 1.29 -26.34 -28.40
N VAL B 5 1.64 -25.24 -29.09
CA VAL B 5 1.42 -23.91 -28.55
C VAL B 5 -0.07 -23.64 -28.39
N GLY B 6 -0.51 -23.30 -27.18
CA GLY B 6 -1.91 -23.01 -26.89
C GLY B 6 -2.26 -23.40 -25.47
N SER B 7 -3.54 -23.29 -25.12
CA SER B 7 -4.01 -23.63 -23.78
C SER B 7 -4.66 -25.00 -23.77
N TRP B 8 -4.22 -25.84 -22.86
CA TRP B 8 -4.69 -27.21 -22.78
C TRP B 8 -5.38 -27.40 -21.46
N VAL B 9 -6.66 -27.77 -21.50
CA VAL B 9 -7.48 -27.83 -20.31
C VAL B 9 -8.25 -29.13 -20.14
N GLU B 10 -8.80 -29.28 -18.92
CA GLU B 10 -9.65 -30.36 -18.50
C GLU B 10 -10.68 -29.74 -17.50
N PRO B 11 -11.78 -30.44 -17.22
CA PRO B 11 -12.69 -29.90 -16.21
C PRO B 11 -12.08 -29.79 -14.80
N VAL B 12 -12.55 -28.81 -14.05
CA VAL B 12 -12.18 -28.71 -12.63
C VAL B 12 -13.09 -29.72 -11.95
N PRO B 13 -12.51 -30.69 -11.24
CA PRO B 13 -13.32 -31.73 -10.59
C PRO B 13 -14.43 -31.18 -9.71
N GLY B 14 -15.64 -31.69 -9.92
CA GLY B 14 -16.80 -31.32 -9.12
C GLY B 14 -17.53 -30.03 -9.52
N LEU B 15 -16.91 -29.21 -10.38
CA LEU B 15 -17.51 -27.94 -10.77
C LEU B 15 -18.30 -28.05 -12.10
N GLU B 16 -19.31 -27.19 -12.25
CA GLU B 16 -20.25 -27.22 -13.37
C GLU B 16 -19.72 -26.71 -14.69
N GLY B 17 -18.97 -25.61 -14.68
CA GLY B 17 -18.46 -25.04 -15.94
C GLY B 17 -16.98 -24.77 -16.04
N GLN B 18 -16.28 -24.81 -14.92
CA GLN B 18 -14.91 -24.36 -14.88
C GLN B 18 -13.91 -25.36 -15.47
N VAL B 19 -12.82 -24.83 -16.01
CA VAL B 19 -11.73 -25.65 -16.54
C VAL B 19 -10.39 -25.27 -15.91
N GLN B 20 -9.46 -26.21 -15.93
CA GLN B 20 -8.11 -26.01 -15.42
C GLN B 20 -7.11 -26.60 -16.40
N GLY B 21 -5.88 -26.10 -16.39
CA GLY B 21 -4.86 -26.62 -17.27
C GLY B 21 -3.59 -25.81 -17.38
N ILE B 22 -2.98 -25.88 -18.56
CA ILE B 22 -1.67 -25.31 -18.81
C ILE B 22 -1.63 -24.57 -20.12
N LYS B 23 -1.23 -23.31 -20.08
CA LYS B 23 -1.07 -22.48 -21.27
C LYS B 23 0.39 -22.51 -21.66
N GLU B 25 3.05 -20.99 -24.28
CA GLU B 25 3.24 -19.89 -25.21
C GLU B 25 4.50 -19.99 -26.03
N GLU B 26 4.50 -19.34 -27.18
CA GLU B 26 5.72 -19.24 -27.99
C GLU B 26 6.75 -18.64 -27.08
N GLY B 27 7.99 -19.11 -27.18
CA GLY B 27 9.06 -18.59 -26.34
C GLY B 27 9.34 -19.46 -25.13
N GLY B 28 8.47 -20.41 -24.83
CA GLY B 28 8.73 -21.36 -23.73
C GLY B 28 8.07 -21.07 -22.38
N VAL B 29 7.42 -19.91 -22.25
CA VAL B 29 6.74 -19.64 -20.99
C VAL B 29 5.51 -20.53 -20.93
N ALA B 30 5.28 -21.12 -19.77
CA ALA B 30 4.08 -21.92 -19.47
C ALA B 30 3.49 -21.34 -18.21
N SER B 31 2.17 -21.37 -18.11
CA SER B 31 1.47 -20.86 -16.94
C SER B 31 0.25 -21.70 -16.61
N SER B 32 -0.10 -21.75 -15.34
CA SER B 32 -1.29 -22.48 -14.91
C SER B 32 -2.55 -21.75 -15.32
N VAL B 33 -3.59 -22.52 -15.59
CA VAL B 33 -4.91 -21.98 -15.92
C VAL B 33 -5.83 -22.43 -14.78
N ASN B 34 -6.20 -21.47 -13.92
CA ASN B 34 -7.17 -21.70 -12.82
C ASN B 34 -6.73 -22.69 -11.75
N ALA B 36 -3.99 -22.85 -8.32
CA ALA B 36 -3.17 -22.11 -7.36
C ALA B 36 -2.04 -22.97 -6.78
N THR B 37 -2.36 -24.23 -6.48
CA THR B 37 -1.40 -25.12 -5.84
C THR B 37 -0.26 -25.53 -6.78
N LEU B 38 -0.58 -25.67 -8.07
N LEU B 38 -0.58 -25.68 -8.06
CA LEU B 38 0.40 -26.00 -9.10
CA LEU B 38 0.38 -26.00 -9.09
C LEU B 38 0.63 -24.75 -9.93
C LEU B 38 0.63 -24.75 -9.93
N VAL B 39 1.90 -24.32 -9.99
CA VAL B 39 2.30 -23.14 -10.72
C VAL B 39 3.28 -23.50 -11.83
N TYR B 40 2.77 -23.62 -13.04
CA TYR B 40 3.65 -23.95 -14.16
C TYR B 40 4.48 -22.73 -14.54
N GLU B 41 5.69 -22.95 -15.01
CA GLU B 41 6.61 -21.86 -15.38
C GLU B 41 7.15 -21.92 -16.82
N SER B 42 7.48 -23.11 -17.32
CA SER B 42 7.99 -23.19 -18.66
C SER B 42 7.80 -24.56 -19.27
N TRP B 43 7.91 -24.61 -20.59
CA TRP B 43 7.75 -25.86 -21.30
C TRP B 43 8.79 -25.91 -22.41
N LYS B 44 9.11 -27.12 -22.83
CA LYS B 44 10.00 -27.32 -23.97
C LYS B 44 9.62 -28.69 -24.56
N GLN B 45 9.78 -28.82 -25.87
CA GLN B 45 9.52 -30.05 -26.58
C GLN B 45 10.76 -30.47 -27.33
N GLU B 46 11.27 -31.67 -27.02
CA GLU B 46 12.41 -32.25 -27.72
C GLU B 46 11.91 -33.54 -28.36
N GLY B 47 11.85 -33.56 -29.70
CA GLY B 47 11.32 -34.72 -30.38
C GLY B 47 9.85 -34.77 -30.00
N THR B 48 9.40 -35.90 -29.46
CA THR B 48 8.03 -36.04 -28.98
C THR B 48 7.96 -36.11 -27.44
N LYS B 49 8.98 -35.58 -26.77
CA LYS B 49 9.01 -35.46 -25.33
C LYS B 49 8.59 -34.03 -25.02
N LEU B 50 7.75 -33.88 -24.00
CA LEU B 50 7.36 -32.59 -23.47
C LEU B 50 7.97 -32.49 -22.09
N ILE B 51 8.69 -31.41 -21.82
CA ILE B 51 9.32 -31.18 -20.53
C ILE B 51 8.64 -29.97 -19.93
N LEU B 52 7.98 -30.17 -18.78
CA LEU B 52 7.25 -29.12 -18.09
C LEU B 52 7.91 -28.77 -16.77
N THR B 53 8.25 -27.49 -16.60
CA THR B 53 8.87 -27.00 -15.39
C THR B 53 7.87 -26.18 -14.59
N GLY B 54 7.83 -26.41 -13.29
CA GLY B 54 6.94 -25.62 -12.45
C GLY B 54 7.26 -25.86 -11.00
N LYS B 55 6.34 -25.43 -10.15
CA LYS B 55 6.48 -25.60 -8.71
C LYS B 55 5.11 -25.81 -8.05
N SER B 56 5.12 -26.48 -6.90
CA SER B 56 3.92 -26.68 -6.10
C SER B 56 4.09 -25.86 -4.85
N ILE B 57 2.97 -25.36 -4.35
CA ILE B 57 2.94 -24.52 -3.17
C ILE B 57 2.16 -25.18 -2.06
N GLY B 58 2.67 -25.05 -0.83
CA GLY B 58 1.96 -25.52 0.33
C GLY B 58 2.83 -25.58 1.54
N ASN B 59 2.22 -25.51 2.73
CA ASN B 59 2.94 -25.65 3.97
C ASN B 59 3.90 -24.50 4.21
N GLY B 60 3.57 -23.34 3.64
CA GLY B 60 4.42 -22.17 3.74
C GLY B 60 5.71 -22.32 2.97
N GLN B 61 5.68 -23.19 1.97
CA GLN B 61 6.84 -23.57 1.18
C GLN B 61 6.52 -23.75 -0.30
N THR B 62 7.59 -23.91 -1.07
CA THR B 62 7.52 -24.10 -2.51
C THR B 62 8.44 -25.25 -2.90
N ILE B 63 7.98 -26.14 -3.77
CA ILE B 63 8.79 -27.27 -4.24
C ILE B 63 8.87 -27.22 -5.74
N GLU B 64 10.07 -27.01 -6.27
CA GLU B 64 10.25 -26.96 -7.72
C GLU B 64 10.13 -28.35 -8.31
N PHE B 65 9.67 -28.45 -9.56
CA PHE B 65 9.63 -29.75 -10.23
C PHE B 65 9.82 -29.60 -11.74
N VAL B 66 10.29 -30.68 -12.35
CA VAL B 66 10.43 -30.82 -13.79
C VAL B 66 9.88 -32.22 -14.16
N ASP B 67 8.82 -32.23 -14.95
CA ASP B 67 8.16 -33.46 -15.41
C ASP B 67 8.42 -33.68 -16.90
N THR B 68 8.85 -34.89 -17.24
CA THR B 68 9.07 -35.24 -18.61
C THR B 68 8.05 -36.31 -19.00
N ASP B 70 5.93 -38.32 -22.56
CA ASP B 70 5.87 -38.55 -24.01
C ASP B 70 4.55 -38.00 -24.56
N ILE B 71 4.60 -37.35 -25.73
CA ILE B 71 3.40 -36.85 -26.37
C ILE B 71 2.90 -38.01 -27.22
N LYS B 72 1.72 -38.53 -26.91
CA LYS B 72 1.18 -39.66 -27.68
C LYS B 72 0.23 -39.25 -28.79
N ARG B 73 -0.44 -38.12 -28.61
CA ARG B 73 -1.39 -37.62 -29.58
C ARG B 73 -1.36 -36.11 -29.50
N LEU B 74 -1.34 -35.46 -30.66
CA LEU B 74 -1.31 -34.01 -30.73
C LEU B 74 -2.04 -33.59 -31.99
N THR B 75 -3.17 -32.91 -31.80
CA THR B 75 -3.99 -32.44 -32.89
C THR B 75 -4.45 -31.02 -32.58
N ALA B 76 -5.26 -30.47 -33.46
CA ALA B 76 -5.85 -29.15 -33.26
C ALA B 76 -6.63 -29.08 -31.95
N ASP B 77 -7.30 -30.17 -31.59
CA ASP B 77 -8.15 -30.18 -30.40
C ASP B 77 -7.72 -30.99 -29.21
N SER B 78 -6.71 -31.85 -29.37
CA SER B 78 -6.30 -32.74 -28.29
C SER B 78 -4.82 -32.88 -28.11
N LEU B 79 -4.47 -33.17 -26.85
CA LEU B 79 -3.12 -33.45 -26.42
C LEU B 79 -3.20 -34.60 -25.43
N VAL B 80 -2.52 -35.69 -25.74
CA VAL B 80 -2.46 -36.85 -24.86
C VAL B 80 -0.99 -37.09 -24.51
N LEU B 81 -0.73 -37.10 -23.21
CA LEU B 81 0.59 -37.31 -22.63
C LEU B 81 0.62 -38.61 -21.86
N ASP B 82 1.79 -39.25 -21.85
CA ASP B 82 2.01 -40.52 -21.15
C ASP B 82 3.39 -40.58 -20.54
N ASN B 83 3.44 -41.11 -19.31
CA ASN B 83 4.70 -41.43 -18.66
C ASN B 83 4.57 -42.81 -18.05
N GLN B 84 5.28 -43.76 -18.61
CA GLN B 84 5.28 -45.13 -18.16
C GLN B 84 3.87 -45.68 -17.93
N GLY B 85 2.99 -45.45 -18.90
CA GLY B 85 1.62 -45.94 -18.82
C GLY B 85 0.60 -45.03 -18.17
N GLU B 87 -1.46 -41.92 -18.25
CA GLU B 87 -1.85 -41.07 -19.34
C GLU B 87 -2.79 -39.95 -18.91
N ILE B 88 -2.70 -38.81 -19.58
CA ILE B 88 -3.59 -37.68 -19.33
C ILE B 88 -3.98 -37.09 -20.69
N ARG B 89 -5.27 -36.77 -20.86
CA ARG B 89 -5.78 -36.12 -22.05
C ARG B 89 -6.27 -34.68 -21.78
N TYR B 90 -5.80 -33.71 -22.55
CA TYR B 90 -6.32 -32.35 -22.45
C TYR B 90 -7.04 -31.95 -23.75
N ALA B 91 -7.94 -30.97 -23.63
CA ALA B 91 -8.65 -30.40 -24.78
C ALA B 91 -8.09 -29.00 -25.02
N LYS B 92 -8.04 -28.59 -26.29
CA LYS B 92 -7.58 -27.25 -26.63
C LYS B 92 -8.60 -26.22 -26.15
N GLN B 93 -8.18 -25.25 -25.33
CA GLN B 93 -9.12 -24.25 -24.80
C GLN B 93 -9.62 -23.38 -25.93
N LYS B 94 -10.94 -23.33 -26.04
CA LYS B 94 -11.63 -22.59 -27.07
C LYS B 94 -11.86 -21.15 -26.62
N GLY C 1 -11.20 -44.07 -18.70
CA GLY C 1 -10.02 -44.21 -17.81
C GLY C 1 -10.48 -44.48 -16.39
N ALA C 2 -9.62 -45.14 -15.61
CA ALA C 2 -9.93 -45.47 -14.23
C ALA C 2 -10.05 -44.21 -13.38
N SER C 3 -11.03 -44.19 -12.47
CA SER C 3 -11.21 -43.06 -11.56
C SER C 3 -10.44 -43.28 -10.27
N ILE C 4 -9.98 -42.20 -9.66
CA ILE C 4 -9.25 -42.25 -8.39
C ILE C 4 -10.22 -42.25 -7.18
N VAL C 5 -11.51 -42.13 -7.44
CA VAL C 5 -12.50 -42.18 -6.38
C VAL C 5 -12.62 -43.62 -5.83
N GLY C 6 -12.48 -43.78 -4.53
CA GLY C 6 -12.60 -45.06 -3.89
C GLY C 6 -11.74 -45.08 -2.66
N SER C 7 -11.58 -46.27 -2.08
CA SER C 7 -10.73 -46.50 -0.92
C SER C 7 -9.47 -47.23 -1.40
N TRP C 8 -8.33 -46.71 -0.99
CA TRP C 8 -7.03 -47.20 -1.40
C TRP C 8 -6.23 -47.56 -0.18
N VAL C 9 -5.80 -48.82 -0.11
CA VAL C 9 -5.13 -49.32 1.07
C VAL C 9 -3.85 -50.10 0.76
N GLU C 10 -2.98 -50.12 1.77
CA GLU C 10 -1.74 -50.85 1.72
C GLU C 10 -1.60 -51.61 3.03
N PRO C 11 -0.77 -52.65 3.04
CA PRO C 11 -0.54 -53.36 4.29
C PRO C 11 0.15 -52.41 5.29
N VAL C 12 -0.20 -52.51 6.57
CA VAL C 12 0.39 -51.64 7.58
C VAL C 12 1.80 -52.14 7.85
N PRO C 13 2.84 -51.30 7.62
CA PRO C 13 4.21 -51.76 7.93
C PRO C 13 4.34 -52.29 9.34
N GLY C 14 4.94 -53.47 9.48
CA GLY C 14 5.14 -54.08 10.79
C GLY C 14 3.94 -54.77 11.41
N LEU C 15 2.73 -54.60 10.86
CA LEU C 15 1.55 -55.23 11.43
C LEU C 15 0.86 -56.10 10.38
N GLU C 16 1.27 -57.36 10.32
CA GLU C 16 0.72 -58.33 9.37
C GLU C 16 -0.81 -58.44 9.46
N GLY C 17 -1.48 -58.47 8.31
CA GLY C 17 -2.94 -58.60 8.26
C GLY C 17 -3.73 -57.31 8.34
N GLN C 18 -3.09 -56.20 8.73
CA GLN C 18 -3.78 -54.93 8.85
C GLN C 18 -3.51 -54.07 7.64
N VAL C 19 -4.45 -53.17 7.31
CA VAL C 19 -4.28 -52.26 6.21
C VAL C 19 -4.56 -50.84 6.69
N GLN C 20 -4.08 -49.89 5.91
CA GLN C 20 -4.29 -48.47 6.19
C GLN C 20 -4.32 -47.76 4.85
N GLY C 21 -4.84 -46.55 4.81
CA GLY C 21 -4.91 -45.86 3.54
C GLY C 21 -5.76 -44.62 3.53
N ILE C 22 -6.33 -44.33 2.37
N ILE C 22 -6.33 -44.33 2.37
CA ILE C 22 -7.13 -43.14 2.17
CA ILE C 22 -7.10 -43.12 2.15
C ILE C 22 -8.37 -43.47 1.33
C ILE C 22 -8.34 -43.43 1.30
N LYS C 23 -9.48 -42.84 1.68
CA LYS C 23 -10.74 -42.96 0.98
C LYS C 23 -10.97 -41.60 0.35
N GLU C 25 -13.65 -39.47 -1.89
CA GLU C 25 -15.06 -39.44 -2.29
C GLU C 25 -15.39 -38.35 -3.27
N GLU C 26 -16.51 -38.52 -3.96
CA GLU C 26 -17.06 -37.48 -4.82
C GLU C 26 -17.34 -36.32 -3.89
N GLY C 27 -17.15 -35.10 -4.37
CA GLY C 27 -17.35 -33.95 -3.52
C GLY C 27 -16.05 -33.41 -2.94
N GLY C 28 -14.95 -34.15 -3.13
CA GLY C 28 -13.63 -33.67 -2.72
C GLY C 28 -13.24 -34.10 -1.33
N VAL C 29 -14.12 -34.75 -0.59
CA VAL C 29 -13.79 -35.19 0.74
C VAL C 29 -12.81 -36.39 0.68
N ALA C 30 -11.77 -36.36 1.50
CA ALA C 30 -10.83 -37.48 1.67
C ALA C 30 -10.85 -37.81 3.17
N SER C 31 -10.62 -39.08 3.50
CA SER C 31 -10.54 -39.47 4.90
C SER C 31 -9.53 -40.58 5.07
N SER C 32 -8.92 -40.63 6.24
CA SER C 32 -7.94 -41.69 6.56
C SER C 32 -8.62 -43.02 6.83
N VAL C 33 -8.01 -44.09 6.33
CA VAL C 33 -8.47 -45.44 6.65
C VAL C 33 -7.43 -46.01 7.63
N ASN C 34 -7.82 -46.22 8.88
CA ASN C 34 -6.94 -46.83 9.91
C ASN C 34 -5.61 -46.10 10.15
N ALA C 36 -4.17 -42.85 12.76
CA ALA C 36 -4.50 -41.92 13.84
C ALA C 36 -3.74 -40.59 13.83
N THR C 37 -2.52 -40.60 13.30
CA THR C 37 -1.67 -39.42 13.18
C THR C 37 -2.04 -38.55 12.00
N LEU C 38 -2.37 -39.18 10.88
CA LEU C 38 -2.75 -38.48 9.66
C LEU C 38 -4.25 -38.43 9.54
N VAL C 39 -4.80 -37.23 9.48
CA VAL C 39 -6.24 -37.06 9.32
C VAL C 39 -6.47 -36.36 8.00
N TYR C 40 -6.79 -37.13 6.95
CA TYR C 40 -7.10 -36.56 5.66
C TYR C 40 -8.46 -35.87 5.65
N GLU C 41 -8.55 -34.79 4.87
CA GLU C 41 -9.77 -34.01 4.77
C GLU C 41 -10.22 -33.75 3.34
N SER C 42 -9.31 -33.53 2.40
CA SER C 42 -9.72 -33.33 1.01
C SER C 42 -8.69 -33.76 0.01
N TRP C 43 -9.15 -33.85 -1.25
CA TRP C 43 -8.31 -34.21 -2.37
C TRP C 43 -8.77 -33.52 -3.63
N LYS C 44 -7.85 -33.39 -4.59
CA LYS C 44 -8.17 -32.78 -5.87
C LYS C 44 -7.14 -33.22 -6.87
N GLN C 45 -7.58 -33.59 -8.09
CA GLN C 45 -6.65 -34.00 -9.09
C GLN C 45 -6.48 -32.91 -10.13
N GLU C 46 -5.22 -32.58 -10.41
CA GLU C 46 -4.84 -31.57 -11.39
C GLU C 46 -3.85 -32.20 -12.36
N GLY C 47 -4.32 -32.50 -13.59
CA GLY C 47 -3.47 -33.20 -14.53
C GLY C 47 -3.17 -34.56 -13.93
N THR C 48 -1.89 -34.91 -13.87
CA THR C 48 -1.45 -36.17 -13.27
C THR C 48 -0.98 -35.95 -11.83
N LYS C 49 -1.30 -34.78 -11.26
CA LYS C 49 -0.93 -34.46 -9.88
C LYS C 49 -2.09 -34.72 -8.92
N LEU C 50 -1.79 -35.12 -7.69
CA LEU C 50 -2.83 -35.31 -6.67
C LEU C 50 -2.53 -34.39 -5.50
N ILE C 51 -3.49 -33.54 -5.14
CA ILE C 51 -3.36 -32.65 -3.98
C ILE C 51 -4.16 -33.25 -2.85
N LEU C 52 -3.52 -33.50 -1.70
CA LEU C 52 -4.18 -34.03 -0.53
C LEU C 52 -3.99 -33.05 0.59
N THR C 53 -5.05 -32.80 1.36
CA THR C 53 -5.00 -31.91 2.52
C THR C 53 -5.55 -32.60 3.73
N GLY C 54 -5.21 -32.07 4.88
CA GLY C 54 -5.68 -32.67 6.10
C GLY C 54 -4.81 -32.14 7.20
N LYS C 55 -4.73 -32.89 8.30
CA LYS C 55 -3.92 -32.46 9.42
C LYS C 55 -3.10 -33.59 9.96
N SER C 56 -1.94 -33.24 10.47
CA SER C 56 -1.02 -34.19 11.05
C SER C 56 -0.87 -33.86 12.54
N ILE C 57 -1.23 -34.83 13.36
CA ILE C 57 -1.21 -34.69 14.78
C ILE C 57 0.13 -35.25 15.24
N GLY C 58 1.00 -34.39 15.76
CA GLY C 58 2.32 -34.83 16.20
C GLY C 58 3.18 -33.73 16.71
N ASN C 59 4.19 -34.11 17.48
CA ASN C 59 5.16 -33.17 18.06
C ASN C 59 4.47 -32.09 18.90
N GLY C 60 3.40 -32.50 19.60
CA GLY C 60 2.61 -31.60 20.44
C GLY C 60 1.84 -30.57 19.65
N GLN C 61 1.59 -30.83 18.38
CA GLN C 61 0.90 -29.88 17.51
C GLN C 61 -0.01 -30.58 16.53
N THR C 62 -0.98 -29.84 16.02
CA THR C 62 -1.82 -30.35 14.96
C THR C 62 -1.70 -29.33 13.85
N ILE C 63 -1.13 -29.75 12.72
CA ILE C 63 -0.80 -28.85 11.64
C ILE C 63 -1.49 -29.29 10.37
N GLU C 64 -2.25 -28.36 9.80
CA GLU C 64 -2.91 -28.55 8.54
C GLU C 64 -1.85 -28.52 7.44
N PHE C 65 -2.01 -29.39 6.44
CA PHE C 65 -1.08 -29.49 5.34
C PHE C 65 -1.79 -29.50 4.01
N VAL C 66 -1.03 -29.17 2.97
CA VAL C 66 -1.46 -29.26 1.59
C VAL C 66 -0.27 -29.88 0.87
N ASP C 67 -0.38 -31.18 0.55
CA ASP C 67 0.68 -31.93 -0.12
C ASP C 67 0.34 -32.21 -1.59
N THR C 68 1.35 -32.12 -2.45
CA THR C 68 1.21 -32.41 -3.85
C THR C 68 2.08 -33.61 -4.22
N ASP C 70 2.79 -36.92 -7.39
CA ASP C 70 2.59 -37.44 -8.73
C ASP C 70 1.85 -38.76 -8.68
N ILE C 71 0.86 -38.88 -9.55
CA ILE C 71 0.14 -40.12 -9.70
C ILE C 71 0.94 -40.84 -10.75
N LYS C 72 1.60 -41.93 -10.36
CA LYS C 72 2.42 -42.73 -11.26
C LYS C 72 1.66 -43.86 -11.96
N ARG C 73 0.55 -44.28 -11.39
CA ARG C 73 -0.23 -45.37 -11.96
C ARG C 73 -1.60 -45.28 -11.36
N LEU C 74 -2.63 -45.50 -12.19
CA LEU C 74 -4.02 -45.44 -11.75
C LEU C 74 -4.83 -46.37 -12.63
N THR C 75 -5.25 -47.51 -12.07
CA THR C 75 -6.06 -48.52 -12.77
C THR C 75 -7.30 -48.84 -11.92
N ALA C 76 -8.08 -49.85 -12.34
CA ALA C 76 -9.28 -50.23 -11.60
C ALA C 76 -8.92 -50.70 -10.19
N ASP C 77 -7.75 -51.33 -10.07
CA ASP C 77 -7.31 -51.92 -8.81
C ASP C 77 -6.06 -51.35 -8.17
N SER C 78 -5.36 -50.42 -8.82
CA SER C 78 -4.10 -49.90 -8.27
C SER C 78 -3.90 -48.42 -8.40
N LEU C 79 -3.15 -47.85 -7.45
CA LEU C 79 -2.83 -46.45 -7.43
C LEU C 79 -1.44 -46.32 -6.85
N VAL C 80 -0.57 -45.59 -7.55
CA VAL C 80 0.80 -45.39 -7.07
C VAL C 80 1.04 -43.90 -7.04
N LEU C 81 1.45 -43.39 -5.87
CA LEU C 81 1.70 -41.98 -5.62
C LEU C 81 3.17 -41.80 -5.28
N ASP C 82 3.75 -40.70 -5.73
CA ASP C 82 5.14 -40.41 -5.53
C ASP C 82 5.20 -39.01 -4.98
N ASN C 83 5.74 -38.89 -3.77
CA ASN C 83 5.93 -37.59 -3.15
C ASN C 83 7.42 -37.40 -3.00
N GLN C 84 8.00 -36.68 -3.97
CA GLN C 84 9.41 -36.34 -4.00
C GLN C 84 10.33 -37.53 -3.83
N GLY C 85 10.01 -38.63 -4.48
CA GLY C 85 10.85 -39.78 -4.42
C GLY C 85 10.32 -40.91 -3.58
N GLU C 87 7.52 -43.42 -2.73
CA GLU C 87 6.36 -44.01 -3.35
C GLU C 87 5.55 -44.89 -2.45
N ILE C 88 4.22 -44.80 -2.59
CA ILE C 88 3.32 -45.70 -1.90
C ILE C 88 2.44 -46.31 -2.95
N ARG C 89 2.28 -47.62 -2.87
CA ARG C 89 1.44 -48.35 -3.78
C ARG C 89 0.22 -48.84 -3.01
N TYR C 90 -0.95 -48.54 -3.54
CA TYR C 90 -2.21 -48.96 -2.95
C TYR C 90 -2.98 -49.90 -3.85
N ALA C 91 -3.85 -50.69 -3.22
CA ALA C 91 -4.79 -51.57 -3.89
C ALA C 91 -6.17 -51.02 -3.54
N LYS C 92 -7.10 -51.12 -4.48
CA LYS C 92 -8.43 -50.64 -4.21
C LYS C 92 -9.14 -51.63 -3.31
N GLN C 93 -9.82 -51.10 -2.30
CA GLN C 93 -10.57 -51.91 -1.35
C GLN C 93 -12.01 -51.99 -1.82
N GLY D 1 -22.50 -18.58 -17.73
CA GLY D 1 -22.71 -20.06 -17.77
C GLY D 1 -23.40 -20.48 -19.05
N ALA D 2 -23.03 -21.65 -19.57
CA ALA D 2 -23.60 -22.17 -20.82
C ALA D 2 -25.08 -22.55 -20.66
N SER D 3 -25.81 -22.46 -21.76
CA SER D 3 -27.21 -22.87 -21.79
C SER D 3 -27.41 -24.34 -22.11
N ILE D 4 -28.40 -24.95 -21.48
CA ILE D 4 -28.70 -26.35 -21.74
C ILE D 4 -29.47 -26.53 -23.06
N VAL D 5 -30.00 -25.44 -23.65
CA VAL D 5 -30.75 -25.55 -24.89
C VAL D 5 -29.82 -25.96 -26.03
N GLY D 6 -30.17 -27.08 -26.66
CA GLY D 6 -29.39 -27.63 -27.75
C GLY D 6 -29.61 -29.12 -27.85
N SER D 7 -28.81 -29.76 -28.72
CA SER D 7 -28.83 -31.22 -28.90
C SER D 7 -27.61 -31.86 -28.24
N TRP D 8 -27.88 -32.82 -27.37
CA TRP D 8 -26.88 -33.49 -26.56
C TRP D 8 -26.83 -34.92 -27.02
N VAL D 9 -25.66 -35.36 -27.47
CA VAL D 9 -25.53 -36.65 -28.11
C VAL D 9 -24.33 -37.47 -27.68
N GLU D 10 -24.40 -38.75 -28.04
CA GLU D 10 -23.34 -39.72 -27.83
C GLU D 10 -23.24 -40.56 -29.11
N PRO D 11 -22.09 -41.20 -29.35
CA PRO D 11 -21.94 -42.06 -30.52
C PRO D 11 -22.93 -43.19 -30.50
N VAL D 12 -23.35 -43.65 -31.68
CA VAL D 12 -24.18 -44.84 -31.80
C VAL D 12 -23.15 -45.97 -31.95
N PRO D 13 -23.07 -46.88 -30.98
CA PRO D 13 -22.07 -47.94 -31.02
C PRO D 13 -22.13 -48.76 -32.28
N GLY D 14 -20.98 -48.92 -32.90
CA GLY D 14 -20.83 -49.72 -34.12
C GLY D 14 -21.38 -49.15 -35.41
N LEU D 15 -21.82 -47.90 -35.41
CA LEU D 15 -22.32 -47.25 -36.61
C LEU D 15 -21.57 -45.94 -36.77
N GLU D 16 -20.61 -45.95 -37.68
CA GLU D 16 -19.83 -44.77 -38.02
C GLU D 16 -20.78 -43.72 -38.61
N GLY D 17 -20.54 -42.46 -38.27
CA GLY D 17 -21.36 -41.36 -38.76
C GLY D 17 -22.72 -41.20 -38.14
N GLN D 18 -22.95 -41.83 -36.98
CA GLN D 18 -24.23 -41.72 -36.32
C GLN D 18 -24.05 -41.40 -34.85
N VAL D 19 -24.89 -40.51 -34.34
CA VAL D 19 -24.97 -40.18 -32.93
C VAL D 19 -26.42 -40.33 -32.52
N GLN D 20 -26.66 -40.31 -31.22
CA GLN D 20 -27.98 -40.45 -30.65
C GLN D 20 -28.06 -39.64 -29.39
N GLY D 21 -29.24 -39.16 -29.06
CA GLY D 21 -29.36 -38.34 -27.90
C GLY D 21 -30.67 -37.63 -27.79
N ILE D 22 -30.63 -36.48 -27.12
CA ILE D 22 -31.82 -35.70 -26.82
C ILE D 22 -31.65 -34.23 -27.23
N LYS D 23 -32.62 -33.72 -27.98
CA LYS D 23 -32.66 -32.33 -28.42
C LYS D 23 -33.60 -31.61 -27.48
N GLU D 25 -35.27 -28.15 -26.85
CA GLU D 25 -35.60 -26.91 -27.50
C GLU D 25 -36.25 -25.90 -26.59
N GLU D 26 -36.28 -24.66 -27.05
CA GLU D 26 -37.00 -23.61 -26.36
C GLU D 26 -38.47 -24.05 -26.24
N GLY D 27 -39.13 -23.69 -25.15
CA GLY D 27 -40.52 -24.10 -24.89
C GLY D 27 -40.63 -25.40 -24.10
N GLY D 28 -39.50 -26.01 -23.78
CA GLY D 28 -39.48 -27.24 -23.00
C GLY D 28 -39.68 -28.53 -23.77
N VAL D 29 -39.81 -28.44 -25.09
CA VAL D 29 -39.94 -29.63 -25.89
C VAL D 29 -38.59 -30.32 -25.96
N ALA D 30 -38.60 -31.63 -25.67
CA ALA D 30 -37.44 -32.47 -25.86
C ALA D 30 -37.85 -33.49 -26.92
N SER D 31 -36.90 -33.92 -27.73
CA SER D 31 -37.15 -34.94 -28.73
C SER D 31 -35.95 -35.83 -28.90
N SER D 32 -36.20 -37.07 -29.29
CA SER D 32 -35.15 -38.04 -29.48
C SER D 32 -34.39 -37.72 -30.77
N VAL D 33 -33.06 -37.86 -30.70
CA VAL D 33 -32.22 -37.75 -31.86
C VAL D 33 -31.75 -39.15 -32.24
N ASN D 34 -32.23 -39.62 -33.37
CA ASN D 34 -31.78 -40.90 -33.95
C ASN D 34 -31.90 -42.15 -33.03
N ALA D 36 -35.25 -44.94 -31.94
CA ALA D 36 -36.65 -45.35 -32.22
C ALA D 36 -37.45 -45.80 -30.98
N THR D 37 -36.81 -46.48 -30.04
CA THR D 37 -37.52 -47.05 -28.91
C THR D 37 -37.94 -46.02 -27.86
N LEU D 38 -37.08 -45.04 -27.67
CA LEU D 38 -37.35 -44.00 -26.72
C LEU D 38 -37.87 -42.81 -27.46
N VAL D 39 -38.96 -42.23 -26.95
CA VAL D 39 -39.58 -41.00 -27.49
C VAL D 39 -39.60 -39.92 -26.41
N TYR D 40 -38.60 -39.03 -26.43
CA TYR D 40 -38.52 -37.93 -25.49
C TYR D 40 -39.55 -36.91 -25.86
N GLU D 41 -40.09 -36.22 -24.85
CA GLU D 41 -41.17 -35.25 -25.05
C GLU D 41 -40.95 -33.91 -24.35
N SER D 42 -40.35 -33.88 -23.17
CA SER D 42 -40.14 -32.58 -22.50
C SER D 42 -38.90 -32.57 -21.63
N TRP D 43 -38.44 -31.35 -21.34
CA TRP D 43 -37.35 -31.12 -20.40
C TRP D 43 -37.65 -29.90 -19.56
N LYS D 44 -37.13 -29.88 -18.34
CA LYS D 44 -37.26 -28.72 -17.44
C LYS D 44 -36.01 -28.67 -16.57
N GLN D 45 -35.34 -27.52 -16.56
CA GLN D 45 -34.17 -27.30 -15.69
C GLN D 45 -34.57 -26.43 -14.50
N GLU D 46 -34.21 -26.90 -13.30
CA GLU D 46 -34.42 -26.15 -12.06
C GLU D 46 -33.11 -26.22 -11.29
N GLY D 47 -32.28 -25.21 -11.48
CA GLY D 47 -30.97 -25.17 -10.83
C GLY D 47 -30.09 -26.27 -11.40
N THR D 48 -29.62 -27.14 -10.52
CA THR D 48 -28.76 -28.28 -10.90
C THR D 48 -29.58 -29.54 -11.14
N LYS D 49 -30.90 -29.42 -11.21
CA LYS D 49 -31.76 -30.59 -11.52
C LYS D 49 -32.34 -30.46 -12.92
N LEU D 50 -32.42 -31.58 -13.63
CA LEU D 50 -33.00 -31.64 -14.96
C LEU D 50 -34.05 -32.75 -14.96
N ILE D 51 -35.27 -32.42 -15.37
CA ILE D 51 -36.35 -33.38 -15.48
C ILE D 51 -36.54 -33.67 -16.95
N LEU D 52 -36.46 -34.95 -17.33
CA LEU D 52 -36.66 -35.41 -18.71
C LEU D 52 -37.84 -36.36 -18.73
N THR D 53 -38.76 -36.16 -19.67
CA THR D 53 -39.96 -36.99 -19.78
C THR D 53 -40.11 -37.50 -21.22
N GLY D 54 -40.85 -38.58 -21.36
CA GLY D 54 -41.08 -39.19 -22.64
C GLY D 54 -41.72 -40.53 -22.41
N LYS D 55 -41.62 -41.40 -23.39
CA LYS D 55 -42.19 -42.73 -23.32
C LYS D 55 -41.29 -43.71 -24.04
N SER D 56 -41.34 -44.98 -23.63
CA SER D 56 -40.60 -46.03 -24.36
C SER D 56 -41.64 -46.92 -25.04
N ILE D 57 -41.27 -47.45 -26.19
N ILE D 57 -41.32 -47.42 -26.22
CA ILE D 57 -42.14 -48.28 -27.04
CA ILE D 57 -42.24 -48.28 -26.97
C ILE D 57 -41.73 -49.76 -26.94
C ILE D 57 -41.76 -49.73 -26.92
N GLY D 58 -42.70 -50.64 -26.66
CA GLY D 58 -42.41 -52.06 -26.53
C GLY D 58 -43.38 -52.83 -27.38
N ASN D 59 -43.26 -54.15 -27.39
CA ASN D 59 -44.12 -54.91 -28.25
C ASN D 59 -45.56 -54.64 -27.82
N GLY D 60 -45.88 -54.93 -26.57
CA GLY D 60 -47.24 -54.72 -26.09
C GLY D 60 -47.72 -53.27 -26.00
N GLN D 61 -46.97 -52.42 -25.30
CA GLN D 61 -47.46 -51.08 -25.07
C GLN D 61 -46.42 -50.01 -25.05
N THR D 62 -46.83 -48.85 -24.54
N THR D 62 -46.84 -48.81 -24.64
CA THR D 62 -45.98 -47.70 -24.45
CA THR D 62 -45.94 -47.68 -24.45
C THR D 62 -46.13 -47.14 -23.03
C THR D 62 -46.12 -47.19 -23.02
N ILE D 63 -45.01 -46.79 -22.41
CA ILE D 63 -45.02 -46.35 -21.03
C ILE D 63 -44.31 -45.03 -20.88
N GLU D 64 -45.00 -44.09 -20.25
CA GLU D 64 -44.44 -42.79 -19.97
C GLU D 64 -43.45 -42.85 -18.80
N PHE D 65 -42.46 -41.97 -18.81
CA PHE D 65 -41.51 -41.91 -17.73
C PHE D 65 -41.20 -40.47 -17.38
N VAL D 66 -40.78 -40.23 -16.13
CA VAL D 66 -40.33 -38.91 -15.69
C VAL D 66 -39.00 -39.18 -14.95
N ASP D 67 -37.87 -38.77 -15.54
CA ASP D 67 -36.53 -39.00 -14.95
C ASP D 67 -35.98 -37.70 -14.43
N THR D 68 -35.60 -37.67 -13.16
CA THR D 68 -35.03 -36.48 -12.53
C THR D 68 -33.55 -36.75 -12.30
N ASP D 70 -29.42 -35.14 -11.73
CA ASP D 70 -28.57 -34.06 -11.28
C ASP D 70 -27.63 -33.63 -12.42
N ILE D 71 -27.53 -32.33 -12.67
CA ILE D 71 -26.60 -31.81 -13.67
C ILE D 71 -25.29 -31.65 -12.96
N LYS D 72 -24.25 -32.36 -13.41
CA LYS D 72 -22.92 -32.26 -12.79
C LYS D 72 -21.94 -31.41 -13.60
N ARG D 73 -22.23 -31.26 -14.89
CA ARG D 73 -21.38 -30.47 -15.77
C ARG D 73 -22.28 -29.86 -16.85
N LEU D 74 -22.09 -28.58 -17.16
CA LEU D 74 -22.85 -27.94 -18.24
C LEU D 74 -21.99 -26.83 -18.80
N THR D 75 -21.44 -27.10 -19.98
CA THR D 75 -20.56 -26.18 -20.68
C THR D 75 -21.08 -26.02 -22.09
N ALA D 76 -20.38 -25.23 -22.88
CA ALA D 76 -20.73 -25.07 -24.28
C ALA D 76 -20.66 -26.42 -25.04
N ASP D 77 -19.79 -27.32 -24.61
CA ASP D 77 -19.55 -28.57 -25.32
C ASP D 77 -20.05 -29.82 -24.64
N SER D 78 -20.43 -29.73 -23.37
CA SER D 78 -20.76 -30.94 -22.62
C SER D 78 -21.87 -30.79 -21.60
N LEU D 79 -22.56 -31.91 -21.40
CA LEU D 79 -23.60 -32.04 -20.37
C LEU D 79 -23.37 -33.38 -19.68
N VAL D 80 -23.12 -33.37 -18.36
CA VAL D 80 -22.97 -34.60 -17.58
C VAL D 80 -24.14 -34.67 -16.59
N LEU D 81 -24.88 -35.78 -16.65
CA LEU D 81 -26.04 -36.02 -15.79
C LEU D 81 -25.76 -37.19 -14.87
N ASP D 82 -26.37 -37.17 -13.68
CA ASP D 82 -26.16 -38.20 -12.64
C ASP D 82 -27.44 -38.53 -11.87
N ASN D 83 -27.68 -39.83 -11.64
CA ASN D 83 -28.81 -40.30 -10.82
C ASN D 83 -28.25 -41.27 -9.78
N GLN D 84 -28.08 -40.77 -8.57
CA GLN D 84 -27.52 -41.54 -7.45
C GLN D 84 -26.29 -42.38 -7.82
N GLY D 85 -25.33 -41.75 -8.51
CA GLY D 85 -24.08 -42.40 -8.90
C GLY D 85 -23.97 -42.87 -10.34
N GLU D 87 -23.83 -42.20 -14.00
N GLU D 87 -23.84 -42.24 -14.02
CA GLU D 87 -23.66 -40.98 -14.80
CA GLU D 87 -23.55 -41.04 -14.82
C GLU D 87 -23.53 -41.19 -16.30
C GLU D 87 -23.56 -41.22 -16.32
N ILE D 88 -23.95 -40.15 -17.03
CA ILE D 88 -23.95 -40.14 -18.50
C ILE D 88 -23.36 -38.81 -18.97
N ARG D 89 -22.42 -38.88 -19.93
CA ARG D 89 -21.84 -37.68 -20.52
C ARG D 89 -22.34 -37.53 -21.95
N TYR D 90 -22.84 -36.33 -22.27
CA TYR D 90 -23.26 -35.99 -23.61
C TYR D 90 -22.34 -34.88 -24.14
N ALA D 91 -22.19 -34.85 -25.45
CA ALA D 91 -21.46 -33.82 -26.18
C ALA D 91 -22.50 -32.98 -26.95
N LYS D 92 -22.24 -31.69 -27.08
CA LYS D 92 -23.10 -30.81 -27.84
C LYS D 92 -22.96 -31.17 -29.30
N GLN D 93 -24.07 -31.49 -29.96
CA GLN D 93 -24.00 -31.81 -31.37
C GLN D 93 -23.70 -30.51 -32.09
N LYS D 94 -22.78 -30.55 -33.03
CA LYS D 94 -22.43 -29.39 -33.82
C LYS D 94 -22.22 -29.91 -35.21
N GLY E 1 -26.05 -3.20 4.54
CA GLY E 1 -26.18 -4.27 3.51
C GLY E 1 -27.65 -4.64 3.31
N ALA E 2 -28.02 -4.94 2.07
CA ALA E 2 -29.41 -5.28 1.76
C ALA E 2 -29.83 -6.56 2.48
N SER E 3 -31.13 -6.71 2.66
CA SER E 3 -31.70 -7.90 3.27
C SER E 3 -32.00 -8.96 2.22
N ILE E 4 -31.83 -10.22 2.60
CA ILE E 4 -32.11 -11.35 1.69
C ILE E 4 -33.62 -11.68 1.67
N VAL E 5 -34.41 -11.05 2.55
CA VAL E 5 -35.86 -11.29 2.55
C VAL E 5 -36.49 -10.76 1.27
N GLY E 6 -37.27 -11.59 0.60
CA GLY E 6 -37.92 -11.20 -0.64
C GLY E 6 -38.25 -12.40 -1.51
N SER E 7 -38.87 -12.13 -2.65
N SER E 7 -38.90 -12.14 -2.64
CA SER E 7 -39.24 -13.16 -3.61
CA SER E 7 -39.23 -13.17 -3.63
C SER E 7 -38.29 -13.04 -4.80
C SER E 7 -38.24 -13.01 -4.75
N TRP E 8 -37.37 -14.00 -4.90
CA TRP E 8 -36.29 -13.98 -5.87
C TRP E 8 -36.54 -14.92 -7.01
N VAL E 9 -36.49 -14.42 -8.24
CA VAL E 9 -36.81 -15.25 -9.39
C VAL E 9 -35.87 -15.05 -10.56
N GLU E 10 -35.73 -16.11 -11.35
CA GLU E 10 -34.90 -16.10 -12.55
C GLU E 10 -35.81 -16.52 -13.70
N PRO E 11 -35.39 -16.26 -14.96
CA PRO E 11 -36.18 -16.75 -16.06
C PRO E 11 -36.07 -18.27 -16.10
N VAL E 12 -37.15 -18.92 -16.51
CA VAL E 12 -37.13 -20.36 -16.63
C VAL E 12 -36.28 -20.69 -17.88
N PRO E 13 -35.23 -21.55 -17.71
CA PRO E 13 -34.46 -21.92 -18.88
C PRO E 13 -35.34 -22.50 -19.99
N GLY E 14 -35.22 -21.90 -21.16
CA GLY E 14 -35.96 -22.32 -22.33
C GLY E 14 -37.43 -21.93 -22.37
N LEU E 15 -37.87 -21.07 -21.45
CA LEU E 15 -39.26 -20.65 -21.42
C LEU E 15 -39.32 -19.16 -21.11
N GLU E 16 -39.09 -18.34 -22.13
CA GLU E 16 -39.18 -16.88 -22.02
C GLU E 16 -40.62 -16.60 -21.60
N GLY E 17 -40.80 -15.79 -20.56
CA GLY E 17 -42.17 -15.51 -20.09
C GLY E 17 -42.64 -16.32 -18.90
N GLN E 18 -41.74 -17.14 -18.36
CA GLN E 18 -41.97 -17.80 -17.09
C GLN E 18 -40.72 -17.48 -16.24
N VAL E 19 -40.95 -17.37 -14.94
CA VAL E 19 -39.90 -17.14 -13.97
C VAL E 19 -40.07 -18.20 -12.89
N GLN E 20 -39.00 -18.49 -12.16
CA GLN E 20 -39.03 -19.48 -11.08
C GLN E 20 -38.02 -19.08 -10.03
N GLY E 21 -38.20 -19.51 -8.80
CA GLY E 21 -37.26 -19.17 -7.76
C GLY E 21 -37.73 -19.51 -6.35
N ILE E 22 -37.33 -18.67 -5.40
CA ILE E 22 -37.58 -18.90 -3.98
C ILE E 22 -38.06 -17.64 -3.28
N LYS E 23 -39.02 -17.81 -2.38
CA LYS E 23 -39.50 -16.73 -1.58
C LYS E 23 -38.93 -16.97 -0.19
N GLU E 25 -38.89 -15.54 3.67
CA GLU E 25 -39.59 -14.65 4.58
C GLU E 25 -38.80 -14.39 5.83
N GLU E 26 -39.10 -13.26 6.47
CA GLU E 26 -38.52 -12.90 7.75
C GLU E 26 -38.77 -14.03 8.72
N GLY E 27 -37.74 -14.47 9.43
CA GLY E 27 -37.92 -15.55 10.40
C GLY E 27 -37.42 -16.91 9.94
N GLY E 28 -37.14 -17.06 8.64
CA GLY E 28 -36.59 -18.32 8.15
C GLY E 28 -37.50 -19.15 7.27
N VAL E 29 -38.78 -18.82 7.15
CA VAL E 29 -39.64 -19.60 6.27
C VAL E 29 -39.29 -19.34 4.80
N ALA E 30 -39.28 -20.39 3.99
CA ALA E 30 -39.04 -20.27 2.57
C ALA E 30 -40.09 -21.04 1.83
N SER E 31 -40.31 -20.70 0.57
CA SER E 31 -41.23 -21.41 -0.28
C SER E 31 -40.77 -21.31 -1.73
N SER E 32 -41.14 -22.31 -2.52
CA SER E 32 -40.78 -22.39 -3.94
C SER E 32 -41.68 -21.54 -4.83
N VAL E 33 -41.12 -20.97 -5.89
CA VAL E 33 -41.91 -20.23 -6.89
C VAL E 33 -41.78 -20.96 -8.23
N ASN E 34 -42.90 -21.52 -8.68
CA ASN E 34 -42.97 -22.26 -9.93
C ASN E 34 -41.93 -23.36 -10.12
N ALA E 36 -40.90 -27.79 -9.56
CA ALA E 36 -41.32 -29.21 -9.48
C ALA E 36 -40.34 -30.13 -8.75
N THR E 37 -39.03 -29.96 -8.91
N THR E 37 -39.04 -29.88 -8.90
CA THR E 37 -38.15 -30.86 -8.19
CA THR E 37 -37.99 -30.71 -8.31
C THR E 37 -38.24 -30.52 -6.69
C THR E 37 -37.80 -30.49 -6.80
N LEU E 38 -38.00 -29.25 -6.34
CA LEU E 38 -37.87 -28.88 -4.93
C LEU E 38 -39.04 -28.10 -4.31
N VAL E 39 -39.29 -28.39 -3.04
CA VAL E 39 -40.30 -27.70 -2.28
C VAL E 39 -39.51 -27.03 -1.17
N TYR E 40 -39.16 -25.77 -1.36
CA TYR E 40 -38.39 -25.05 -0.35
C TYR E 40 -39.27 -24.82 0.90
N GLU E 41 -38.68 -25.00 2.08
CA GLU E 41 -39.39 -24.82 3.34
C GLU E 41 -38.68 -23.88 4.32
N SER E 42 -37.35 -23.76 4.27
CA SER E 42 -36.70 -22.81 5.16
C SER E 42 -35.35 -22.38 4.64
N TRP E 43 -34.88 -21.25 5.19
CA TRP E 43 -33.58 -20.70 4.83
C TRP E 43 -32.85 -20.19 6.07
N LYS E 44 -31.54 -20.18 5.99
CA LYS E 44 -30.69 -19.64 7.04
C LYS E 44 -29.43 -19.13 6.35
N GLN E 45 -28.94 -17.98 6.77
CA GLN E 45 -27.73 -17.42 6.22
C GLN E 45 -26.65 -17.53 7.27
N GLU E 46 -25.48 -18.06 6.86
N GLU E 46 -25.48 -18.04 6.87
CA GLU E 46 -24.31 -18.18 7.74
CA GLU E 46 -24.35 -18.11 7.79
C GLU E 46 -23.13 -17.55 7.02
C GLU E 46 -23.14 -17.55 7.06
N GLY E 47 -22.95 -16.24 7.24
CA GLY E 47 -21.91 -15.48 6.59
C GLY E 47 -22.33 -15.31 5.15
N THR E 48 -21.45 -15.72 4.24
CA THR E 48 -21.78 -15.69 2.81
C THR E 48 -22.44 -16.99 2.37
N LYS E 49 -22.75 -17.91 3.29
CA LYS E 49 -23.38 -19.18 2.91
C LYS E 49 -24.88 -19.06 3.15
N LEU E 50 -25.66 -19.62 2.22
CA LEU E 50 -27.11 -19.67 2.32
C LEU E 50 -27.47 -21.15 2.36
N ILE E 51 -28.09 -21.57 3.46
CA ILE E 51 -28.49 -22.95 3.66
C ILE E 51 -29.99 -23.04 3.44
N LEU E 52 -30.40 -23.81 2.43
CA LEU E 52 -31.81 -23.98 2.11
C LEU E 52 -32.22 -25.40 2.45
N THR E 53 -33.42 -25.55 3.00
N THR E 53 -33.40 -25.57 3.05
CA THR E 53 -33.95 -26.83 3.44
CA THR E 53 -33.92 -26.89 3.35
C THR E 53 -35.37 -27.02 2.86
C THR E 53 -35.30 -27.03 2.73
N GLY E 54 -35.73 -28.28 2.58
CA GLY E 54 -37.04 -28.56 2.01
C GLY E 54 -37.15 -30.03 1.61
N LYS E 55 -38.04 -30.29 0.66
CA LYS E 55 -38.25 -31.63 0.13
C LYS E 55 -37.88 -31.68 -1.33
N SER E 56 -37.21 -32.76 -1.71
CA SER E 56 -36.85 -32.97 -3.12
C SER E 56 -37.68 -34.11 -3.66
N ILE E 57 -38.30 -33.90 -4.82
CA ILE E 57 -39.15 -34.87 -5.48
C ILE E 57 -38.49 -35.40 -6.77
N GLY E 58 -38.43 -36.72 -6.90
CA GLY E 58 -37.81 -37.29 -8.07
C GLY E 58 -37.72 -38.80 -8.04
N ASN E 59 -37.95 -39.41 -9.18
CA ASN E 59 -37.81 -40.85 -9.37
C ASN E 59 -38.53 -41.70 -8.34
N GLY E 60 -39.72 -41.26 -7.96
CA GLY E 60 -40.56 -42.00 -7.05
C GLY E 60 -40.32 -41.76 -5.57
N GLN E 61 -39.38 -40.88 -5.26
N GLN E 61 -39.39 -40.86 -5.26
CA GLN E 61 -39.04 -40.53 -3.88
CA GLN E 61 -39.00 -40.54 -3.89
C GLN E 61 -39.34 -39.07 -3.56
C GLN E 61 -39.30 -39.07 -3.57
N THR E 62 -39.54 -38.81 -2.28
CA THR E 62 -39.74 -37.45 -1.78
C THR E 62 -38.88 -37.47 -0.53
N ILE E 63 -37.79 -36.72 -0.54
CA ILE E 63 -36.86 -36.74 0.58
C ILE E 63 -36.47 -35.37 1.02
N GLU E 64 -36.10 -35.25 2.29
CA GLU E 64 -35.64 -34.00 2.85
C GLU E 64 -34.26 -33.69 2.26
N PHE E 65 -34.00 -32.42 1.96
CA PHE E 65 -32.69 -32.00 1.45
C PHE E 65 -32.25 -30.75 2.21
N VAL E 66 -30.93 -30.54 2.24
CA VAL E 66 -30.30 -29.33 2.78
C VAL E 66 -29.26 -28.96 1.73
N ASP E 67 -29.36 -27.77 1.15
CA ASP E 67 -28.43 -27.31 0.12
C ASP E 67 -27.72 -26.09 0.64
N THR E 68 -26.42 -25.98 0.36
CA THR E 68 -25.64 -24.84 0.81
C THR E 68 -25.08 -24.17 -0.43
N ASP E 70 -23.21 -20.34 -2.03
CA ASP E 70 -22.50 -19.13 -1.72
C ASP E 70 -23.26 -17.95 -2.27
N ILE E 71 -23.38 -16.91 -1.45
CA ILE E 71 -23.99 -15.67 -1.85
C ILE E 71 -22.87 -14.83 -2.45
N LYS E 72 -22.97 -14.58 -3.76
CA LYS E 72 -21.96 -13.80 -4.49
C LYS E 72 -22.30 -12.31 -4.50
N ARG E 73 -23.58 -11.99 -4.54
CA ARG E 73 -24.03 -10.62 -4.57
C ARG E 73 -25.44 -10.56 -3.99
N LEU E 74 -25.69 -9.48 -3.25
CA LEU E 74 -26.99 -9.23 -2.63
C LEU E 74 -27.22 -7.73 -2.57
N THR E 75 -28.18 -7.25 -3.35
CA THR E 75 -28.51 -5.83 -3.38
C THR E 75 -30.00 -5.69 -3.16
N ALA E 76 -30.49 -4.46 -3.27
CA ALA E 76 -31.91 -4.19 -3.12
C ALA E 76 -32.73 -4.99 -4.13
N ASP E 77 -32.20 -5.24 -5.31
CA ASP E 77 -32.98 -5.98 -6.31
C ASP E 77 -32.30 -7.13 -7.00
N SER E 78 -31.14 -7.54 -6.50
N SER E 78 -31.13 -7.54 -6.52
CA SER E 78 -30.40 -8.63 -7.09
CA SER E 78 -30.40 -8.66 -7.13
C SER E 78 -29.84 -9.58 -6.04
C SER E 78 -29.81 -9.58 -6.07
N LEU E 79 -29.89 -10.88 -6.32
CA LEU E 79 -29.32 -11.93 -5.45
C LEU E 79 -28.63 -12.88 -6.41
N VAL E 80 -27.31 -13.03 -6.30
CA VAL E 80 -26.59 -13.98 -7.15
C VAL E 80 -26.03 -15.07 -6.25
N LEU E 81 -26.31 -16.32 -6.60
CA LEU E 81 -25.84 -17.46 -5.83
C LEU E 81 -24.95 -18.33 -6.72
N ASP E 82 -24.04 -19.06 -6.06
CA ASP E 82 -23.20 -20.01 -6.76
C ASP E 82 -23.46 -21.40 -6.19
N ASN E 83 -23.78 -22.33 -7.08
CA ASN E 83 -23.99 -23.71 -6.72
C ASN E 83 -23.02 -24.58 -7.51
N GLN E 84 -21.90 -24.92 -6.87
CA GLN E 84 -20.84 -25.74 -7.45
C GLN E 84 -20.35 -25.22 -8.79
N GLY E 85 -20.19 -23.90 -8.89
CA GLY E 85 -19.71 -23.27 -10.10
C GLY E 85 -20.77 -22.84 -11.09
N GLU E 87 -23.71 -20.34 -11.64
CA GLU E 87 -24.22 -19.11 -11.07
C GLU E 87 -25.72 -18.98 -11.33
N ILE E 88 -26.47 -18.62 -10.29
CA ILE E 88 -27.91 -18.42 -10.39
C ILE E 88 -28.17 -16.94 -10.13
N ARG E 89 -28.74 -16.25 -11.11
CA ARG E 89 -29.01 -14.81 -10.98
C ARG E 89 -30.50 -14.56 -10.77
N TYR E 90 -30.84 -14.04 -9.60
CA TYR E 90 -32.23 -13.76 -9.28
C TYR E 90 -32.48 -12.25 -9.21
N ALA E 91 -33.68 -11.84 -9.63
CA ALA E 91 -34.15 -10.46 -9.49
C ALA E 91 -35.26 -10.50 -8.45
N LYS E 92 -35.41 -9.44 -7.66
CA LYS E 92 -36.42 -9.40 -6.61
C LYS E 92 -37.75 -9.07 -7.26
N GLN E 93 -38.80 -9.83 -6.93
CA GLN E 93 -40.14 -9.57 -7.50
C GLN E 93 -40.79 -8.34 -6.89
N LYS E 94 -41.29 -7.48 -7.78
CA LYS E 94 -41.96 -6.25 -7.36
C LYS E 94 -43.27 -6.54 -6.64
N GLY F 1 1.36 -6.30 15.73
CA GLY F 1 -0.03 -6.37 15.15
C GLY F 1 -0.80 -7.52 15.77
N ALA F 2 -2.12 -7.43 15.76
CA ALA F 2 -2.95 -8.47 16.32
C ALA F 2 -2.91 -9.69 15.43
N SER F 3 -3.02 -10.86 16.03
CA SER F 3 -3.02 -12.12 15.28
C SER F 3 -4.46 -12.51 15.02
N ILE F 4 -4.67 -13.17 13.90
CA ILE F 4 -5.98 -13.70 13.59
C ILE F 4 -6.30 -15.00 14.38
N VAL F 5 -5.32 -15.59 15.06
CA VAL F 5 -5.60 -16.78 15.83
C VAL F 5 -6.55 -16.45 16.98
N GLY F 6 -7.67 -17.17 17.05
CA GLY F 6 -8.67 -16.98 18.09
C GLY F 6 -10.03 -17.43 17.61
N SER F 7 -11.04 -17.25 18.44
N SER F 7 -11.05 -17.22 18.45
CA SER F 7 -12.43 -17.57 18.10
CA SER F 7 -12.43 -17.57 18.13
C SER F 7 -13.17 -16.29 17.74
C SER F 7 -13.16 -16.28 17.74
N TRP F 8 -13.72 -16.28 16.53
CA TRP F 8 -14.41 -15.13 15.98
C TRP F 8 -15.87 -15.46 15.78
N VAL F 9 -16.72 -14.68 16.43
CA VAL F 9 -18.16 -14.95 16.45
C VAL F 9 -19.02 -13.71 16.29
N GLU F 10 -20.29 -13.95 15.96
CA GLU F 10 -21.31 -12.92 15.83
C GLU F 10 -22.60 -13.49 16.41
N PRO F 11 -23.56 -12.63 16.80
CA PRO F 11 -24.81 -13.17 17.28
C PRO F 11 -25.51 -13.99 16.19
N VAL F 12 -26.26 -14.98 16.61
CA VAL F 12 -27.07 -15.82 15.72
C VAL F 12 -28.38 -15.03 15.51
N PRO F 13 -28.65 -14.57 14.27
CA PRO F 13 -29.89 -13.83 14.01
C PRO F 13 -31.12 -14.65 14.37
N GLY F 14 -31.98 -14.09 15.22
CA GLY F 14 -33.20 -14.77 15.65
C GLY F 14 -33.11 -15.47 17.00
N LEU F 15 -31.90 -15.77 17.45
CA LEU F 15 -31.69 -16.40 18.76
C LEU F 15 -30.77 -15.53 19.59
N GLU F 16 -31.38 -14.78 20.51
CA GLU F 16 -30.65 -13.89 21.43
C GLU F 16 -29.77 -14.74 22.35
N GLY F 17 -28.59 -14.19 22.67
CA GLY F 17 -27.65 -14.88 23.56
C GLY F 17 -26.81 -15.97 22.91
N GLN F 18 -27.07 -16.27 21.65
CA GLN F 18 -26.35 -17.31 20.92
C GLN F 18 -25.40 -16.64 19.97
N VAL F 19 -24.22 -17.23 19.79
CA VAL F 19 -23.26 -16.72 18.83
C VAL F 19 -22.86 -17.84 17.89
N GLN F 20 -22.33 -17.47 16.74
CA GLN F 20 -21.86 -18.42 15.75
C GLN F 20 -20.63 -17.84 15.07
N GLY F 21 -19.77 -18.71 14.57
CA GLY F 21 -18.57 -18.23 13.95
C GLY F 21 -17.57 -19.31 13.66
N ILE F 22 -16.30 -18.91 13.66
CA ILE F 22 -15.18 -19.76 13.33
C ILE F 22 -14.02 -19.57 14.32
N LYS F 23 -13.46 -20.69 14.77
CA LYS F 23 -12.28 -20.74 15.63
C LYS F 23 -11.07 -21.08 14.75
N GLU F 25 -6.98 -21.80 14.85
CA GLU F 25 -5.90 -22.18 15.74
C GLU F 25 -4.52 -22.13 15.06
N GLU F 26 -3.48 -21.99 15.89
CA GLU F 26 -2.12 -22.09 15.42
C GLU F 26 -2.04 -23.46 14.76
N GLY F 27 -1.34 -23.56 13.64
CA GLY F 27 -1.22 -24.80 12.92
C GLY F 27 -2.15 -24.88 11.73
N GLY F 28 -3.09 -23.95 11.66
CA GLY F 28 -4.00 -23.83 10.53
C GLY F 28 -5.35 -24.52 10.63
N VAL F 29 -5.63 -25.20 11.74
CA VAL F 29 -6.93 -25.83 11.92
C VAL F 29 -7.97 -24.76 12.19
N ALA F 30 -9.12 -24.86 11.52
CA ALA F 30 -10.26 -23.99 11.75
C ALA F 30 -11.42 -24.89 12.09
N SER F 31 -12.33 -24.42 12.92
CA SER F 31 -13.51 -25.20 13.23
C SER F 31 -14.72 -24.29 13.41
N SER F 32 -15.89 -24.86 13.13
CA SER F 32 -17.16 -24.16 13.22
C SER F 32 -17.57 -23.98 14.66
N VAL F 33 -18.05 -22.77 14.97
CA VAL F 33 -18.61 -22.50 16.29
C VAL F 33 -20.12 -22.34 16.11
N ASN F 34 -20.86 -23.33 16.57
CA ASN F 34 -22.32 -23.33 16.56
C ASN F 34 -22.93 -23.15 15.16
N ALA F 36 -24.42 -25.98 12.25
CA ALA F 36 -24.65 -27.41 12.01
C ALA F 36 -24.24 -27.88 10.62
N THR F 37 -24.67 -27.16 9.60
CA THR F 37 -24.41 -27.60 8.24
C THR F 37 -22.96 -27.40 7.77
N LEU F 38 -22.29 -26.35 8.25
CA LEU F 38 -20.93 -26.05 7.85
C LEU F 38 -19.89 -26.62 8.79
N VAL F 39 -18.94 -27.32 8.21
CA VAL F 39 -17.83 -27.91 8.94
C VAL F 39 -16.53 -27.30 8.47
N TYR F 40 -16.06 -26.25 9.15
CA TYR F 40 -14.78 -25.67 8.81
C TYR F 40 -13.66 -26.64 9.20
N GLU F 41 -12.57 -26.58 8.44
CA GLU F 41 -11.43 -27.46 8.62
C GLU F 41 -10.09 -26.75 8.62
N SER F 42 -9.91 -25.70 7.82
CA SER F 42 -8.65 -24.99 7.84
C SER F 42 -8.75 -23.52 7.48
N TRP F 43 -7.71 -22.78 7.87
CA TRP F 43 -7.54 -21.37 7.55
C TRP F 43 -6.09 -21.12 7.16
N LYS F 44 -5.89 -20.14 6.26
CA LYS F 44 -4.57 -19.72 5.79
C LYS F 44 -4.68 -18.22 5.56
N GLN F 45 -3.65 -17.47 5.92
CA GLN F 45 -3.61 -16.03 5.68
C GLN F 45 -2.39 -15.78 4.79
N GLU F 46 -2.63 -15.20 3.61
CA GLU F 46 -1.58 -14.87 2.64
C GLU F 46 -1.72 -13.37 2.44
N GLY F 47 -0.76 -12.60 2.95
CA GLY F 47 -0.88 -11.15 2.93
C GLY F 47 -2.04 -10.79 3.84
N THR F 48 -3.00 -10.04 3.31
CA THR F 48 -4.22 -9.71 4.04
C THR F 48 -5.41 -10.48 3.45
N LYS F 49 -5.12 -11.56 2.75
CA LYS F 49 -6.15 -12.42 2.20
C LYS F 49 -6.33 -13.61 3.16
N LEU F 50 -7.56 -13.97 3.46
CA LEU F 50 -7.88 -15.13 4.29
C LEU F 50 -8.53 -16.17 3.43
N ILE F 51 -8.05 -17.41 3.53
CA ILE F 51 -8.58 -18.53 2.76
C ILE F 51 -9.10 -19.55 3.78
N LEU F 52 -10.38 -19.92 3.68
CA LEU F 52 -11.01 -20.89 4.61
C LEU F 52 -11.48 -22.11 3.83
N THR F 53 -11.27 -23.30 4.38
CA THR F 53 -11.74 -24.52 3.73
C THR F 53 -12.57 -25.33 4.71
N GLY F 54 -13.42 -26.18 4.15
CA GLY F 54 -14.27 -27.05 4.97
C GLY F 54 -15.20 -27.81 4.06
N LYS F 55 -16.29 -28.33 4.63
CA LYS F 55 -17.27 -29.03 3.86
C LYS F 55 -18.67 -28.65 4.33
N SER F 56 -19.63 -28.75 3.42
CA SER F 56 -21.01 -28.49 3.78
C SER F 56 -21.70 -29.83 3.69
N ILE F 57 -22.54 -30.12 4.69
CA ILE F 57 -23.25 -31.38 4.85
C ILE F 57 -24.71 -31.26 4.42
N GLY F 58 -25.15 -32.17 3.55
CA GLY F 58 -26.54 -32.25 3.12
C GLY F 58 -26.96 -33.66 3.51
N ASN F 59 -28.24 -33.99 3.44
CA ASN F 59 -28.65 -35.37 3.76
C ASN F 59 -27.80 -36.35 2.93
N GLY F 60 -27.73 -36.10 1.63
CA GLY F 60 -26.89 -36.91 0.75
C GLY F 60 -25.40 -36.55 0.88
N GLN F 61 -24.87 -35.90 -0.15
CA GLN F 61 -23.44 -35.67 -0.23
C GLN F 61 -22.84 -34.50 0.52
N THR F 62 -21.71 -34.77 1.19
N THR F 62 -21.72 -34.74 1.22
CA THR F 62 -20.92 -33.73 1.83
CA THR F 62 -20.96 -33.67 1.86
C THR F 62 -20.03 -33.19 0.71
C THR F 62 -20.01 -33.19 0.77
N ILE F 63 -19.79 -31.88 0.67
CA ILE F 63 -18.97 -31.31 -0.40
C ILE F 63 -17.99 -30.31 0.12
N GLU F 64 -16.71 -30.49 -0.22
CA GLU F 64 -15.67 -29.55 0.17
C GLU F 64 -15.82 -28.22 -0.53
N PHE F 65 -15.40 -27.15 0.13
CA PHE F 65 -15.40 -25.82 -0.43
C PHE F 65 -14.12 -25.09 0.00
N VAL F 66 -13.80 -24.05 -0.77
CA VAL F 66 -12.70 -23.16 -0.47
C VAL F 66 -13.25 -21.76 -0.64
N ASP F 67 -13.16 -20.93 0.38
CA ASP F 67 -13.62 -19.56 0.26
C ASP F 67 -12.41 -18.62 0.47
N THR F 68 -12.37 -17.53 -0.27
N THR F 68 -12.38 -17.53 -0.28
CA THR F 68 -11.30 -16.54 -0.09
CA THR F 68 -11.32 -16.54 -0.19
C THR F 68 -11.94 -15.20 0.16
C THR F 68 -11.95 -15.20 0.15
N ASP F 70 -11.00 -10.87 1.78
CA ASP F 70 -10.02 -9.88 2.22
C ASP F 70 -10.25 -9.51 3.68
N ILE F 71 -9.17 -9.47 4.43
CA ILE F 71 -9.20 -9.01 5.82
C ILE F 71 -9.15 -7.49 5.77
N LYS F 72 -10.20 -6.83 6.26
CA LYS F 72 -10.27 -5.38 6.26
C LYS F 72 -9.86 -4.71 7.57
N ARG F 73 -10.09 -5.41 8.68
CA ARG F 73 -9.72 -4.94 10.03
C ARG F 73 -9.41 -6.16 10.86
N LEU F 74 -8.36 -6.06 11.67
CA LEU F 74 -7.94 -7.11 12.54
C LEU F 74 -7.30 -6.44 13.73
N THR F 75 -7.98 -6.55 14.88
CA THR F 75 -7.51 -6.01 16.14
C THR F 75 -7.61 -7.11 17.20
N ALA F 76 -7.25 -6.78 18.44
CA ALA F 76 -7.34 -7.77 19.52
C ALA F 76 -8.78 -8.23 19.74
N ASP F 77 -9.75 -7.44 19.33
CA ASP F 77 -11.17 -7.72 19.57
C ASP F 77 -12.07 -7.80 18.33
N SER F 78 -11.58 -7.39 17.16
CA SER F 78 -12.41 -7.33 15.96
C SER F 78 -11.74 -7.90 14.72
N LEU F 79 -12.58 -8.49 13.88
CA LEU F 79 -12.16 -9.03 12.59
C LEU F 79 -13.25 -8.67 11.59
N VAL F 80 -12.90 -7.92 10.56
CA VAL F 80 -13.86 -7.56 9.53
C VAL F 80 -13.34 -8.18 8.23
N LEU F 81 -14.20 -8.92 7.56
CA LEU F 81 -13.85 -9.61 6.32
C LEU F 81 -14.75 -9.19 5.18
N ASP F 82 -14.20 -9.20 3.97
CA ASP F 82 -14.95 -8.89 2.78
C ASP F 82 -14.73 -9.97 1.72
N ASN F 83 -15.81 -10.66 1.36
CA ASN F 83 -15.78 -11.68 0.30
C ASN F 83 -16.44 -11.11 -0.94
N GLN F 84 -15.62 -10.49 -1.78
CA GLN F 84 -16.06 -9.86 -3.05
C GLN F 84 -17.29 -8.94 -2.92
N GLY F 85 -17.34 -8.16 -1.85
CA GLY F 85 -18.47 -7.27 -1.60
C GLY F 85 -19.33 -7.61 -0.38
N GLU F 87 -19.73 -8.24 3.33
CA GLU F 87 -19.02 -7.94 4.59
C GLU F 87 -19.43 -8.78 5.80
N ILE F 88 -18.48 -9.36 6.54
CA ILE F 88 -18.80 -10.07 7.77
C ILE F 88 -17.99 -9.44 8.89
N ARG F 89 -18.64 -9.12 10.01
CA ARG F 89 -17.95 -8.54 11.14
C ARG F 89 -18.00 -9.51 12.33
N TYR F 90 -16.83 -9.86 12.86
CA TYR F 90 -16.76 -10.76 13.99
C TYR F 90 -16.12 -10.10 15.19
N ALA F 91 -16.52 -10.54 16.37
CA ALA F 91 -15.97 -10.08 17.62
C ALA F 91 -15.17 -11.24 18.19
N LYS F 92 -14.06 -10.95 18.87
CA LYS F 92 -13.23 -12.00 19.45
C LYS F 92 -13.82 -12.53 20.77
N GLN F 93 -13.94 -13.84 20.86
CA GLN F 93 -14.44 -14.55 22.03
C GLN F 93 -13.21 -15.16 22.73
N LYS F 94 -12.89 -14.66 23.92
CA LYS F 94 -11.77 -15.16 24.74
C LYS F 94 -12.29 -15.89 25.99
N GLY G 1 17.54 6.88 -1.58
CA GLY G 1 17.15 5.95 -0.49
C GLY G 1 17.34 4.51 -0.89
N ALA G 2 16.88 3.60 -0.04
CA ALA G 2 16.95 2.17 -0.32
C ALA G 2 16.00 1.81 -1.45
N SER G 3 16.37 0.83 -2.25
CA SER G 3 15.52 0.36 -3.35
C SER G 3 14.50 -0.66 -2.86
N ILE G 4 13.30 -0.63 -3.43
CA ILE G 4 12.27 -1.61 -3.12
C ILE G 4 12.51 -2.96 -3.80
N VAL G 5 13.49 -3.03 -4.71
CA VAL G 5 13.81 -4.27 -5.42
C VAL G 5 14.46 -5.25 -4.48
N GLY G 6 13.90 -6.47 -4.45
CA GLY G 6 14.39 -7.54 -3.59
C GLY G 6 13.26 -8.47 -3.18
N SER G 7 13.58 -9.46 -2.35
CA SER G 7 12.58 -10.38 -1.79
C SER G 7 12.24 -9.97 -0.37
N TRP G 8 10.95 -9.78 -0.13
CA TRP G 8 10.44 -9.29 1.13
C TRP G 8 9.53 -10.33 1.72
N VAL G 9 9.81 -10.74 2.95
CA VAL G 9 9.03 -11.80 3.57
C VAL G 9 8.62 -11.51 5.01
N GLU G 10 7.57 -12.20 5.43
CA GLU G 10 7.07 -12.14 6.81
C GLU G 10 6.84 -13.57 7.29
N PRO G 11 6.71 -13.76 8.59
CA PRO G 11 6.32 -15.09 9.08
C PRO G 11 4.93 -15.47 8.60
N VAL G 12 4.70 -16.76 8.36
CA VAL G 12 3.42 -17.24 7.88
C VAL G 12 2.48 -17.36 9.08
N PRO G 13 1.38 -16.57 9.06
CA PRO G 13 0.45 -16.68 10.20
C PRO G 13 -0.03 -18.11 10.47
N GLY G 14 0.01 -18.51 11.72
CA GLY G 14 -0.40 -19.84 12.12
C GLY G 14 0.62 -20.92 11.82
N LEU G 15 1.78 -20.56 11.26
CA LEU G 15 2.76 -21.60 10.90
C LEU G 15 4.17 -21.10 11.25
N GLU G 16 4.52 -21.29 12.52
CA GLU G 16 5.84 -20.92 13.03
C GLU G 16 6.98 -21.54 12.23
N GLY G 17 7.94 -20.69 11.87
CA GLY G 17 9.15 -21.15 11.19
C GLY G 17 9.19 -21.04 9.67
N GLN G 18 8.08 -20.61 9.05
CA GLN G 18 8.02 -20.50 7.60
C GLN G 18 7.77 -19.04 7.24
N VAL G 19 8.15 -18.67 6.02
CA VAL G 19 7.97 -17.32 5.58
C VAL G 19 7.20 -17.24 4.27
N GLN G 20 6.62 -16.07 4.02
CA GLN G 20 5.85 -15.77 2.81
C GLN G 20 6.02 -14.30 2.47
N GLY G 21 5.82 -13.96 1.19
CA GLY G 21 5.92 -12.59 0.78
C GLY G 21 5.94 -12.32 -0.72
N ILE G 22 6.70 -11.32 -1.09
CA ILE G 22 6.76 -10.87 -2.47
C ILE G 22 8.17 -10.56 -2.89
N LYS G 23 8.47 -10.95 -4.13
CA LYS G 23 9.76 -10.68 -4.77
C LYS G 23 9.52 -9.65 -5.86
N GLU G 25 11.25 -7.46 -8.83
CA GLU G 25 12.44 -7.37 -9.70
C GLU G 25 12.53 -6.05 -10.44
N GLU G 26 13.77 -5.67 -10.77
CA GLU G 26 14.04 -4.46 -11.54
C GLU G 26 13.28 -4.64 -12.85
N GLY G 27 12.57 -3.62 -13.31
CA GLY G 27 11.76 -3.76 -14.52
C GLY G 27 10.28 -3.97 -14.27
N GLY G 28 9.89 -4.26 -13.04
CA GLY G 28 8.48 -4.34 -12.71
C GLY G 28 7.86 -5.70 -12.50
N VAL G 29 8.57 -6.80 -12.77
CA VAL G 29 8.01 -8.12 -12.49
C VAL G 29 7.97 -8.34 -10.97
N ALA G 30 6.83 -8.82 -10.48
CA ALA G 30 6.64 -9.20 -9.07
C ALA G 30 6.19 -10.65 -9.08
N SER G 31 6.54 -11.40 -8.05
CA SER G 31 6.11 -12.79 -7.89
C SER G 31 5.88 -13.13 -6.43
N SER G 32 4.95 -14.02 -6.16
CA SER G 32 4.68 -14.43 -4.81
C SER G 32 5.75 -15.37 -4.28
N VAL G 33 5.99 -15.33 -2.97
CA VAL G 33 6.92 -16.21 -2.29
C VAL G 33 6.12 -17.07 -1.32
N ASN G 34 6.00 -18.36 -1.67
CA ASN G 34 5.32 -19.38 -0.87
C ASN G 34 3.82 -19.11 -0.62
N ALA G 36 -0.08 -19.41 -2.50
CA ALA G 36 -0.83 -20.05 -3.60
C ALA G 36 -1.99 -19.23 -4.16
N THR G 37 -2.84 -18.75 -3.26
CA THR G 37 -4.03 -18.01 -3.67
C THR G 37 -3.71 -16.62 -4.21
N LEU G 38 -2.83 -15.93 -3.48
CA LEU G 38 -2.44 -14.54 -3.78
C LEU G 38 -1.24 -14.61 -4.71
N VAL G 39 -1.49 -14.38 -6.00
CA VAL G 39 -0.47 -14.53 -7.04
C VAL G 39 -0.05 -13.18 -7.64
N TYR G 40 1.12 -12.65 -7.22
CA TYR G 40 1.60 -11.38 -7.75
C TYR G 40 2.20 -11.52 -9.13
N GLU G 41 2.05 -10.48 -9.91
CA GLU G 41 2.59 -10.44 -11.27
C GLU G 41 3.40 -9.19 -11.58
N SER G 42 3.05 -8.04 -10.99
CA SER G 42 3.81 -6.82 -11.29
C SER G 42 3.72 -5.78 -10.19
N TRP G 43 4.65 -4.84 -10.20
CA TRP G 43 4.71 -3.76 -9.22
C TRP G 43 5.16 -2.48 -9.89
N LYS G 44 4.75 -1.37 -9.30
CA LYS G 44 5.11 -0.05 -9.78
C LYS G 44 5.00 0.90 -8.61
N GLN G 45 5.99 1.75 -8.48
CA GLN G 45 6.02 2.75 -7.42
C GLN G 45 5.67 4.11 -8.03
N GLU G 46 4.69 4.77 -7.42
CA GLU G 46 4.24 6.09 -7.80
C GLU G 46 4.29 6.94 -6.55
N GLY G 47 5.29 7.80 -6.46
CA GLY G 47 5.42 8.62 -5.26
C GLY G 47 5.69 7.70 -4.09
N THR G 48 4.94 7.84 -3.00
CA THR G 48 5.05 6.92 -1.85
C THR G 48 4.06 5.74 -1.95
N LYS G 49 3.37 5.59 -3.08
CA LYS G 49 2.37 4.54 -3.27
C LYS G 49 3.01 3.39 -4.00
N LEU G 50 2.57 2.18 -3.68
CA LEU G 50 2.99 0.96 -4.33
C LEU G 50 1.74 0.31 -4.93
N ILE G 51 1.77 0.09 -6.24
CA ILE G 51 0.68 -0.50 -6.97
C ILE G 51 1.09 -1.91 -7.35
N LEU G 52 0.37 -2.89 -6.82
CA LEU G 52 0.69 -4.29 -7.08
C LEU G 52 -0.43 -4.91 -7.93
N THR G 53 -0.08 -5.61 -9.01
CA THR G 53 -1.08 -6.27 -9.82
C THR G 53 -0.83 -7.77 -9.74
N GLY G 54 -1.91 -8.52 -9.90
CA GLY G 54 -1.85 -9.95 -9.82
C GLY G 54 -3.20 -10.58 -10.02
N LYS G 55 -3.30 -11.81 -9.53
CA LYS G 55 -4.50 -12.63 -9.63
C LYS G 55 -4.73 -13.33 -8.31
N SER G 56 -5.99 -13.50 -7.96
CA SER G 56 -6.39 -14.31 -6.84
C SER G 56 -6.96 -15.58 -7.49
N ILE G 57 -6.42 -16.73 -7.17
CA ILE G 57 -6.85 -18.01 -7.80
C ILE G 57 -7.30 -19.03 -6.78
N GLY G 58 -8.41 -19.69 -7.08
CA GLY G 58 -9.01 -20.71 -6.20
C GLY G 58 -10.37 -21.10 -6.73
N ASN G 59 -10.85 -22.30 -6.37
CA ASN G 59 -12.18 -22.77 -6.85
C ASN G 59 -12.31 -22.78 -8.34
N GLY G 60 -11.22 -23.07 -9.03
CA GLY G 60 -11.30 -23.13 -10.48
C GLY G 60 -11.53 -21.80 -11.14
N GLN G 61 -11.27 -20.70 -10.44
CA GLN G 61 -11.39 -19.39 -11.07
C GLN G 61 -10.25 -18.43 -10.73
N THR G 62 -10.07 -17.46 -11.61
CA THR G 62 -9.01 -16.49 -11.52
C THR G 62 -9.63 -15.10 -11.53
N ILE G 63 -9.31 -14.28 -10.53
CA ILE G 63 -9.82 -12.91 -10.45
C ILE G 63 -8.64 -11.96 -10.45
N GLU G 64 -8.54 -11.12 -11.47
CA GLU G 64 -7.41 -10.17 -11.53
C GLU G 64 -7.61 -9.07 -10.49
N PHE G 65 -6.51 -8.57 -9.92
CA PHE G 65 -6.58 -7.43 -9.01
C PHE G 65 -5.48 -6.39 -9.29
N VAL G 66 -5.77 -5.18 -8.86
CA VAL G 66 -4.79 -4.10 -8.84
C VAL G 66 -4.93 -3.50 -7.45
N ASP G 67 -3.93 -3.62 -6.59
CA ASP G 67 -4.02 -3.10 -5.23
C ASP G 67 -3.08 -1.95 -5.08
N THR G 68 -3.53 -0.91 -4.38
CA THR G 68 -2.68 0.23 -4.10
C THR G 68 -2.45 0.32 -2.60
N ASP G 70 0.22 2.25 0.67
CA ASP G 70 1.17 3.29 1.05
C ASP G 70 2.43 2.65 1.59
N ILE G 71 3.58 3.11 1.12
CA ILE G 71 4.86 2.61 1.61
C ILE G 71 5.13 3.44 2.85
N LYS G 72 5.13 2.80 4.01
CA LYS G 72 5.37 3.51 5.26
C LYS G 72 6.82 3.55 5.69
N ARG G 73 7.60 2.56 5.26
CA ARG G 73 9.00 2.47 5.60
C ARG G 73 9.71 1.61 4.56
N LEU G 74 10.90 2.03 4.18
CA LEU G 74 11.69 1.30 3.20
C LEU G 74 13.16 1.52 3.51
N THR G 75 13.82 0.47 4.00
CA THR G 75 15.25 0.50 4.29
C THR G 75 15.92 -0.69 3.62
N ALA G 76 17.22 -0.87 3.84
CA ALA G 76 17.92 -2.03 3.30
C ALA G 76 17.31 -3.32 3.85
N ASP G 77 16.82 -3.28 5.09
CA ASP G 77 16.32 -4.49 5.75
C ASP G 77 14.81 -4.62 5.96
N SER G 78 14.04 -3.54 5.76
N SER G 78 14.06 -3.54 5.81
CA SER G 78 12.62 -3.57 6.05
CA SER G 78 12.62 -3.57 6.05
C SER G 78 11.80 -2.82 5.03
C SER G 78 11.80 -2.82 5.03
N LEU G 79 10.55 -3.24 4.90
CA LEU G 79 9.56 -2.65 4.02
C LEU G 79 8.27 -2.78 4.81
N VAL G 80 7.61 -1.65 5.06
CA VAL G 80 6.33 -1.64 5.74
C VAL G 80 5.32 -1.01 4.80
N LEU G 81 4.27 -1.76 4.51
CA LEU G 81 3.19 -1.34 3.62
C LEU G 81 1.88 -1.21 4.40
N ASP G 82 1.14 -0.16 4.10
CA ASP G 82 -0.18 0.03 4.68
C ASP G 82 -1.23 -0.07 3.59
N ASN G 83 -2.04 -1.11 3.66
CA ASN G 83 -3.12 -1.29 2.69
C ASN G 83 -4.46 -1.01 3.39
N GLN G 84 -4.91 0.23 3.21
CA GLN G 84 -6.17 0.70 3.76
C GLN G 84 -6.33 0.29 5.22
N GLY G 85 -5.32 0.62 6.02
CA GLY G 85 -5.34 0.35 7.45
C GLY G 85 -4.73 -0.97 7.88
N GLU G 87 -1.67 -3.16 7.98
CA GLU G 87 -0.24 -3.00 7.83
C GLU G 87 0.51 -4.31 7.70
N ILE G 88 1.44 -4.39 6.75
CA ILE G 88 2.27 -5.56 6.53
C ILE G 88 3.71 -5.15 6.74
N ARG G 89 4.42 -5.89 7.58
CA ARG G 89 5.81 -5.60 7.87
C ARG G 89 6.67 -6.72 7.34
N TYR G 90 7.46 -6.42 6.32
CA TYR G 90 8.34 -7.39 5.69
C TYR G 90 9.81 -7.12 6.00
N ALA G 91 10.61 -8.18 5.92
CA ALA G 91 12.03 -8.13 6.12
C ALA G 91 12.67 -8.62 4.84
N LYS G 92 13.79 -8.01 4.46
CA LYS G 92 14.51 -8.42 3.26
C LYS G 92 14.98 -9.85 3.47
N GLN G 93 14.61 -10.75 2.57
CA GLN G 93 14.91 -12.17 2.74
C GLN G 93 16.39 -12.46 2.75
N LYS G 94 16.78 -13.36 3.65
CA LYS G 94 18.16 -13.79 3.81
C LYS G 94 18.54 -14.67 2.62
N ALA H 2 9.05 30.63 -3.72
CA ALA H 2 8.61 29.72 -4.82
C ALA H 2 7.23 29.18 -4.50
N SER H 3 6.38 29.09 -5.52
CA SER H 3 5.02 28.58 -5.38
C SER H 3 4.97 27.09 -5.68
N ILE H 4 4.06 26.39 -5.03
CA ILE H 4 3.90 24.94 -5.28
C ILE H 4 3.02 24.69 -6.54
N VAL H 5 2.38 25.72 -7.07
CA VAL H 5 1.55 25.54 -8.25
C VAL H 5 2.44 25.16 -9.40
N GLY H 6 2.11 24.07 -10.09
CA GLY H 6 2.89 23.58 -11.21
C GLY H 6 2.86 22.06 -11.27
N SER H 7 3.58 21.52 -12.24
CA SER H 7 3.68 20.09 -12.47
C SER H 7 4.99 19.56 -11.89
N TRP H 8 4.86 18.54 -11.03
CA TRP H 8 5.96 17.97 -10.28
C TRP H 8 6.10 16.52 -10.65
N VAL H 9 7.24 16.17 -11.21
CA VAL H 9 7.43 14.86 -11.77
C VAL H 9 8.74 14.15 -11.43
N GLU H 10 8.76 12.85 -11.68
CA GLU H 10 9.91 11.95 -11.48
C GLU H 10 9.98 11.06 -12.72
N PRO H 11 11.12 10.44 -12.99
CA PRO H 11 11.19 9.53 -14.12
C PRO H 11 10.28 8.32 -13.98
N VAL H 12 9.80 7.77 -15.09
CA VAL H 12 9.03 6.52 -15.02
C VAL H 12 10.09 5.46 -15.15
N PRO H 13 10.30 4.67 -14.08
CA PRO H 13 11.40 3.71 -14.19
C PRO H 13 11.19 2.74 -15.34
N GLY H 14 12.24 2.50 -16.10
CA GLY H 14 12.19 1.60 -17.24
C GLY H 14 11.78 2.21 -18.58
N LEU H 15 11.14 3.38 -18.54
CA LEU H 15 10.66 4.04 -19.75
C LEU H 15 11.35 5.38 -19.99
N GLU H 16 12.43 5.36 -20.76
CA GLU H 16 13.18 6.56 -21.11
C GLU H 16 12.21 7.51 -21.86
N GLY H 17 12.27 8.80 -21.54
CA GLY H 17 11.38 9.77 -22.17
C GLY H 17 10.04 9.94 -21.48
N GLN H 18 9.81 9.28 -20.36
CA GLN H 18 8.55 9.41 -19.69
C GLN H 18 8.76 9.81 -18.25
N VAL H 19 7.89 10.67 -17.74
CA VAL H 19 7.90 11.09 -16.36
C VAL H 19 6.50 10.88 -15.81
N GLN H 20 6.37 10.94 -14.50
CA GLN H 20 5.08 10.73 -13.86
C GLN H 20 5.07 11.61 -12.66
N GLY H 21 3.89 12.04 -12.24
CA GLY H 21 3.84 12.93 -11.11
C GLY H 21 2.48 13.54 -10.91
N ILE H 22 2.47 14.73 -10.32
CA ILE H 22 1.24 15.38 -9.93
C ILE H 22 1.23 16.83 -10.42
N LYS H 23 0.13 17.25 -11.06
CA LYS H 23 -0.02 18.65 -11.50
C LYS H 23 -0.94 19.33 -10.48
N GLU H 25 -2.85 22.70 -9.66
CA GLU H 25 -3.36 23.90 -10.29
C GLU H 25 -3.94 24.88 -9.30
N GLU H 26 -4.01 26.15 -9.71
CA GLU H 26 -4.58 27.18 -8.85
C GLU H 26 -6.07 26.78 -8.79
N GLY H 27 -6.75 27.05 -7.68
CA GLY H 27 -8.14 26.57 -7.52
C GLY H 27 -8.27 25.21 -6.84
N GLY H 28 -7.12 24.67 -6.39
CA GLY H 28 -7.07 23.40 -5.65
C GLY H 28 -7.17 22.11 -6.42
N VAL H 29 -7.33 22.19 -7.73
CA VAL H 29 -7.41 20.98 -8.53
C VAL H 29 -6.01 20.38 -8.71
N ALA H 30 -5.90 19.07 -8.52
CA ALA H 30 -4.68 18.31 -8.77
C ALA H 30 -5.03 17.20 -9.75
N SER H 31 -4.08 16.79 -10.58
CA SER H 31 -4.29 15.72 -11.54
C SER H 31 -3.02 14.89 -11.69
N SER H 32 -3.21 13.64 -12.06
CA SER H 32 -2.11 12.73 -12.22
C SER H 32 -1.43 13.05 -13.57
N VAL H 33 -0.12 12.96 -13.58
CA VAL H 33 0.64 13.14 -14.81
C VAL H 33 1.19 11.78 -15.17
N ASN H 34 0.67 11.23 -16.26
CA ASN H 34 1.14 9.99 -16.85
C ASN H 34 1.08 8.81 -15.88
N ALA H 36 -2.15 5.99 -14.56
CA ALA H 36 -3.54 5.57 -14.75
C ALA H 36 -4.22 5.03 -13.48
N THR H 37 -3.50 4.25 -12.68
CA THR H 37 -4.17 3.67 -11.50
C THR H 37 -4.52 4.67 -10.41
N LEU H 38 -3.61 5.61 -10.21
CA LEU H 38 -3.73 6.59 -9.19
C LEU H 38 -4.26 7.85 -9.85
N VAL H 39 -5.38 8.36 -9.35
CA VAL H 39 -6.03 9.55 -9.92
C VAL H 39 -6.09 10.66 -8.88
N TYR H 40 -5.18 11.63 -8.98
CA TYR H 40 -5.18 12.75 -8.03
C TYR H 40 -6.32 13.71 -8.40
N GLU H 41 -6.93 14.33 -7.39
CA GLU H 41 -8.08 15.22 -7.56
C GLU H 41 -7.95 16.61 -6.95
N SER H 42 -7.32 16.73 -5.78
CA SER H 42 -7.11 18.03 -5.18
C SER H 42 -5.87 18.08 -4.30
N TRP H 43 -5.48 19.30 -3.97
CA TRP H 43 -4.34 19.58 -3.12
C TRP H 43 -4.63 20.86 -2.32
N LYS H 44 -3.98 20.99 -1.19
CA LYS H 44 -4.10 22.17 -0.37
C LYS H 44 -2.89 22.23 0.54
N GLN H 45 -2.26 23.39 0.63
CA GLN H 45 -1.12 23.61 1.52
C GLN H 45 -1.58 24.29 2.82
N GLU H 46 -1.17 23.73 3.96
CA GLU H 46 -1.47 24.27 5.30
C GLU H 46 -0.14 24.38 6.04
N GLY H 47 0.37 25.59 6.18
CA GLY H 47 1.69 25.79 6.78
C GLY H 47 2.68 25.09 5.87
N THR H 48 3.55 24.26 6.44
CA THR H 48 4.52 23.48 5.64
C THR H 48 3.97 22.08 5.30
N LYS H 49 2.66 21.85 5.49
CA LYS H 49 2.05 20.56 5.18
C LYS H 49 1.39 20.63 3.83
N LEU H 50 1.41 19.51 3.12
CA LEU H 50 0.70 19.39 1.87
C LEU H 50 -0.35 18.30 1.97
N ILE H 51 -1.59 18.64 1.62
CA ILE H 51 -2.68 17.68 1.63
C ILE H 51 -2.96 17.28 0.19
N LEU H 52 -2.97 15.99 -0.13
CA LEU H 52 -3.27 15.50 -1.48
C LEU H 52 -4.46 14.54 -1.37
N THR H 53 -5.43 14.68 -2.27
CA THR H 53 -6.56 13.79 -2.30
C THR H 53 -6.77 13.24 -3.70
N GLY H 54 -7.46 12.11 -3.76
CA GLY H 54 -7.70 11.46 -5.03
C GLY H 54 -8.25 10.09 -4.76
N LYS H 55 -8.10 9.21 -5.74
CA LYS H 55 -8.53 7.86 -5.60
C LYS H 55 -7.61 6.90 -6.30
N SER H 56 -7.65 5.66 -5.88
CA SER H 56 -6.85 4.65 -6.54
C SER H 56 -7.85 3.64 -7.07
N ILE H 57 -7.63 3.20 -8.32
CA ILE H 57 -8.56 2.32 -9.09
C ILE H 57 -8.15 0.87 -9.03
N GLY H 58 -9.05 -0.01 -8.61
CA GLY H 58 -8.79 -1.43 -8.55
C GLY H 58 -9.71 -2.13 -9.54
N ASN H 59 -9.73 -3.46 -9.54
CA ASN H 59 -10.65 -4.21 -10.39
C ASN H 59 -12.04 -4.12 -9.71
N GLY H 60 -12.92 -3.29 -10.28
CA GLY H 60 -14.26 -3.09 -9.76
C GLY H 60 -14.36 -2.48 -8.37
N GLN H 61 -13.38 -1.65 -8.04
N GLN H 61 -13.36 -1.68 -7.96
CA GLN H 61 -13.36 -0.98 -6.77
CA GLN H 61 -13.35 -1.09 -6.59
C GLN H 61 -12.51 0.25 -6.98
C GLN H 61 -12.35 0.05 -6.32
N THR H 62 -12.74 1.24 -6.14
N THR H 62 -12.81 1.29 -6.49
CA THR H 62 -12.00 2.46 -6.20
CA THR H 62 -11.97 2.46 -6.24
C THR H 62 -12.16 3.08 -4.83
C THR H 62 -12.10 2.90 -4.79
N ILE H 63 -11.06 3.58 -4.28
CA ILE H 63 -11.07 4.10 -2.94
C ILE H 63 -10.49 5.49 -2.93
N GLU H 64 -11.23 6.43 -2.34
CA GLU H 64 -10.76 7.82 -2.19
C GLU H 64 -9.78 7.87 -1.03
N PHE H 65 -8.78 8.74 -1.09
CA PHE H 65 -7.80 8.90 -0.02
C PHE H 65 -7.55 10.38 0.25
N VAL H 66 -7.06 10.67 1.46
CA VAL H 66 -6.64 12.03 1.84
C VAL H 66 -5.32 11.83 2.57
N ASP H 67 -4.22 12.20 1.90
CA ASP H 67 -2.86 12.06 2.44
C ASP H 67 -2.26 13.40 2.85
N THR H 68 -1.58 13.41 3.98
CA THR H 68 -0.92 14.63 4.47
C THR H 68 0.58 14.38 4.57
N ASP H 70 4.77 16.41 4.83
CA ASP H 70 5.56 17.57 5.13
C ASP H 70 6.29 17.99 3.88
N ILE H 71 6.33 19.28 3.63
CA ILE H 71 7.10 19.82 2.50
C ILE H 71 8.47 20.08 3.10
N LYS H 72 9.50 19.37 2.62
CA LYS H 72 10.85 19.54 3.10
C LYS H 72 11.61 20.56 2.28
N ARG H 73 11.22 20.74 1.03
CA ARG H 73 11.90 21.71 0.19
C ARG H 73 10.97 22.12 -0.93
N LEU H 74 11.06 23.39 -1.31
CA LEU H 74 10.24 23.96 -2.37
C LEU H 74 11.01 25.12 -2.96
N THR H 75 11.48 24.93 -4.18
CA THR H 75 12.19 25.97 -4.90
C THR H 75 11.51 26.09 -6.25
N ALA H 76 12.08 26.86 -7.16
CA ALA H 76 11.52 26.98 -8.51
C ALA H 76 11.59 25.66 -9.30
N ASP H 77 12.56 24.80 -9.01
CA ASP H 77 12.76 23.53 -9.74
C ASP H 77 12.56 22.24 -8.96
N SER H 78 12.34 22.33 -7.64
CA SER H 78 12.28 21.14 -6.79
C SER H 78 11.23 21.18 -5.72
N LEU H 79 10.67 20.01 -5.48
CA LEU H 79 9.71 19.78 -4.44
C LEU H 79 10.06 18.45 -3.79
N VAL H 80 10.36 18.48 -2.49
CA VAL H 80 10.70 17.28 -1.73
C VAL H 80 9.66 17.15 -0.64
N LEU H 81 8.97 16.01 -0.64
CA LEU H 81 7.90 15.71 0.33
C LEU H 81 8.36 14.57 1.20
N ASP H 82 7.94 14.60 2.47
CA ASP H 82 8.30 13.57 3.42
C ASP H 82 7.01 13.15 4.10
N ASN H 83 6.60 11.91 3.83
CA ASN H 83 5.44 11.26 4.44
C ASN H 83 6.00 10.38 5.54
N GLN H 84 6.18 10.94 6.73
CA GLN H 84 6.67 10.20 7.88
C GLN H 84 7.93 9.36 7.61
N GLY H 85 9.00 10.00 7.15
CA GLY H 85 10.27 9.30 6.91
C GLY H 85 10.48 8.90 5.46
N GLU H 87 10.67 9.81 1.97
CA GLU H 87 10.92 11.05 1.30
C GLU H 87 10.84 10.83 -0.19
N ILE H 88 10.30 11.80 -0.92
CA ILE H 88 10.21 11.70 -2.38
C ILE H 88 10.54 13.05 -2.99
N ARG H 89 11.30 13.02 -4.09
CA ARG H 89 11.77 14.23 -4.77
C ARG H 89 11.18 14.37 -6.15
N TYR H 90 10.62 15.53 -6.44
CA TYR H 90 10.09 15.84 -7.73
C TYR H 90 10.83 17.04 -8.31
N ALA H 91 10.89 17.06 -9.63
CA ALA H 91 11.46 18.13 -10.41
C ALA H 91 10.28 18.85 -11.03
N LYS H 92 10.39 20.17 -11.17
CA LYS H 92 9.34 20.94 -11.80
C LYS H 92 9.39 20.59 -13.28
N GLN H 93 8.25 20.22 -13.86
N GLN H 93 8.26 20.19 -13.86
CA GLN H 93 8.20 19.83 -15.27
CA GLN H 93 8.23 19.82 -15.27
C GLN H 93 8.43 21.05 -16.15
C GLN H 93 8.43 21.04 -16.16
N LYS H 94 9.43 20.95 -17.04
CA LYS H 94 9.82 22.05 -17.94
C LYS H 94 9.58 21.68 -19.40
N ALA I 2 8.56 40.54 22.00
CA ALA I 2 7.22 40.08 21.49
C ALA I 2 6.96 38.63 21.88
N SER I 3 5.72 38.32 22.21
CA SER I 3 5.35 36.99 22.67
C SER I 3 4.77 36.15 21.55
N ILE I 4 5.00 34.86 21.63
CA ILE I 4 4.48 33.92 20.64
C ILE I 4 3.04 33.56 20.95
N VAL I 5 2.54 33.90 22.15
CA VAL I 5 1.17 33.56 22.48
C VAL I 5 0.25 34.41 21.60
N GLY I 6 -0.68 33.76 20.91
CA GLY I 6 -1.66 34.44 20.02
C GLY I 6 -2.02 33.50 18.88
N SER I 7 -2.76 34.02 17.88
CA SER I 7 -3.16 33.25 16.70
C SER I 7 -2.30 33.72 15.51
N TRP I 8 -1.71 32.74 14.83
CA TRP I 8 -0.81 32.95 13.73
C TRP I 8 -1.46 32.37 12.47
N VAL I 9 -1.67 33.22 11.47
CA VAL I 9 -2.44 32.84 10.29
C VAL I 9 -1.83 33.22 8.95
N GLU I 10 -2.39 32.62 7.90
CA GLU I 10 -2.03 32.83 6.53
C GLU I 10 -3.35 32.69 5.75
N PRO I 11 -3.37 33.15 4.49
CA PRO I 11 -4.57 32.97 3.68
C PRO I 11 -4.98 31.51 3.47
N VAL I 12 -6.26 31.26 3.35
CA VAL I 12 -6.72 29.94 2.95
C VAL I 12 -6.57 29.95 1.41
N PRO I 13 -5.75 29.04 0.85
CA PRO I 13 -5.52 29.09 -0.59
C PRO I 13 -6.81 29.04 -1.43
N GLY I 14 -6.90 29.91 -2.41
CA GLY I 14 -8.07 29.97 -3.28
C GLY I 14 -9.26 30.75 -2.77
N LEU I 15 -9.29 31.15 -1.49
CA LEU I 15 -10.44 31.85 -0.95
C LEU I 15 -10.21 33.33 -0.87
N GLU I 16 -11.29 34.11 -1.02
CA GLU I 16 -11.19 35.56 -1.09
C GLU I 16 -10.74 36.27 0.17
N GLY I 17 -11.16 35.79 1.33
CA GLY I 17 -10.79 36.50 2.57
C GLY I 17 -10.53 35.68 3.81
N GLN I 18 -10.68 34.37 3.70
CA GLN I 18 -10.56 33.50 4.84
C GLN I 18 -9.10 33.23 5.20
N VAL I 19 -8.86 32.95 6.47
CA VAL I 19 -7.53 32.66 7.00
C VAL I 19 -7.48 31.32 7.71
N GLN I 20 -6.28 30.78 7.78
CA GLN I 20 -6.03 29.53 8.44
C GLN I 20 -4.73 29.63 9.24
N GLY I 21 -4.60 28.81 10.28
CA GLY I 21 -3.37 28.85 11.06
C GLY I 21 -3.42 28.12 12.38
N ILE I 22 -2.65 28.62 13.34
CA ILE I 22 -2.48 27.97 14.63
C ILE I 22 -2.62 28.97 15.76
N LYS I 23 -3.50 28.65 16.71
CA LYS I 23 -3.73 29.45 17.90
C LYS I 23 -2.92 28.85 19.05
N GLU I 25 -2.05 29.18 22.96
CA GLU I 25 -2.47 29.78 24.19
C GLU I 25 -1.47 29.60 25.33
N GLU I 26 -1.56 30.52 26.29
CA GLU I 26 -0.82 30.41 27.53
C GLU I 26 -1.07 29.01 28.07
N GLY I 27 -0.06 28.35 28.60
CA GLY I 27 -0.22 27.01 29.13
C GLY I 27 0.18 25.89 28.19
N GLY I 28 0.41 26.21 26.92
CA GLY I 28 0.89 25.21 26.00
C GLY I 28 -0.14 24.61 25.07
N VAL I 29 -1.41 24.95 25.23
CA VAL I 29 -2.45 24.39 24.36
C VAL I 29 -2.38 25.10 23.02
N ALA I 30 -2.38 24.32 21.93
CA ALA I 30 -2.43 24.84 20.58
C ALA I 30 -3.65 24.26 19.90
N SER I 31 -4.25 25.02 18.97
CA SER I 31 -5.38 24.51 18.22
C SER I 31 -5.33 25.05 16.80
N SER I 32 -5.96 24.34 15.87
CA SER I 32 -5.99 24.78 14.47
C SER I 32 -7.01 25.87 14.33
N VAL I 33 -6.71 26.82 13.45
CA VAL I 33 -7.63 27.88 13.09
C VAL I 33 -8.11 27.57 11.66
N ASN I 34 -9.38 27.16 11.59
CA ASN I 34 -10.07 26.87 10.33
C ASN I 34 -9.46 25.75 9.49
N ALA I 36 -9.22 21.38 9.23
CA ALA I 36 -9.79 20.11 9.71
C ALA I 36 -8.82 18.95 9.60
N THR I 37 -8.11 18.88 8.49
CA THR I 37 -7.20 17.78 8.23
C THR I 37 -6.00 17.80 9.19
N LEU I 38 -5.54 19.00 9.52
N LEU I 38 -5.56 19.02 9.52
CA LEU I 38 -4.45 19.19 10.49
CA LEU I 38 -4.51 19.25 10.51
C LEU I 38 -5.05 19.73 11.79
C LEU I 38 -5.15 19.70 11.80
N VAL I 39 -4.85 18.96 12.87
CA VAL I 39 -5.35 19.25 14.18
C VAL I 39 -4.18 19.49 15.17
N TYR I 40 -3.86 20.75 15.44
CA TYR I 40 -2.81 21.09 16.37
C TYR I 40 -3.29 20.89 17.79
N GLU I 41 -2.37 20.46 18.65
CA GLU I 41 -2.71 20.12 20.02
C GLU I 41 -1.89 20.82 21.10
N SER I 42 -0.62 21.06 20.85
CA SER I 42 0.22 21.69 21.84
C SER I 42 1.39 22.41 21.20
N TRP I 43 1.94 23.38 21.94
CA TRP I 43 3.11 24.09 21.50
C TRP I 43 4.02 24.32 22.69
N LYS I 44 5.34 24.38 22.42
CA LYS I 44 6.35 24.70 23.41
C LYS I 44 7.41 25.52 22.71
N GLN I 45 7.88 26.56 23.36
CA GLN I 45 8.98 27.36 22.87
C GLN I 45 10.18 27.05 23.79
N GLU I 46 11.14 26.30 23.27
CA GLU I 46 12.35 25.93 23.99
C GLU I 46 13.52 26.71 23.35
N GLY I 47 13.94 27.76 24.04
CA GLY I 47 14.98 28.65 23.52
C GLY I 47 14.38 29.38 22.34
N THR I 48 15.03 29.30 21.17
CA THR I 48 14.53 29.89 19.93
C THR I 48 13.94 28.85 18.99
N LYS I 49 13.58 27.67 19.55
CA LYS I 49 12.94 26.60 18.81
C LYS I 49 11.48 26.46 19.24
N LEU I 50 10.59 26.15 18.28
CA LEU I 50 9.16 25.95 18.51
C LEU I 50 8.83 24.51 18.22
N ILE I 51 8.19 23.86 19.19
CA ILE I 51 7.83 22.47 19.07
C ILE I 51 6.31 22.41 19.02
N LEU I 52 5.79 21.97 17.89
CA LEU I 52 4.35 21.86 17.68
C LEU I 52 3.97 20.40 17.58
N THR I 53 2.93 20.02 18.31
N THR I 53 2.96 19.99 18.35
CA THR I 53 2.42 18.66 18.34
CA THR I 53 2.45 18.62 18.29
C THR I 53 0.99 18.66 17.81
C THR I 53 1.03 18.66 17.78
N GLY I 54 0.65 17.64 17.02
CA GLY I 54 -0.71 17.55 16.50
C GLY I 54 -0.93 16.20 15.85
N LYS I 55 -1.97 16.14 15.04
N LYS I 55 -2.03 16.12 15.09
CA LYS I 55 -2.27 14.93 14.30
CA LYS I 55 -2.39 14.93 14.34
C LYS I 55 -2.95 15.32 13.00
C LYS I 55 -2.93 15.34 12.98
N SER I 56 -2.82 14.44 12.01
CA SER I 56 -3.46 14.63 10.71
C SER I 56 -4.54 13.54 10.66
N ILE I 57 -5.63 13.85 9.99
CA ILE I 57 -6.76 12.94 9.87
C ILE I 57 -6.97 12.63 8.40
N GLY I 58 -7.28 11.36 8.11
CA GLY I 58 -7.62 10.96 6.77
C GLY I 58 -7.78 9.47 6.62
N ASN I 59 -8.59 9.07 5.65
CA ASN I 59 -8.77 7.64 5.34
C ASN I 59 -9.32 6.86 6.53
N GLY I 60 -10.14 7.53 7.33
CA GLY I 60 -10.69 6.95 8.57
C GLY I 60 -9.64 6.61 9.64
N GLN I 61 -8.50 7.31 9.60
CA GLN I 61 -7.38 7.06 10.50
C GLN I 61 -6.76 8.36 10.94
N THR I 62 -5.88 8.25 11.95
CA THR I 62 -5.20 9.39 12.55
C THR I 62 -3.69 9.14 12.60
N ILE I 63 -2.88 10.16 12.29
CA ILE I 63 -1.41 10.06 12.37
C ILE I 63 -0.89 11.21 13.24
N GLU I 64 -0.23 10.88 14.35
CA GLU I 64 0.31 11.89 15.26
C GLU I 64 1.61 12.46 14.74
N PHE I 65 1.88 13.73 15.02
CA PHE I 65 3.17 14.30 14.64
C PHE I 65 3.69 15.25 15.68
N VAL I 66 4.99 15.49 15.59
CA VAL I 66 5.70 16.46 16.42
C VAL I 66 6.70 17.16 15.49
N ASP I 67 6.57 18.48 15.32
CA ASP I 67 7.48 19.24 14.48
C ASP I 67 8.29 20.23 15.31
N THR I 68 9.61 20.17 15.16
CA THR I 68 10.51 21.08 15.87
C THR I 68 11.06 22.07 14.85
N ASP I 70 12.94 26.10 13.98
CA ASP I 70 13.73 27.23 14.45
C ASP I 70 12.90 28.50 14.22
N ILE I 71 12.83 29.39 15.21
CA ILE I 71 12.05 30.63 15.11
C ILE I 71 13.05 31.63 14.54
N LYS I 72 12.78 32.13 13.34
CA LYS I 72 13.70 33.09 12.67
C LYS I 72 13.35 34.54 12.93
N ARG I 73 12.06 34.80 13.11
CA ARG I 73 11.56 36.15 13.41
C ARG I 73 10.30 36.02 14.26
N LEU I 74 10.19 36.87 15.28
CA LEU I 74 9.03 36.91 16.17
C LEU I 74 8.85 38.35 16.59
N THR I 75 7.80 38.96 16.05
CA THR I 75 7.45 40.35 16.39
C THR I 75 5.98 40.40 16.71
N ALA I 76 5.47 41.58 17.05
CA ALA I 76 4.06 41.75 17.37
C ALA I 76 3.13 41.31 16.23
N ASP I 77 3.61 41.39 14.98
CA ASP I 77 2.79 41.08 13.81
C ASP I 77 3.24 39.91 12.95
N SER I 78 4.40 39.34 13.23
N SER I 78 4.45 39.38 13.17
CA SER I 78 5.01 38.34 12.36
CA SER I 78 4.98 38.32 12.31
C SER I 78 5.75 37.22 13.07
C SER I 78 5.74 37.22 13.06
N LEU I 79 5.59 36.00 12.55
CA LEU I 79 6.28 34.82 13.05
C LEU I 79 6.86 34.10 11.84
N VAL I 80 8.17 33.90 11.80
CA VAL I 80 8.82 33.18 10.70
C VAL I 80 9.53 31.99 11.29
N LEU I 81 9.23 30.81 10.72
CA LEU I 81 9.74 29.53 11.19
C LEU I 81 10.53 28.86 10.07
N ASP I 82 11.56 28.08 10.44
CA ASP I 82 12.44 27.42 9.50
C ASP I 82 12.74 25.99 9.96
N ASN I 83 12.64 25.04 9.03
CA ASN I 83 13.08 23.66 9.28
C ASN I 83 14.00 23.28 8.14
N GLN I 84 15.28 23.08 8.46
CA GLN I 84 16.31 22.72 7.48
C GLN I 84 16.13 23.45 6.13
N GLY I 85 15.93 24.78 6.20
CA GLY I 85 15.80 25.61 5.00
C GLY I 85 14.39 25.90 4.54
N GLU I 87 11.08 27.46 4.99
CA GLU I 87 10.55 28.53 5.81
C GLU I 87 9.11 28.81 5.58
N ILE I 88 8.45 29.32 6.63
CA ILE I 88 7.04 29.71 6.51
C ILE I 88 6.82 30.97 7.37
N ARG I 89 6.01 31.88 6.84
CA ARG I 89 5.69 33.13 7.51
C ARG I 89 4.20 33.17 7.85
N TYR I 90 3.92 33.55 9.10
CA TYR I 90 2.58 33.75 9.57
C TYR I 90 2.40 35.21 9.99
N ALA I 91 1.15 35.67 9.98
CA ALA I 91 0.78 37.02 10.41
C ALA I 91 -0.03 36.87 11.69
N LYS I 92 0.12 37.80 12.63
CA LYS I 92 -0.68 37.76 13.84
C LYS I 92 -2.15 38.10 13.48
N GLN I 93 -3.08 37.24 13.90
CA GLN I 93 -4.51 37.47 13.70
C GLN I 93 -4.91 38.42 14.82
N GLY J 1 -24.55 1.65 37.60
CA GLY J 1 -24.77 1.87 36.14
C GLY J 1 -23.47 2.01 35.36
N ALA J 2 -23.52 1.67 34.07
CA ALA J 2 -22.36 1.79 33.22
C ALA J 2 -22.01 3.28 32.98
N SER J 3 -20.74 3.59 32.99
CA SER J 3 -20.28 4.96 32.77
C SER J 3 -20.13 5.26 31.27
N ILE J 4 -20.42 6.50 30.89
CA ILE J 4 -20.27 6.93 29.51
C ILE J 4 -18.82 7.30 29.21
N VAL J 5 -17.95 7.31 30.21
CA VAL J 5 -16.58 7.64 29.96
C VAL J 5 -15.92 6.53 29.13
N GLY J 6 -15.31 6.90 28.01
CA GLY J 6 -14.59 5.94 27.19
C GLY J 6 -14.51 6.35 25.74
N SER J 7 -14.01 5.44 24.91
N SER J 7 -13.99 5.45 24.91
CA SER J 7 -13.88 5.67 23.48
CA SER J 7 -13.88 5.68 23.47
C SER J 7 -14.96 4.85 22.80
C SER J 7 -14.95 4.85 22.79
N TRP J 8 -15.83 5.54 22.06
CA TRP J 8 -16.99 4.92 21.41
C TRP J 8 -16.87 5.08 19.90
N VAL J 9 -16.97 3.96 19.18
CA VAL J 9 -16.75 3.93 17.75
C VAL J 9 -17.77 3.10 16.98
N GLU J 10 -17.91 3.44 15.70
CA GLU J 10 -18.78 2.73 14.77
C GLU J 10 -17.95 2.56 13.51
N PRO J 11 -18.34 1.62 12.64
CA PRO J 11 -17.63 1.57 11.39
C PRO J 11 -17.82 2.87 10.58
N VAL J 12 -16.83 3.23 9.78
CA VAL J 12 -16.88 4.44 8.93
C VAL J 12 -17.71 4.11 7.69
N PRO J 13 -18.81 4.85 7.48
CA PRO J 13 -19.62 4.62 6.30
C PRO J 13 -18.76 4.72 5.04
N GLY J 14 -18.85 3.70 4.20
CA GLY J 14 -18.06 3.62 2.97
C GLY J 14 -16.65 3.08 3.07
N LEU J 15 -16.11 2.90 4.28
CA LEU J 15 -14.75 2.39 4.51
C LEU J 15 -14.80 1.26 5.53
N GLU J 16 -15.12 0.06 5.04
CA GLU J 16 -15.29 -1.18 5.85
C GLU J 16 -14.42 -1.41 7.09
N GLY J 17 -13.12 -1.32 6.90
CA GLY J 17 -12.21 -1.65 7.96
C GLY J 17 -11.83 -0.57 8.92
N GLN J 18 -12.41 0.63 8.76
CA GLN J 18 -12.09 1.73 9.63
C GLN J 18 -13.21 2.00 10.63
N VAL J 19 -12.86 2.70 11.71
CA VAL J 19 -13.82 3.07 12.73
C VAL J 19 -13.71 4.54 12.98
N GLN J 20 -14.78 5.12 13.50
CA GLN J 20 -14.79 6.54 13.85
C GLN J 20 -15.72 6.72 15.02
N GLY J 21 -15.54 7.79 15.77
CA GLY J 21 -16.44 8.07 16.90
C GLY J 21 -16.00 9.18 17.82
N ILE J 22 -16.25 8.98 19.11
CA ILE J 22 -16.01 9.99 20.13
C ILE J 22 -15.35 9.44 21.39
N LYS J 23 -14.37 10.17 21.88
CA LYS J 23 -13.70 9.82 23.11
C LYS J 23 -14.23 10.79 24.18
N GLU J 25 -13.94 11.80 28.17
CA GLU J 25 -13.10 11.63 29.35
C GLU J 25 -13.76 12.16 30.62
N GLU J 26 -13.36 11.63 31.76
CA GLU J 26 -13.90 12.11 33.04
C GLU J 26 -13.52 13.58 33.13
N GLY J 27 -14.45 14.44 33.53
CA GLY J 27 -14.15 15.87 33.59
C GLY J 27 -14.88 16.65 32.51
N GLY J 28 -15.37 15.97 31.48
CA GLY J 28 -16.13 16.64 30.44
C GLY J 28 -15.43 16.88 29.11
N VAL J 29 -14.13 16.60 29.00
CA VAL J 29 -13.48 16.80 27.70
C VAL J 29 -13.90 15.69 26.75
N ALA J 30 -14.21 16.06 25.52
CA ALA J 30 -14.52 15.09 24.45
C ALA J 30 -13.63 15.41 23.28
N SER J 31 -13.33 14.37 22.49
CA SER J 31 -12.57 14.56 21.27
C SER J 31 -13.05 13.56 20.22
N SER J 32 -12.87 13.94 18.96
CA SER J 32 -13.25 13.09 17.87
C SER J 32 -12.23 11.98 17.65
N VAL J 33 -12.71 10.83 17.22
CA VAL J 33 -11.87 9.69 16.91
C VAL J 33 -11.97 9.51 15.40
N ASN J 34 -10.86 9.82 14.73
CA ASN J 34 -10.72 9.65 13.28
C ASN J 34 -11.66 10.46 12.42
N ALA J 36 -12.47 14.49 10.86
CA ALA J 36 -11.82 15.77 10.57
C ALA J 36 -12.77 16.97 10.68
N THR J 37 -13.92 16.87 10.01
CA THR J 37 -14.89 17.95 9.93
C THR J 37 -15.67 18.14 11.22
N LEU J 38 -16.09 17.03 11.81
CA LEU J 38 -16.85 17.04 13.06
C LEU J 38 -15.83 16.93 14.18
N VAL J 39 -15.65 18.02 14.90
CA VAL J 39 -14.62 18.13 15.94
C VAL J 39 -15.28 18.33 17.30
N TYR J 40 -15.34 17.27 18.10
CA TYR J 40 -15.92 17.39 19.44
C TYR J 40 -14.93 18.03 20.41
N GLU J 41 -15.47 18.70 21.41
CA GLU J 41 -14.69 19.39 22.43
C GLU J 41 -15.13 19.10 23.86
N SER J 42 -16.43 18.91 24.10
CA SER J 42 -16.89 18.60 25.46
C SER J 42 -18.20 17.81 25.46
N TRP J 43 -18.49 17.18 26.58
CA TRP J 43 -19.73 16.41 26.74
C TRP J 43 -20.26 16.66 28.12
N LYS J 44 -21.57 16.48 28.28
CA LYS J 44 -22.20 16.60 29.61
C LYS J 44 -23.52 15.85 29.54
N GLN J 45 -23.84 15.06 30.57
CA GLN J 45 -25.15 14.38 30.65
C GLN J 45 -26.10 15.25 31.44
N GLU J 46 -27.33 15.39 30.95
CA GLU J 46 -28.36 16.14 31.62
C GLU J 46 -29.63 15.32 31.43
N GLY J 47 -30.30 14.98 32.52
CA GLY J 47 -31.45 14.09 32.41
C GLY J 47 -30.92 12.79 31.84
N THR J 48 -31.65 12.25 30.85
CA THR J 48 -31.23 11.05 30.11
C THR J 48 -30.68 11.48 28.76
N LYS J 49 -30.29 12.77 28.66
CA LYS J 49 -29.74 13.34 27.45
C LYS J 49 -28.22 13.56 27.52
N LEU J 50 -27.60 13.71 26.36
CA LEU J 50 -26.19 13.93 26.21
C LEU J 50 -26.02 15.22 25.41
N ILE J 51 -25.30 16.16 25.98
CA ILE J 51 -25.00 17.44 25.32
C ILE J 51 -23.58 17.39 24.82
N LEU J 52 -23.39 17.53 23.51
CA LEU J 52 -22.06 17.50 22.91
C LEU J 52 -21.77 18.85 22.27
N THR J 53 -20.61 19.43 22.61
CA THR J 53 -20.22 20.69 22.01
C THR J 53 -18.95 20.47 21.22
N GLY J 54 -18.79 21.29 20.20
CA GLY J 54 -17.63 21.22 19.35
C GLY J 54 -17.72 22.22 18.21
N LYS J 55 -17.04 21.87 17.14
CA LYS J 55 -16.98 22.70 15.95
C LYS J 55 -17.09 21.82 14.72
N SER J 56 -17.71 22.39 13.69
CA SER J 56 -17.75 21.80 12.38
C SER J 56 -16.80 22.68 11.56
N ILE J 57 -15.79 22.08 10.97
CA ILE J 57 -14.75 22.85 10.24
C ILE J 57 -14.56 22.35 8.81
N GLY J 58 -14.59 23.26 7.85
CA GLY J 58 -14.38 22.88 6.45
C GLY J 58 -14.46 24.10 5.58
N ASN J 59 -13.80 24.04 4.42
CA ASN J 59 -13.84 25.13 3.46
C ASN J 59 -13.35 26.48 4.03
N GLY J 60 -12.30 26.41 4.87
CA GLY J 60 -11.72 27.61 5.51
C GLY J 60 -12.60 28.31 6.55
N GLN J 61 -13.59 27.63 7.09
CA GLN J 61 -14.58 28.17 8.03
C GLN J 61 -14.83 27.22 9.21
N THR J 62 -15.23 27.80 10.35
CA THR J 62 -15.52 27.05 11.58
C THR J 62 -16.89 27.49 12.06
N ILE J 63 -17.74 26.55 12.42
CA ILE J 63 -19.06 26.86 13.00
C ILE J 63 -19.18 26.10 14.29
N GLU J 64 -19.39 26.80 15.38
CA GLU J 64 -19.57 26.15 16.69
C GLU J 64 -20.95 25.49 16.80
N PHE J 65 -21.04 24.36 17.51
CA PHE J 65 -22.32 23.71 17.74
C PHE J 65 -22.45 23.22 19.19
N VAL J 66 -23.70 23.09 19.62
CA VAL J 66 -24.07 22.45 20.88
C VAL J 66 -25.21 21.54 20.46
N ASP J 67 -24.97 20.23 20.49
CA ASP J 67 -25.97 19.24 20.07
C ASP J 67 -26.54 18.52 21.30
N THR J 68 -27.84 18.27 21.31
CA THR J 68 -28.50 17.54 22.40
C THR J 68 -29.10 16.27 21.81
N ASP J 70 -30.75 12.10 22.83
CA ASP J 70 -31.29 11.22 23.84
C ASP J 70 -30.39 10.00 23.94
N ILE J 71 -30.11 9.54 25.16
CA ILE J 71 -29.34 8.32 25.32
C ILE J 71 -30.34 7.20 25.33
N LYS J 72 -30.33 6.39 24.28
CA LYS J 72 -31.29 5.28 24.17
C LYS J 72 -30.81 4.03 24.90
N ARG J 73 -29.50 3.83 24.96
CA ARG J 73 -28.89 2.66 25.59
C ARG J 73 -27.49 3.02 26.04
N LEU J 74 -27.10 2.57 27.24
CA LEU J 74 -25.74 2.77 27.75
C LEU J 74 -25.38 1.58 28.62
N THR J 75 -24.54 0.69 28.11
CA THR J 75 -24.11 -0.50 28.84
C THR J 75 -22.61 -0.48 28.88
N ALA J 76 -22.01 -1.56 29.37
CA ALA J 76 -20.54 -1.65 29.39
C ALA J 76 -19.93 -1.65 27.99
N ASP J 77 -20.70 -2.08 27.00
CA ASP J 77 -20.20 -2.26 25.63
C ASP J 77 -20.87 -1.42 24.55
N SER J 78 -21.99 -0.78 24.87
CA SER J 78 -22.76 -0.05 23.85
C SER J 78 -23.31 1.28 24.32
N LEU J 79 -23.35 2.22 23.39
CA LEU J 79 -23.95 3.54 23.58
C LEU J 79 -24.80 3.78 22.35
N VAL J 80 -26.11 3.89 22.51
CA VAL J 80 -27.00 4.23 21.38
C VAL J 80 -27.55 5.61 21.65
N LEU J 81 -27.25 6.54 20.74
CA LEU J 81 -27.70 7.93 20.83
C LEU J 81 -28.78 8.25 19.76
N ASP J 82 -29.78 9.05 20.12
CA ASP J 82 -30.81 9.44 19.16
C ASP J 82 -30.77 10.94 19.02
N ASN J 83 -30.33 11.42 17.86
CA ASN J 83 -30.28 12.86 17.59
C ASN J 83 -31.42 13.27 16.65
N GLN J 84 -32.55 13.63 17.25
CA GLN J 84 -33.75 14.03 16.53
C GLN J 84 -34.09 13.05 15.39
N GLY J 85 -34.19 11.77 15.74
CA GLY J 85 -34.55 10.76 14.74
C GLY J 85 -33.38 10.04 14.12
N GLU J 87 -30.35 7.93 14.59
CA GLU J 87 -29.75 7.07 15.57
C GLU J 87 -28.32 6.71 15.22
N ILE J 88 -27.45 6.73 16.23
N ILE J 88 -27.44 6.71 16.21
CA ILE J 88 -26.07 6.34 16.08
CA ILE J 88 -26.07 6.32 15.95
C ILE J 88 -25.80 5.25 17.11
C ILE J 88 -25.66 5.33 17.08
N ARG J 89 -25.18 4.16 16.67
CA ARG J 89 -24.82 3.07 17.56
C ARG J 89 -23.32 2.95 17.69
N TYR J 90 -22.83 3.08 18.91
CA TYR J 90 -21.40 2.97 19.17
C TYR J 90 -21.09 1.73 20.01
N ALA J 91 -19.87 1.22 19.86
CA ALA J 91 -19.35 0.11 20.62
C ALA J 91 -18.17 0.66 21.39
N LYS J 92 -18.01 0.21 22.63
CA LYS J 92 -16.91 0.72 23.42
C LYS J 92 -15.63 0.01 23.08
N GLN J 93 -14.59 0.78 22.77
CA GLN J 93 -13.27 0.22 22.52
C GLN J 93 -12.59 -0.26 23.78
N LYS J 94 -12.29 -1.56 23.82
CA LYS J 94 -11.57 -2.17 24.91
C LYS J 94 -10.12 -1.71 24.80
N GLY K 1 -31.35 2.22 10.19
CA GLY K 1 -30.33 1.22 9.78
C GLY K 1 -29.94 1.39 8.31
N ALA K 2 -30.56 2.34 7.62
CA ALA K 2 -30.30 2.56 6.21
C ALA K 2 -28.91 3.18 5.95
N SER K 3 -28.23 2.69 4.91
CA SER K 3 -26.96 3.22 4.49
C SER K 3 -27.15 4.38 3.49
N ILE K 4 -26.22 5.32 3.51
CA ILE K 4 -26.26 6.45 2.59
C ILE K 4 -25.70 6.08 1.22
N VAL K 5 -25.04 4.93 1.12
CA VAL K 5 -24.49 4.49 -0.15
C VAL K 5 -25.63 4.26 -1.14
N GLY K 6 -25.55 4.89 -2.29
CA GLY K 6 -26.59 4.79 -3.31
C GLY K 6 -26.69 6.06 -4.13
N SER K 7 -27.63 6.08 -5.08
CA SER K 7 -27.86 7.25 -5.91
C SER K 7 -29.06 8.03 -5.37
N TRP K 8 -28.84 9.32 -5.17
CA TRP K 8 -29.83 10.20 -4.53
C TRP K 8 -30.17 11.31 -5.48
N VAL K 9 -31.43 11.38 -5.90
CA VAL K 9 -31.83 12.31 -6.92
C VAL K 9 -33.06 13.15 -6.61
N GLU K 10 -33.19 14.23 -7.37
CA GLU K 10 -34.34 15.14 -7.33
C GLU K 10 -34.76 15.38 -8.79
N PRO K 11 -36.02 15.74 -9.03
CA PRO K 11 -36.38 16.07 -10.41
C PRO K 11 -35.60 17.25 -11.03
N VAL K 12 -35.45 17.25 -12.35
CA VAL K 12 -34.77 18.37 -12.98
C VAL K 12 -35.81 19.43 -13.26
N PRO K 13 -35.61 20.65 -12.72
CA PRO K 13 -36.61 21.72 -12.96
C PRO K 13 -36.94 21.86 -14.43
N GLY K 14 -38.23 21.83 -14.74
CA GLY K 14 -38.70 22.01 -16.11
C GLY K 14 -38.49 20.91 -17.14
N LEU K 15 -37.88 19.78 -16.75
CA LEU K 15 -37.69 18.67 -17.70
C LEU K 15 -38.31 17.41 -17.14
N GLU K 16 -39.59 17.20 -17.47
CA GLU K 16 -40.33 16.02 -16.98
C GLU K 16 -39.59 14.73 -17.29
N GLY K 17 -39.55 13.84 -16.29
CA GLY K 17 -38.88 12.56 -16.44
C GLY K 17 -37.42 12.54 -16.03
N GLN K 18 -36.74 13.67 -16.13
CA GLN K 18 -35.33 13.76 -15.80
C GLN K 18 -35.07 14.00 -14.31
N VAL K 19 -33.98 13.42 -13.83
CA VAL K 19 -33.56 13.61 -12.45
C VAL K 19 -32.09 14.02 -12.42
N GLN K 20 -31.69 14.57 -11.28
CA GLN K 20 -30.34 15.04 -11.07
C GLN K 20 -30.00 14.79 -9.64
N GLY K 21 -28.73 14.54 -9.38
CA GLY K 21 -28.31 14.19 -8.05
C GLY K 21 -26.88 13.74 -7.94
N ILE K 22 -26.63 12.94 -6.92
CA ILE K 22 -25.28 12.49 -6.57
C ILE K 22 -25.29 11.00 -6.28
N LYS K 23 -24.32 10.30 -6.84
CA LYS K 23 -24.13 8.86 -6.62
C LYS K 23 -22.95 8.70 -5.65
N GLU K 25 -20.67 5.98 -3.65
CA GLU K 25 -20.26 4.59 -3.67
C GLU K 25 -19.42 4.15 -2.47
N GLU K 26 -19.41 2.84 -2.21
CA GLU K 26 -18.48 2.28 -1.23
C GLU K 26 -17.07 2.70 -1.65
N GLY K 27 -16.24 3.06 -0.66
CA GLY K 27 -14.90 3.54 -0.90
C GLY K 27 -14.78 5.07 -0.94
N GLY K 28 -15.91 5.77 -0.93
CA GLY K 28 -15.90 7.24 -0.86
C GLY K 28 -16.02 8.05 -2.14
N VAL K 29 -16.07 7.39 -3.28
CA VAL K 29 -16.21 8.12 -4.52
C VAL K 29 -17.64 8.60 -4.63
N ALA K 30 -17.77 9.86 -5.03
CA ALA K 30 -19.05 10.45 -5.33
C ALA K 30 -18.97 10.92 -6.78
N SER K 31 -20.11 10.93 -7.46
CA SER K 31 -20.14 11.38 -8.82
C SER K 31 -21.51 12.00 -9.14
N SER K 32 -21.49 12.95 -10.07
CA SER K 32 -22.71 13.66 -10.45
C SER K 32 -23.64 12.79 -11.27
N VAL K 33 -24.93 12.97 -11.06
CA VAL K 33 -25.94 12.33 -11.86
C VAL K 33 -26.61 13.45 -12.65
N ASN K 34 -26.39 13.45 -13.97
CA ASN K 34 -27.04 14.38 -14.90
C ASN K 34 -26.85 15.86 -14.58
N ALA K 36 -23.82 18.76 -15.72
CA ALA K 36 -22.57 19.03 -16.44
C ALA K 36 -21.62 20.02 -15.75
N THR K 37 -22.16 20.95 -14.99
CA THR K 37 -21.33 21.98 -14.36
C THR K 37 -20.63 21.51 -13.10
N LEU K 38 -21.29 20.63 -12.37
CA LEU K 38 -20.79 20.12 -11.14
C LEU K 38 -20.22 18.73 -11.32
N VAL K 39 -18.98 18.57 -10.90
CA VAL K 39 -18.28 17.28 -10.92
C VAL K 39 -17.99 16.85 -9.49
N TYR K 40 -18.92 16.11 -8.91
CA TYR K 40 -18.67 15.55 -7.57
C TYR K 40 -17.57 14.51 -7.68
N GLU K 41 -16.79 14.42 -6.62
CA GLU K 41 -15.62 13.54 -6.55
C GLU K 41 -15.60 12.64 -5.30
N SER K 42 -15.94 13.16 -4.12
CA SER K 42 -15.98 12.32 -2.92
C SER K 42 -17.08 12.68 -1.93
N TRP K 43 -17.39 11.71 -1.06
CA TRP K 43 -18.30 11.88 0.07
C TRP K 43 -17.67 11.20 1.31
N LYS K 44 -18.01 11.72 2.49
CA LYS K 44 -17.58 11.18 3.77
C LYS K 44 -18.74 11.46 4.70
N GLN K 45 -19.05 10.52 5.58
CA GLN K 45 -20.06 10.73 6.60
C GLN K 45 -19.36 10.57 7.95
N GLU K 46 -19.44 11.62 8.78
CA GLU K 46 -18.87 11.65 10.10
C GLU K 46 -20.03 11.92 11.02
N GLY K 47 -20.38 10.95 11.86
CA GLY K 47 -21.55 11.10 12.72
C GLY K 47 -22.76 11.18 11.79
N THR K 48 -23.56 12.22 11.94
CA THR K 48 -24.68 12.47 11.03
C THR K 48 -24.34 13.66 10.11
N LYS K 49 -23.05 14.00 9.99
CA LYS K 49 -22.63 15.04 9.06
C LYS K 49 -22.22 14.41 7.73
N LEU K 50 -22.61 15.03 6.62
CA LEU K 50 -22.21 14.60 5.29
C LEU K 50 -21.27 15.66 4.70
N ILE K 51 -20.14 15.20 4.18
CA ILE K 51 -19.15 16.07 3.59
C ILE K 51 -18.98 15.66 2.14
N LEU K 52 -19.17 16.62 1.22
CA LEU K 52 -19.05 16.33 -0.23
C LEU K 52 -17.98 17.19 -0.86
N THR K 53 -17.19 16.62 -1.78
CA THR K 53 -16.16 17.42 -2.45
C THR K 53 -16.28 17.21 -3.93
N GLY K 54 -15.78 18.16 -4.71
CA GLY K 54 -15.80 18.08 -6.15
C GLY K 54 -15.27 19.36 -6.71
N LYS K 55 -15.56 19.60 -8.00
CA LYS K 55 -15.18 20.82 -8.67
C LYS K 55 -16.32 21.31 -9.54
N SER K 56 -16.37 22.62 -9.75
CA SER K 56 -17.37 23.22 -10.62
C SER K 56 -16.59 23.67 -11.86
N ILE K 57 -17.22 23.60 -13.02
CA ILE K 57 -16.61 23.87 -14.32
C ILE K 57 -17.22 25.08 -14.97
N GLY K 58 -16.41 25.92 -15.60
CA GLY K 58 -16.90 27.10 -16.32
C GLY K 58 -15.80 28.11 -16.55
N ASN K 59 -15.97 28.98 -17.53
CA ASN K 59 -15.01 30.07 -17.76
C ASN K 59 -13.58 29.59 -18.05
N GLY K 60 -13.45 28.42 -18.66
CA GLY K 60 -12.12 27.85 -18.92
C GLY K 60 -11.37 27.63 -17.61
N GLN K 61 -12.11 27.35 -16.54
CA GLN K 61 -11.53 27.13 -15.22
C GLN K 61 -12.35 26.07 -14.49
N THR K 62 -11.73 25.42 -13.52
CA THR K 62 -12.39 24.47 -12.69
C THR K 62 -11.95 24.82 -11.27
N ILE K 63 -12.86 24.73 -10.31
CA ILE K 63 -12.58 25.12 -8.93
C ILE K 63 -13.10 24.09 -7.97
N GLU K 64 -12.21 23.60 -7.09
CA GLU K 64 -12.60 22.61 -6.10
C GLU K 64 -13.50 23.24 -5.05
N PHE K 65 -14.39 22.45 -4.48
CA PHE K 65 -15.26 22.91 -3.42
C PHE K 65 -15.36 21.80 -2.41
N VAL K 66 -15.74 22.17 -1.20
CA VAL K 66 -16.03 21.23 -0.14
C VAL K 66 -17.33 21.74 0.50
N ASP K 67 -18.36 20.89 0.58
CA ASP K 67 -19.65 21.25 1.18
C ASP K 67 -19.87 20.35 2.40
N THR K 68 -20.46 20.90 3.45
N THR K 68 -20.47 20.92 3.44
CA THR K 68 -20.77 20.10 4.64
CA THR K 68 -20.75 20.19 4.68
C THR K 68 -22.22 20.37 5.01
C THR K 68 -22.21 20.39 5.05
N ASP K 70 -25.84 18.53 7.39
CA ASP K 70 -26.36 17.60 8.36
C ASP K 70 -27.41 16.72 7.70
N ILE K 71 -27.28 15.42 7.93
CA ILE K 71 -28.27 14.44 7.50
C ILE K 71 -29.40 14.49 8.53
N LYS K 72 -30.62 14.85 8.10
CA LYS K 72 -31.78 14.96 9.00
C LYS K 72 -32.71 13.73 8.94
N ARG K 73 -32.68 13.06 7.80
CA ARG K 73 -33.45 11.84 7.60
C ARG K 73 -32.73 10.98 6.59
N LEU K 74 -32.67 9.68 6.89
CA LEU K 74 -32.03 8.70 6.01
C LEU K 74 -32.79 7.41 6.14
N THR K 75 -33.47 7.02 5.07
CA THR K 75 -34.19 5.75 5.02
C THR K 75 -33.76 5.04 3.73
N ALA K 76 -34.35 3.89 3.41
CA ALA K 76 -34.03 3.21 2.15
C ALA K 76 -34.41 4.04 0.94
N ASP K 77 -35.40 4.91 1.09
CA ASP K 77 -35.93 5.71 -0.01
C ASP K 77 -35.71 7.20 0.03
N SER K 78 -35.35 7.74 1.20
CA SER K 78 -35.23 9.18 1.38
C SER K 78 -33.96 9.64 2.07
N LEU K 79 -33.48 10.80 1.63
CA LEU K 79 -32.33 11.48 2.21
C LEU K 79 -32.67 12.98 2.32
N VAL K 80 -32.80 13.48 3.56
CA VAL K 80 -33.09 14.91 3.81
C VAL K 80 -31.82 15.49 4.42
N LEU K 81 -31.27 16.52 3.77
CA LEU K 81 -30.06 17.20 4.21
C LEU K 81 -30.39 18.63 4.58
N ASP K 82 -29.59 19.19 5.48
CA ASP K 82 -29.74 20.57 5.84
C ASP K 82 -28.36 21.20 5.81
N ASN K 83 -28.18 22.14 4.89
CA ASN K 83 -26.91 22.83 4.75
C ASN K 83 -27.06 24.21 5.33
N GLN K 84 -26.80 24.28 6.62
CA GLN K 84 -26.86 25.53 7.36
C GLN K 84 -28.12 26.34 7.08
N GLY K 85 -29.28 25.70 7.23
CA GLY K 85 -30.58 26.35 7.05
C GLY K 85 -31.30 25.97 5.76
N GLU K 87 -32.62 23.38 3.38
CA GLU K 87 -33.06 21.98 3.35
C GLU K 87 -33.14 21.46 1.93
N ILE K 88 -32.68 20.25 1.71
CA ILE K 88 -32.73 19.61 0.40
C ILE K 88 -33.17 18.16 0.61
N ARG K 89 -34.13 17.71 -0.18
CA ARG K 89 -34.65 16.35 -0.09
C ARG K 89 -34.33 15.60 -1.38
N TYR K 90 -33.70 14.44 -1.25
CA TYR K 90 -33.44 13.55 -2.39
C TYR K 90 -34.18 12.23 -2.17
N ALA K 91 -34.48 11.56 -3.27
CA ALA K 91 -35.09 10.25 -3.27
C ALA K 91 -34.09 9.25 -3.85
N LYS K 92 -34.18 8.00 -3.41
CA LYS K 92 -33.30 6.95 -3.92
C LYS K 92 -33.69 6.75 -5.40
N GLN K 93 -32.71 6.78 -6.31
CA GLN K 93 -33.01 6.71 -7.74
C GLN K 93 -33.64 5.37 -8.11
N LYS K 94 -34.71 5.43 -8.91
CA LYS K 94 -35.42 4.26 -9.34
C LYS K 94 -34.63 3.61 -10.48
N ALA L 2 -38.91 29.67 0.69
CA ALA L 2 -38.99 30.92 -0.14
C ALA L 2 -38.39 30.70 -1.53
N SER L 3 -39.04 31.31 -2.52
CA SER L 3 -38.61 31.19 -3.90
C SER L 3 -37.43 32.08 -4.25
N ILE L 4 -36.58 31.60 -5.14
CA ILE L 4 -35.43 32.35 -5.60
C ILE L 4 -35.85 33.30 -6.73
N VAL L 5 -37.07 33.16 -7.23
CA VAL L 5 -37.57 34.00 -8.31
C VAL L 5 -37.71 35.42 -7.80
N GLY L 6 -37.18 36.37 -8.55
CA GLY L 6 -37.25 37.78 -8.15
C GLY L 6 -36.09 38.62 -8.63
N SER L 7 -36.12 39.91 -8.31
N SER L 7 -36.14 39.92 -8.34
CA SER L 7 -35.05 40.85 -8.68
CA SER L 7 -35.02 40.81 -8.67
C SER L 7 -34.17 41.11 -7.46
C SER L 7 -34.20 40.98 -7.41
N TRP L 8 -32.91 40.68 -7.52
CA TRP L 8 -31.98 40.71 -6.41
C TRP L 8 -30.83 41.68 -6.64
N VAL L 9 -30.67 42.64 -5.74
CA VAL L 9 -29.69 43.70 -5.92
C VAL L 9 -28.85 43.95 -4.68
N GLU L 10 -27.61 44.38 -4.90
CA GLU L 10 -26.67 44.73 -3.82
C GLU L 10 -26.20 46.15 -4.09
N PRO L 11 -25.61 46.81 -3.09
CA PRO L 11 -25.07 48.11 -3.38
C PRO L 11 -23.88 48.04 -4.32
N VAL L 12 -23.74 49.03 -5.19
CA VAL L 12 -22.61 49.09 -6.09
C VAL L 12 -21.37 49.58 -5.31
N PRO L 13 -20.30 48.78 -5.27
CA PRO L 13 -19.11 49.26 -4.56
C PRO L 13 -18.69 50.64 -5.09
N GLY L 14 -18.50 51.59 -4.19
CA GLY L 14 -18.06 52.92 -4.55
C GLY L 14 -19.11 53.93 -4.97
N LEU L 15 -20.37 53.50 -5.13
CA LEU L 15 -21.45 54.38 -5.56
C LEU L 15 -22.62 54.32 -4.59
N GLU L 16 -22.57 55.18 -3.58
CA GLU L 16 -23.59 55.19 -2.51
C GLU L 16 -25.00 55.33 -3.07
N GLY L 17 -25.89 54.46 -2.64
CA GLY L 17 -27.27 54.53 -3.07
C GLY L 17 -27.61 53.87 -4.40
N GLN L 18 -26.60 53.38 -5.12
CA GLN L 18 -26.87 52.72 -6.38
C GLN L 18 -26.76 51.20 -6.17
N VAL L 19 -27.48 50.45 -6.99
CA VAL L 19 -27.51 49.01 -6.86
C VAL L 19 -27.29 48.28 -8.18
N GLN L 20 -26.97 47.00 -8.05
CA GLN L 20 -26.73 46.11 -9.19
C GLN L 20 -27.07 44.72 -8.76
N GLY L 21 -27.43 43.86 -9.71
CA GLY L 21 -27.70 42.47 -9.40
C GLY L 21 -28.20 41.64 -10.56
N ILE L 22 -29.17 40.80 -10.24
CA ILE L 22 -29.72 39.84 -11.20
C ILE L 22 -31.21 39.67 -10.99
N LYS L 23 -31.94 39.55 -12.08
CA LYS L 23 -33.35 39.26 -12.05
C LYS L 23 -33.50 37.82 -12.52
N GLU L 25 -36.24 34.84 -13.27
CA GLU L 25 -37.66 34.60 -13.55
C GLU L 25 -38.00 33.12 -13.54
N GLU L 26 -39.27 32.81 -13.27
CA GLU L 26 -39.73 31.41 -13.30
C GLU L 26 -39.37 30.81 -14.65
N GLY L 27 -38.94 29.56 -14.66
CA GLY L 27 -38.62 28.91 -15.91
C GLY L 27 -37.14 28.95 -16.27
N GLY L 28 -36.37 29.77 -15.54
CA GLY L 28 -34.93 29.82 -15.71
C GLY L 28 -34.30 30.97 -16.44
N VAL L 29 -35.09 31.91 -16.96
CA VAL L 29 -34.52 33.06 -17.63
C VAL L 29 -33.97 34.01 -16.56
N ALA L 30 -32.82 34.61 -16.85
CA ALA L 30 -32.17 35.59 -15.97
C ALA L 30 -31.76 36.80 -16.79
N SER L 31 -31.62 37.94 -16.11
CA SER L 31 -31.18 39.15 -16.76
C SER L 31 -30.37 40.01 -15.78
N SER L 32 -29.46 40.82 -16.31
CA SER L 32 -28.63 41.68 -15.46
C SER L 32 -29.37 42.93 -15.02
N VAL L 33 -29.08 43.41 -13.81
CA VAL L 33 -29.67 44.64 -13.27
C VAL L 33 -28.49 45.57 -13.06
N ASN L 34 -28.45 46.65 -13.85
CA ASN L 34 -27.37 47.63 -13.78
C ASN L 34 -25.95 47.07 -13.80
N ALA L 36 -22.58 46.25 -16.37
CA ALA L 36 -22.01 46.74 -17.62
C ALA L 36 -21.23 45.68 -18.35
N THR L 37 -20.68 44.70 -17.63
CA THR L 37 -19.82 43.68 -18.25
C THR L 37 -20.26 42.18 -18.14
N LEU L 38 -21.32 41.89 -17.37
CA LEU L 38 -21.88 40.54 -17.29
C LEU L 38 -23.29 40.65 -17.78
N VAL L 39 -23.63 39.79 -18.73
CA VAL L 39 -24.97 39.70 -19.27
C VAL L 39 -25.52 38.34 -18.83
N TYR L 40 -26.29 38.34 -17.74
CA TYR L 40 -26.88 37.11 -17.25
C TYR L 40 -28.01 36.73 -18.18
N GLU L 41 -28.15 35.43 -18.44
CA GLU L 41 -29.16 34.91 -19.35
C GLU L 41 -29.96 33.75 -18.80
N SER L 42 -29.40 32.95 -17.90
CA SER L 42 -30.19 31.88 -17.30
C SER L 42 -29.65 31.49 -15.95
N TRP L 43 -30.50 30.81 -15.19
CA TRP L 43 -30.18 30.35 -13.87
C TRP L 43 -30.76 28.96 -13.65
N LYS L 44 -30.09 28.18 -12.82
CA LYS L 44 -30.53 26.84 -12.48
C LYS L 44 -30.06 26.53 -11.06
N GLN L 45 -30.90 25.88 -10.27
CA GLN L 45 -30.51 25.47 -8.94
C GLN L 45 -30.24 23.96 -8.92
N GLU L 46 -29.07 23.58 -8.38
CA GLU L 46 -28.69 22.16 -8.25
C GLU L 46 -28.24 21.94 -6.81
N GLY L 47 -29.07 21.25 -6.03
CA GLY L 47 -28.81 21.05 -4.60
C GLY L 47 -28.91 22.44 -4.03
N THR L 48 -27.88 22.89 -3.30
CA THR L 48 -27.84 24.26 -2.77
C THR L 48 -26.89 25.15 -3.59
N LYS L 49 -26.58 24.74 -4.83
CA LYS L 49 -25.70 25.50 -5.70
C LYS L 49 -26.59 26.26 -6.66
N LEU L 50 -26.13 27.42 -7.06
CA LEU L 50 -26.82 28.27 -8.03
C LEU L 50 -25.86 28.41 -9.20
N ILE L 51 -26.32 28.01 -10.38
CA ILE L 51 -25.53 28.03 -11.60
C ILE L 51 -26.09 29.17 -12.46
N LEU L 52 -25.25 30.15 -12.78
CA LEU L 52 -25.64 31.32 -13.58
C LEU L 52 -24.85 31.28 -14.87
N THR L 53 -25.54 31.56 -15.97
CA THR L 53 -24.99 31.49 -17.32
C THR L 53 -25.29 32.77 -18.08
N GLY L 54 -24.36 33.17 -18.93
CA GLY L 54 -24.54 34.36 -19.72
C GLY L 54 -23.32 34.63 -20.55
N LYS L 55 -23.13 35.89 -20.87
CA LYS L 55 -22.02 36.36 -21.65
C LYS L 55 -21.21 37.32 -20.80
N SER L 56 -19.90 37.21 -20.89
CA SER L 56 -18.98 38.06 -20.12
C SER L 56 -18.11 38.88 -21.08
N ILE L 57 -18.11 40.20 -20.88
CA ILE L 57 -17.38 41.11 -21.71
C ILE L 57 -16.05 41.48 -21.05
N GLY L 58 -14.95 41.46 -21.80
CA GLY L 58 -13.70 41.90 -21.23
C GLY L 58 -12.52 41.64 -22.11
N ASN L 59 -11.57 42.58 -22.08
CA ASN L 59 -10.30 42.49 -22.80
C ASN L 59 -10.46 42.16 -24.26
N GLY L 60 -11.50 42.71 -24.89
CA GLY L 60 -11.71 42.51 -26.33
C GLY L 60 -12.49 41.29 -26.74
N GLN L 61 -13.03 40.56 -25.78
CA GLN L 61 -13.83 39.36 -26.04
C GLN L 61 -15.18 39.41 -25.35
N THR L 62 -16.15 38.67 -25.91
CA THR L 62 -17.48 38.46 -25.33
C THR L 62 -17.64 36.95 -25.40
N ILE L 63 -17.59 36.28 -24.25
N ILE L 63 -17.56 36.29 -24.25
CA ILE L 63 -17.57 34.82 -24.22
CA ILE L 63 -17.56 34.83 -24.17
C ILE L 63 -18.64 34.31 -23.26
C ILE L 63 -18.66 34.31 -23.24
N GLU L 64 -19.11 33.08 -23.49
CA GLU L 64 -20.11 32.48 -22.62
C GLU L 64 -19.43 32.19 -21.26
N PHE L 65 -20.13 32.47 -20.17
CA PHE L 65 -19.63 32.14 -18.81
C PHE L 65 -20.68 31.32 -18.09
N VAL L 66 -20.19 30.51 -17.15
CA VAL L 66 -21.03 29.71 -16.26
C VAL L 66 -20.39 29.88 -14.87
N ASP L 67 -21.12 30.49 -13.95
CA ASP L 67 -20.65 30.70 -12.58
C ASP L 67 -21.45 29.82 -11.65
N THR L 68 -20.77 29.22 -10.66
CA THR L 68 -21.40 28.37 -9.67
C THR L 68 -21.23 29.04 -8.32
N ASP L 70 -22.63 29.12 -4.05
CA ASP L 70 -23.35 28.43 -2.99
C ASP L 70 -24.47 29.37 -2.51
N ILE L 71 -25.68 28.85 -2.31
CA ILE L 71 -26.79 29.63 -1.75
C ILE L 71 -26.68 29.45 -0.25
N LYS L 72 -26.37 30.51 0.47
CA LYS L 72 -26.17 30.45 1.90
C LYS L 72 -27.44 30.72 2.67
N ARG L 73 -28.27 31.62 2.14
CA ARG L 73 -29.53 32.00 2.77
C ARG L 73 -30.48 32.46 1.71
N LEU L 74 -31.75 32.11 1.86
CA LEU L 74 -32.78 32.53 0.93
C LEU L 74 -34.04 32.75 1.73
N THR L 75 -34.50 34.00 1.80
CA THR L 75 -35.75 34.32 2.51
C THR L 75 -36.60 35.17 1.57
N ALA L 76 -37.74 35.63 2.05
CA ALA L 76 -38.63 36.48 1.25
C ALA L 76 -37.94 37.77 0.84
N ASP L 77 -37.00 38.26 1.63
CA ASP L 77 -36.34 39.53 1.38
C ASP L 77 -34.86 39.49 1.02
N SER L 78 -34.17 38.41 1.36
N SER L 78 -34.17 38.41 1.37
CA SER L 78 -32.73 38.30 1.18
CA SER L 78 -32.72 38.32 1.14
C SER L 78 -32.25 37.02 0.47
C SER L 78 -32.26 37.04 0.45
N LEU L 79 -31.16 37.16 -0.29
CA LEU L 79 -30.50 36.07 -0.97
C LEU L 79 -29.03 36.30 -0.69
N VAL L 80 -28.40 35.32 -0.05
CA VAL L 80 -27.00 35.44 0.25
C VAL L 80 -26.28 34.32 -0.49
N LEU L 81 -25.30 34.70 -1.30
CA LEU L 81 -24.50 33.76 -2.07
C LEU L 81 -23.04 33.81 -1.64
N ASP L 82 -22.33 32.70 -1.83
CA ASP L 82 -20.89 32.64 -1.59
C ASP L 82 -20.19 32.37 -2.89
N ASN L 83 -19.22 33.21 -3.21
CA ASN L 83 -18.39 33.04 -4.39
C ASN L 83 -16.91 32.98 -3.97
N GLN L 84 -16.42 31.76 -3.78
CA GLN L 84 -15.06 31.50 -3.37
C GLN L 84 -14.65 32.28 -2.15
N GLY L 85 -15.58 32.41 -1.20
CA GLY L 85 -15.29 33.06 0.08
C GLY L 85 -15.73 34.50 0.14
N GLU L 87 -18.82 36.88 0.09
CA GLU L 87 -20.24 36.85 0.32
C GLU L 87 -20.91 37.98 -0.44
N ILE L 88 -21.97 37.65 -1.15
CA ILE L 88 -22.77 38.60 -1.92
C ILE L 88 -24.14 38.57 -1.28
N ARG L 89 -24.52 39.70 -0.69
CA ARG L 89 -25.80 39.79 -0.01
C ARG L 89 -26.74 40.65 -0.81
N TYR L 90 -27.80 40.03 -1.31
CA TYR L 90 -28.79 40.72 -2.11
C TYR L 90 -30.07 41.00 -1.35
N ALA L 91 -30.70 42.12 -1.67
CA ALA L 91 -32.01 42.48 -1.12
C ALA L 91 -32.99 42.27 -2.27
N LYS L 92 -34.19 41.77 -1.99
CA LYS L 92 -35.18 41.63 -3.04
C LYS L 92 -35.75 43.02 -3.35
N GLN L 93 -35.95 43.28 -4.64
CA GLN L 93 -36.42 44.55 -5.13
C GLN L 93 -37.72 44.31 -5.88
N LYS L 94 -38.71 45.18 -5.69
CA LYS L 94 -40.01 45.06 -6.37
C LYS L 94 -39.82 45.32 -7.85
N ALA M 2 34.39 37.52 32.96
CA ALA M 2 33.31 36.55 33.32
C ALA M 2 33.37 35.32 32.39
N SER M 3 33.13 34.15 32.97
CA SER M 3 33.14 32.91 32.23
C SER M 3 31.69 32.52 31.89
N ILE M 4 31.51 31.91 30.73
CA ILE M 4 30.22 31.45 30.27
C ILE M 4 29.81 30.15 31.01
N VAL M 5 30.74 29.54 31.74
CA VAL M 5 30.45 28.31 32.47
C VAL M 5 29.43 28.58 33.57
N GLY M 6 28.35 27.79 33.57
CA GLY M 6 27.29 27.95 34.55
C GLY M 6 25.94 27.56 33.95
N SER M 7 24.88 27.85 34.69
CA SER M 7 23.53 27.57 34.24
C SER M 7 22.85 28.90 33.91
N TRP M 8 22.35 28.97 32.68
CA TRP M 8 21.72 30.15 32.10
C TRP M 8 20.26 29.87 31.81
N VAL M 9 19.36 30.65 32.40
CA VAL M 9 17.92 30.40 32.31
C VAL M 9 17.09 31.63 31.97
N GLU M 10 15.90 31.37 31.46
CA GLU M 10 14.96 32.42 31.08
C GLU M 10 13.57 31.95 31.45
N PRO M 11 12.62 32.87 31.54
CA PRO M 11 11.25 32.43 31.83
C PRO M 11 10.70 31.59 30.67
N VAL M 12 9.88 30.61 30.98
CA VAL M 12 9.29 29.77 29.96
C VAL M 12 8.14 30.49 29.29
N PRO M 13 8.24 30.72 27.95
CA PRO M 13 7.12 31.35 27.21
C PRO M 13 5.82 30.59 27.45
N GLY M 14 4.75 31.29 27.80
CA GLY M 14 3.47 30.65 28.05
C GLY M 14 3.28 29.89 29.37
N LEU M 15 4.33 29.72 30.17
CA LEU M 15 4.23 29.05 31.47
C LEU M 15 4.81 29.93 32.57
N GLU M 16 3.92 30.68 33.21
CA GLU M 16 4.31 31.61 34.27
C GLU M 16 4.93 30.89 35.48
N GLY M 17 6.01 31.48 35.99
CA GLY M 17 6.72 30.95 37.15
C GLY M 17 7.71 29.83 36.87
N GLN M 18 7.91 29.50 35.60
CA GLN M 18 8.82 28.43 35.19
C GLN M 18 10.01 29.02 34.48
N VAL M 19 11.17 28.38 34.62
CA VAL M 19 12.36 28.80 33.88
C VAL M 19 12.92 27.61 33.10
N GLN M 20 13.64 27.92 32.05
CA GLN M 20 14.26 26.90 31.22
C GLN M 20 15.56 27.46 30.73
N GLY M 21 16.46 26.59 30.33
CA GLY M 21 17.71 27.07 29.83
C GLY M 21 18.74 26.00 29.56
N ILE M 22 20.01 26.38 29.69
CA ILE M 22 21.12 25.52 29.36
C ILE M 22 22.21 25.60 30.41
N LYS M 23 22.72 24.45 30.81
CA LYS M 23 23.83 24.36 31.75
C LYS M 23 25.09 24.03 30.97
N GLU M 25 29.13 23.33 31.24
CA GLU M 25 30.14 22.89 32.19
C GLU M 25 31.55 22.94 31.63
N GLU M 26 32.52 23.00 32.53
CA GLU M 26 33.91 22.87 32.15
C GLU M 26 34.04 21.54 31.49
N GLY M 27 34.78 21.51 30.40
CA GLY M 27 34.95 20.29 29.61
C GLY M 27 34.08 20.30 28.37
N GLY M 28 33.12 21.22 28.31
CA GLY M 28 32.33 21.39 27.10
C GLY M 28 30.96 20.70 27.06
N VAL M 29 30.59 19.98 28.11
CA VAL M 29 29.27 19.37 28.16
C VAL M 29 28.24 20.45 28.39
N ALA M 30 27.16 20.38 27.63
CA ALA M 30 26.01 21.23 27.83
C ALA M 30 24.84 20.31 28.05
N SER M 31 23.90 20.76 28.87
CA SER M 31 22.69 20.00 29.15
C SER M 31 21.50 20.96 29.29
N SER M 32 20.34 20.46 28.94
CA SER M 32 19.12 21.23 28.98
C SER M 32 18.60 21.40 30.38
N VAL M 33 18.08 22.58 30.69
CA VAL M 33 17.41 22.83 31.96
C VAL M 33 15.93 22.99 31.64
N ASN M 34 15.12 22.02 32.03
CA ASN M 34 13.67 22.08 31.88
C ASN M 34 13.21 22.31 30.44
N ALA M 36 11.84 19.74 27.69
CA ALA M 36 11.37 18.38 27.38
C ALA M 36 11.90 17.71 26.11
N THR M 37 11.83 18.45 25.02
CA THR M 37 12.13 17.94 23.68
C THR M 37 13.56 18.11 23.21
N LEU M 38 14.29 19.07 23.76
CA LEU M 38 15.64 19.30 23.33
C LEU M 38 16.64 18.69 24.31
N VAL M 39 17.59 17.95 23.78
CA VAL M 39 18.67 17.38 24.58
C VAL M 39 19.97 18.05 24.11
N TYR M 40 20.38 19.11 24.80
CA TYR M 40 21.65 19.77 24.53
C TYR M 40 22.76 18.80 24.94
N GLU M 41 23.89 18.84 24.26
CA GLU M 41 25.00 17.90 24.51
C GLU M 41 26.35 18.56 24.66
N SER M 42 26.61 19.62 23.89
CA SER M 42 27.89 20.33 24.00
C SER M 42 27.81 21.83 23.72
N TRP M 43 28.81 22.54 24.22
CA TRP M 43 29.02 23.95 23.90
C TRP M 43 30.48 24.22 23.60
N LYS M 44 30.72 25.22 22.75
CA LYS M 44 32.04 25.69 22.43
C LYS M 44 31.97 27.17 22.23
N GLN M 45 32.96 27.88 22.73
CA GLN M 45 33.03 29.32 22.54
C GLN M 45 34.32 29.61 21.78
N GLU M 46 34.18 30.22 20.61
CA GLU M 46 35.32 30.60 19.77
C GLU M 46 35.21 32.11 19.56
N GLY M 47 36.12 32.85 20.17
CA GLY M 47 36.06 34.30 20.16
C GLY M 47 34.81 34.66 20.93
N THR M 48 33.92 35.41 20.30
CA THR M 48 32.63 35.77 20.90
C THR M 48 31.46 35.01 20.22
N LYS M 49 31.81 33.92 19.54
CA LYS M 49 30.83 33.04 18.94
C LYS M 49 30.58 31.84 19.87
N LEU M 50 29.30 31.46 20.02
CA LEU M 50 28.91 30.31 20.82
C LEU M 50 28.32 29.27 19.89
N ILE M 51 28.78 28.03 20.03
CA ILE M 51 28.31 26.95 19.20
C ILE M 51 27.70 25.91 20.12
N LEU M 52 26.42 25.60 19.93
CA LEU M 52 25.72 24.62 20.76
C LEU M 52 25.30 23.45 19.93
N THR M 53 25.36 22.25 20.52
CA THR M 53 24.96 21.04 19.82
C THR M 53 24.08 20.20 20.70
N GLY M 54 23.29 19.38 20.03
CA GLY M 54 22.38 18.47 20.70
C GLY M 54 21.47 17.81 19.73
N LYS M 55 20.34 17.31 20.22
CA LYS M 55 19.39 16.63 19.37
C LYS M 55 17.98 16.93 19.81
N SER M 56 17.06 16.94 18.85
CA SER M 56 15.63 17.16 19.14
C SER M 56 14.93 15.83 18.97
N ILE M 57 13.91 15.59 19.79
CA ILE M 57 13.15 14.33 19.80
C ILE M 57 11.74 14.55 19.24
N GLY M 58 11.40 13.76 18.22
CA GLY M 58 10.10 13.86 17.54
C GLY M 58 9.14 12.75 17.94
N ASN M 59 8.22 12.42 17.05
CA ASN M 59 7.25 11.37 17.35
C ASN M 59 8.11 10.17 17.68
N GLY M 60 9.05 9.89 16.77
CA GLY M 60 10.08 8.88 16.98
C GLY M 60 11.47 9.47 16.71
N GLN M 61 11.66 9.96 15.48
CA GLN M 61 12.95 10.46 14.96
C GLN M 61 13.74 11.51 15.75
N THR M 62 14.91 11.12 16.22
N THR M 62 14.89 11.12 16.29
CA THR M 62 15.80 12.02 16.92
CA THR M 62 15.81 12.05 16.94
C THR M 62 16.80 12.54 15.88
C THR M 62 16.79 12.55 15.88
N ILE M 63 17.03 13.86 15.85
CA ILE M 63 17.90 14.46 14.86
C ILE M 63 18.87 15.39 15.57
N GLU M 64 20.16 15.23 15.27
CA GLU M 64 21.16 16.12 15.81
C GLU M 64 21.06 17.49 15.17
N PHE M 65 21.47 18.50 15.92
CA PHE M 65 21.52 19.89 15.40
C PHE M 65 22.77 20.60 15.90
N VAL M 66 23.16 21.65 15.19
CA VAL M 66 24.28 22.51 15.57
C VAL M 66 23.78 23.93 15.37
N ASP M 67 23.78 24.73 16.42
CA ASP M 67 23.35 26.11 16.34
C ASP M 67 24.50 27.01 16.71
N THR M 68 24.69 28.09 15.94
N THR M 68 24.68 28.09 15.93
CA THR M 68 25.75 29.05 16.22
CA THR M 68 25.75 29.05 16.11
C THR M 68 25.16 30.42 16.41
C THR M 68 25.15 30.42 16.40
N ASP M 70 26.06 34.66 18.18
CA ASP M 70 26.99 35.63 18.65
C ASP M 70 26.68 36.00 20.07
N ILE M 71 27.71 36.02 20.91
CA ILE M 71 27.58 36.45 22.31
C ILE M 71 27.67 37.97 22.30
N LYS M 72 26.60 38.64 22.71
CA LYS M 72 26.53 40.08 22.70
C LYS M 72 26.86 40.72 24.08
N ARG M 73 26.65 39.95 25.15
CA ARG M 73 26.93 40.39 26.51
C ARG M 73 27.20 39.17 27.36
N LEU M 74 28.20 39.26 28.23
CA LEU M 74 28.55 38.15 29.14
C LEU M 74 29.16 38.69 30.39
N THR M 75 28.39 38.68 31.48
CA THR M 75 28.87 39.15 32.77
C THR M 75 28.63 38.00 33.76
N ALA M 76 28.86 38.27 35.03
CA ALA M 76 28.64 37.28 36.06
C ALA M 76 27.16 36.83 36.15
N ASP M 77 26.24 37.67 35.71
CA ASP M 77 24.81 37.40 35.81
C ASP M 77 23.99 37.43 34.56
N SER M 78 24.59 37.76 33.42
CA SER M 78 23.84 37.98 32.19
C SER M 78 24.54 37.47 30.97
N LEU M 79 23.78 36.79 30.11
CA LEU M 79 24.28 36.26 28.83
C LEU M 79 23.25 36.64 27.77
N VAL M 80 23.65 37.50 26.83
CA VAL M 80 22.75 37.92 25.75
C VAL M 80 23.33 37.34 24.48
N LEU M 81 22.52 36.66 23.70
CA LEU M 81 23.00 35.99 22.48
C LEU M 81 22.15 36.41 21.30
N ASP M 82 22.76 36.42 20.13
CA ASP M 82 22.05 36.73 18.92
C ASP M 82 22.24 35.58 17.94
N ASN M 83 21.12 34.99 17.54
CA ASN M 83 21.09 33.91 16.61
C ASN M 83 20.40 34.43 15.38
N GLN M 84 21.22 34.91 14.44
CA GLN M 84 20.77 35.50 13.19
C GLN M 84 19.57 36.41 13.32
N GLY M 85 19.62 37.35 14.25
CA GLY M 85 18.55 38.33 14.42
C GLY M 85 17.68 38.08 15.63
N GLU M 87 17.29 37.64 19.35
CA GLU M 87 17.99 37.98 20.58
C GLU M 87 17.50 37.10 21.75
N ILE M 88 18.42 36.40 22.42
CA ILE M 88 18.07 35.62 23.61
C ILE M 88 18.76 36.21 24.85
N ARG M 89 18.00 36.40 25.93
CA ARG M 89 18.53 36.96 27.16
C ARG M 89 18.46 35.92 28.27
N TYR M 90 19.62 35.51 28.77
CA TYR M 90 19.64 34.60 29.89
C TYR M 90 20.20 35.26 31.15
N ALA M 91 19.76 34.73 32.29
CA ALA M 91 20.21 35.17 33.59
C ALA M 91 20.95 33.98 34.23
N LYS M 92 22.01 34.25 34.97
CA LYS M 92 22.75 33.16 35.61
C LYS M 92 21.90 32.61 36.76
N GLN M 93 21.71 31.30 36.80
CA GLN M 93 20.91 30.67 37.82
C GLN M 93 21.69 30.57 39.14
N ALA N 2 54.71 48.99 18.78
CA ALA N 2 54.46 47.51 18.78
C ALA N 2 53.64 47.10 17.56
N SER N 3 54.06 46.02 16.90
CA SER N 3 53.34 45.53 15.72
C SER N 3 52.23 44.54 16.08
N ILE N 4 51.16 44.56 15.31
CA ILE N 4 50.04 43.66 15.53
C ILE N 4 50.31 42.31 14.85
N VAL N 5 51.37 42.22 14.04
CA VAL N 5 51.72 40.97 13.37
C VAL N 5 52.19 39.94 14.38
N GLY N 6 51.62 38.75 14.31
CA GLY N 6 51.96 37.66 15.22
C GLY N 6 50.77 36.78 15.52
N SER N 7 50.97 35.81 16.41
N SER N 7 50.99 35.82 16.42
CA SER N 7 49.90 34.90 16.81
CA SER N 7 49.97 34.88 16.85
C SER N 7 49.40 35.28 18.19
C SER N 7 49.43 35.39 18.19
N TRP N 8 48.11 35.63 18.25
CA TRP N 8 47.47 36.14 19.44
C TRP N 8 46.51 35.09 19.95
N VAL N 9 46.71 34.65 21.19
CA VAL N 9 45.89 33.58 21.77
C VAL N 9 45.39 33.86 23.17
N GLU N 10 44.38 33.09 23.57
CA GLU N 10 43.77 33.15 24.90
C GLU N 10 43.42 31.72 25.27
N PRO N 11 43.19 31.44 26.56
CA PRO N 11 42.74 30.09 26.89
C PRO N 11 41.36 29.79 26.26
N VAL N 12 41.13 28.53 25.90
CA VAL N 12 39.87 28.10 25.33
C VAL N 12 38.90 27.97 26.47
N PRO N 13 37.75 28.68 26.40
CA PRO N 13 36.71 28.52 27.43
C PRO N 13 36.31 27.06 27.57
N GLY N 14 36.33 26.56 28.79
CA GLY N 14 36.01 25.17 29.04
C GLY N 14 37.10 24.13 28.89
N LEU N 15 38.28 24.51 28.41
CA LEU N 15 39.42 23.58 28.20
C LEU N 15 40.72 24.24 28.68
N GLU N 16 41.02 24.09 29.97
CA GLU N 16 42.16 24.74 30.66
C GLU N 16 43.49 24.82 29.93
N GLY N 17 43.91 23.69 29.44
CA GLY N 17 45.23 23.58 28.83
C GLY N 17 45.35 23.96 27.38
N GLN N 18 44.24 24.41 26.77
CA GLN N 18 44.26 24.74 25.36
C GLN N 18 44.20 26.23 25.13
N VAL N 19 44.63 26.62 23.94
CA VAL N 19 44.58 28.01 23.51
C VAL N 19 43.89 28.14 22.15
N GLN N 20 43.35 29.32 21.90
CA GLN N 20 42.73 29.63 20.63
C GLN N 20 42.97 31.12 20.32
N GLY N 21 42.89 31.50 19.07
CA GLY N 21 43.04 32.90 18.72
C GLY N 21 43.22 33.17 17.25
N ILE N 22 44.01 34.19 16.94
CA ILE N 22 44.20 34.65 15.58
C ILE N 22 45.66 34.90 15.27
N LYS N 23 46.08 34.49 14.08
CA LYS N 23 47.42 34.69 13.58
C LYS N 23 47.29 35.73 12.49
N GLU N 25 49.36 37.88 9.77
CA GLU N 25 50.60 37.94 8.99
C GLU N 25 50.77 39.27 8.27
N GLU N 26 52.03 39.66 8.07
CA GLU N 26 52.35 40.86 7.28
C GLU N 26 51.66 40.65 5.94
N GLY N 27 51.08 41.71 5.38
CA GLY N 27 50.39 41.59 4.10
C GLY N 27 48.88 41.49 4.22
N GLY N 28 48.38 41.24 5.43
CA GLY N 28 46.95 41.22 5.63
C GLY N 28 46.28 39.88 5.78
N VAL N 29 47.00 38.78 5.61
CA VAL N 29 46.36 37.48 5.77
C VAL N 29 46.19 37.21 7.27
N ALA N 30 45.01 36.72 7.67
CA ALA N 30 44.75 36.32 9.06
C ALA N 30 44.19 34.90 9.01
N SER N 31 44.45 34.13 10.06
CA SER N 31 43.97 32.77 10.16
C SER N 31 43.60 32.44 11.58
N SER N 32 42.57 31.62 11.75
CA SER N 32 42.17 31.16 13.05
C SER N 32 43.20 30.18 13.60
N VAL N 33 43.40 30.22 14.91
CA VAL N 33 44.27 29.31 15.61
C VAL N 33 43.37 28.43 16.48
N ASN N 34 43.25 27.16 16.08
CA ASN N 34 42.45 26.17 16.82
C ASN N 34 40.93 26.43 16.92
N ALA N 36 37.24 26.24 14.62
CA ALA N 36 36.63 25.63 13.42
C ALA N 36 35.48 26.44 12.82
N THR N 37 34.59 26.98 13.65
CA THR N 37 33.41 27.71 13.14
C THR N 37 33.75 29.11 12.70
N LEU N 38 34.58 29.76 13.50
CA LEU N 38 35.02 31.13 13.26
C LEU N 38 36.29 31.06 12.46
N VAL N 39 36.20 31.32 11.17
CA VAL N 39 37.35 31.22 10.25
C VAL N 39 37.84 32.59 9.74
N TYR N 40 38.94 33.08 10.30
CA TYR N 40 39.48 34.36 9.89
C TYR N 40 40.18 34.26 8.56
N GLU N 41 40.14 35.34 7.80
CA GLU N 41 40.76 35.36 6.49
C GLU N 41 41.66 36.56 6.26
N SER N 42 41.33 37.73 6.81
CA SER N 42 42.17 38.90 6.60
C SER N 42 42.02 39.89 7.76
N TRP N 43 43.01 40.77 7.89
CA TRP N 43 43.00 41.82 8.90
C TRP N 43 43.52 43.11 8.27
N LYS N 44 43.01 44.24 8.75
CA LYS N 44 43.48 45.53 8.32
C LYS N 44 43.28 46.47 9.49
N GLN N 45 44.27 47.31 9.72
CA GLN N 45 44.24 48.31 10.77
C GLN N 45 43.89 49.66 10.13
N GLU N 46 42.88 50.34 10.66
CA GLU N 46 42.51 51.69 10.20
C GLU N 46 42.43 52.57 11.41
N GLY N 47 43.44 53.43 11.58
CA GLY N 47 43.51 54.24 12.79
C GLY N 47 43.72 53.31 13.95
N THR N 48 42.87 53.42 14.98
CA THR N 48 42.89 52.50 16.12
C THR N 48 41.84 51.38 15.98
N LYS N 49 41.24 51.25 14.81
CA LYS N 49 40.24 50.22 14.55
C LYS N 49 40.94 49.06 13.85
N LEU N 50 40.44 47.85 14.11
CA LEU N 50 40.93 46.64 13.48
C LEU N 50 39.74 46.04 12.73
N ILE N 51 39.92 45.78 11.44
N ILE N 51 39.91 45.80 11.43
CA ILE N 51 38.88 45.21 10.62
CA ILE N 51 38.85 45.21 10.61
C ILE N 51 39.28 43.78 10.33
C ILE N 51 39.26 43.79 10.27
N LEU N 52 38.47 42.82 10.77
CA LEU N 52 38.76 41.41 10.55
C LEU N 52 37.68 40.84 9.64
N THR N 53 38.12 40.14 8.60
N THR N 53 38.10 40.16 8.57
CA THR N 53 37.19 39.55 7.63
CA THR N 53 37.14 39.55 7.65
C THR N 53 37.32 38.04 7.69
C THR N 53 37.29 38.04 7.76
N GLY N 54 36.21 37.33 7.47
CA GLY N 54 36.22 35.88 7.52
C GLY N 54 34.88 35.24 7.22
N LYS N 55 34.73 34.01 7.70
CA LYS N 55 33.54 33.25 7.47
C LYS N 55 33.17 32.55 8.75
N SER N 56 31.86 32.38 8.92
CA SER N 56 31.34 31.55 9.97
C SER N 56 30.78 30.34 9.21
N ILE N 57 31.29 29.16 9.53
CA ILE N 57 30.91 27.94 8.86
C ILE N 57 30.31 26.88 9.77
N GLY N 58 29.19 26.28 9.34
CA GLY N 58 28.52 25.20 10.07
C GLY N 58 27.23 24.81 9.39
N ASN N 59 26.68 23.62 9.69
CA ASN N 59 25.45 23.14 9.06
C ASN N 59 25.44 23.17 7.53
N GLY N 60 26.57 22.86 6.92
CA GLY N 60 26.65 22.89 5.46
C GLY N 60 26.53 24.27 4.85
N GLN N 61 26.74 25.32 5.64
CA GLN N 61 26.61 26.68 5.16
C GLN N 61 27.78 27.56 5.57
N THR N 62 27.99 28.63 4.81
CA THR N 62 29.09 29.55 5.04
C THR N 62 28.52 30.97 4.99
N ILE N 63 28.82 31.79 6.00
CA ILE N 63 28.36 33.17 6.03
C ILE N 63 29.56 34.09 6.24
N GLU N 64 29.77 35.01 5.31
CA GLU N 64 30.88 35.94 5.35
C GLU N 64 30.65 36.98 6.42
N PHE N 65 31.72 37.45 7.04
CA PHE N 65 31.63 38.55 8.01
C PHE N 65 32.77 39.54 7.83
N VAL N 66 32.51 40.78 8.26
CA VAL N 66 33.49 41.85 8.34
C VAL N 66 33.18 42.48 9.70
N ASP N 67 34.07 42.28 10.67
CA ASP N 67 33.89 42.78 12.03
C ASP N 67 34.85 43.94 12.25
N THR N 68 34.34 45.01 12.83
CA THR N 68 35.16 46.16 13.16
C THR N 68 35.28 46.28 14.67
N ASP N 70 37.69 48.02 18.16
CA ASP N 70 38.62 49.00 18.67
C ASP N 70 39.77 48.25 19.32
N ILE N 71 40.97 48.66 18.98
CA ILE N 71 42.17 48.13 19.60
C ILE N 71 42.30 49.00 20.84
N LYS N 72 42.13 48.39 22.01
CA LYS N 72 42.24 49.13 23.29
C LYS N 72 43.64 49.13 23.86
N ARG N 73 44.41 48.11 23.51
CA ARG N 73 45.77 47.99 23.96
C ARG N 73 46.54 47.13 22.98
N LEU N 74 47.78 47.49 22.72
CA LEU N 74 48.64 46.75 21.81
C LEU N 74 50.09 46.94 22.25
N THR N 75 50.67 45.87 22.79
CA THR N 75 52.05 45.95 23.27
C THR N 75 52.80 44.78 22.65
N ALA N 76 54.04 44.62 23.07
CA ALA N 76 54.85 43.50 22.63
C ALA N 76 54.21 42.17 23.04
N ASP N 77 53.47 42.14 24.16
CA ASP N 77 52.89 40.91 24.71
C ASP N 77 51.37 40.76 24.74
N SER N 78 50.63 41.86 24.52
CA SER N 78 49.18 41.89 24.66
C SER N 78 48.43 42.65 23.57
N LEU N 79 47.22 42.19 23.32
CA LEU N 79 46.31 42.80 22.37
C LEU N 79 44.93 42.70 22.98
N VAL N 80 44.33 43.85 23.28
CA VAL N 80 42.97 43.90 23.83
C VAL N 80 42.06 44.53 22.78
N LEU N 81 40.98 43.84 22.45
CA LEU N 81 40.05 44.28 21.42
C LEU N 81 38.64 44.41 22.00
N ASP N 82 37.96 45.50 21.68
N ASP N 82 37.95 45.49 21.63
CA ASP N 82 36.57 45.74 22.12
CA ASP N 82 36.59 45.74 22.08
C ASP N 82 35.66 45.76 20.90
C ASP N 82 35.68 45.73 20.86
N ASN N 83 34.64 44.92 20.92
CA ASN N 83 33.65 44.78 19.84
C ASN N 83 32.29 44.95 20.50
N GLN N 84 31.72 46.15 20.40
CA GLN N 84 30.41 46.48 20.95
C GLN N 84 30.39 46.14 22.44
N GLY N 85 29.48 45.32 22.91
CA GLY N 85 29.44 45.04 24.34
C GLY N 85 30.33 43.93 24.87
N GLU N 87 34.67 42.28 25.12
CA GLU N 87 36.10 42.52 25.08
C GLU N 87 36.86 41.20 25.00
N ILE N 88 37.92 41.19 24.21
CA ILE N 88 38.75 40.01 24.03
C ILE N 88 40.18 40.40 24.34
N ARG N 89 40.83 39.60 25.18
N ARG N 89 40.82 39.61 25.18
CA ARG N 89 42.20 39.86 25.62
CA ARG N 89 42.20 39.86 25.62
C ARG N 89 43.12 38.75 25.15
C ARG N 89 43.11 38.75 25.14
N TYR N 90 44.09 39.09 24.31
CA TYR N 90 45.01 38.11 23.76
C TYR N 90 46.41 38.34 24.26
N ALA N 91 47.17 37.25 24.35
CA ALA N 91 48.58 37.28 24.72
C ALA N 91 49.34 36.81 23.48
N LYS N 92 50.48 37.43 23.25
CA LYS N 92 51.29 37.14 22.09
C LYS N 92 52.11 35.90 22.30
N GLN N 93 51.98 34.91 21.42
CA GLN N 93 52.84 33.72 21.52
C GLN N 93 54.24 34.13 21.12
N LYS N 94 55.22 33.74 21.95
CA LYS N 94 56.63 34.07 21.71
C LYS N 94 57.22 33.02 20.78
N ALA O 2 27.82 0.95 0.03
CA ALA O 2 27.61 0.50 1.44
C ALA O 2 27.44 1.71 2.35
N SER O 3 26.38 1.69 3.16
CA SER O 3 26.11 2.79 4.09
C SER O 3 26.82 2.54 5.40
N ILE O 4 27.17 3.62 6.09
CA ILE O 4 27.83 3.52 7.37
C ILE O 4 26.80 3.43 8.50
N VAL O 5 25.52 3.64 8.19
CA VAL O 5 24.47 3.56 9.23
C VAL O 5 24.35 2.15 9.75
N GLY O 6 24.47 1.98 11.07
CA GLY O 6 24.36 0.63 11.70
C GLY O 6 25.28 0.55 12.92
N SER O 7 25.40 -0.63 13.49
CA SER O 7 26.24 -0.84 14.67
C SER O 7 27.52 -1.53 14.28
N TRP O 8 28.63 -0.97 14.73
CA TRP O 8 29.97 -1.40 14.38
C TRP O 8 30.70 -1.77 15.67
N VAL O 9 31.12 -3.02 15.76
CA VAL O 9 31.67 -3.58 16.97
C VAL O 9 32.93 -4.42 16.81
N GLU O 10 33.68 -4.50 17.92
CA GLU O 10 34.89 -5.30 18.07
C GLU O 10 34.75 -6.13 19.37
N PRO O 11 35.39 -7.30 19.44
CA PRO O 11 35.30 -8.08 20.68
C PRO O 11 35.98 -7.38 21.83
N VAL O 12 35.51 -7.65 23.04
CA VAL O 12 36.13 -7.11 24.25
C VAL O 12 37.12 -8.18 24.65
N PRO O 13 38.43 -7.83 24.71
CA PRO O 13 39.44 -8.82 25.02
C PRO O 13 39.19 -9.48 26.36
N GLY O 14 39.31 -10.79 26.41
CA GLY O 14 39.13 -11.53 27.65
C GLY O 14 37.70 -11.73 28.16
N LEU O 15 36.70 -11.17 27.48
CA LEU O 15 35.33 -11.33 27.93
C LEU O 15 34.48 -12.07 26.93
N GLU O 16 34.07 -13.26 27.35
CA GLU O 16 33.20 -14.15 26.60
C GLU O 16 31.92 -13.44 26.26
N GLY O 17 31.50 -13.55 25.00
CA GLY O 17 30.22 -12.99 24.55
C GLY O 17 30.03 -11.49 24.59
N GLN O 18 31.12 -10.72 24.62
CA GLN O 18 31.00 -9.27 24.65
C GLN O 18 31.70 -8.56 23.51
N VAL O 19 31.04 -7.56 22.97
CA VAL O 19 31.60 -6.71 21.92
C VAL O 19 31.36 -5.27 22.36
N GLN O 20 32.01 -4.33 21.68
CA GLN O 20 31.86 -2.93 22.02
C GLN O 20 32.09 -2.19 20.76
N GLY O 21 31.52 -1.00 20.67
CA GLY O 21 31.66 -0.24 19.48
C GLY O 21 30.77 0.98 19.41
N ILE O 22 30.41 1.35 18.18
N ILE O 22 30.41 1.38 18.19
CA ILE O 22 29.61 2.54 17.94
CA ILE O 22 29.62 2.60 17.99
C ILE O 22 28.38 2.23 17.10
C ILE O 22 28.44 2.35 17.05
N LYS O 23 27.27 2.86 17.44
CA LYS O 23 26.03 2.73 16.67
C LYS O 23 25.83 4.07 16.02
N GLU O 25 23.29 6.21 13.68
CA GLU O 25 21.90 6.25 13.23
C GLU O 25 21.61 7.35 12.25
N GLU O 26 20.52 7.25 11.50
CA GLU O 26 20.15 8.36 10.60
C GLU O 26 19.93 9.60 11.47
N GLY O 27 20.08 10.77 10.88
CA GLY O 27 19.95 12.03 11.64
C GLY O 27 21.16 12.47 12.44
N GLY O 28 22.30 11.80 12.24
CA GLY O 28 23.56 12.15 12.88
C GLY O 28 23.78 11.68 14.29
N VAL O 29 22.83 10.96 14.88
CA VAL O 29 22.99 10.48 16.22
C VAL O 29 23.90 9.28 16.25
N ALA O 30 24.88 9.29 17.16
CA ALA O 30 25.73 8.12 17.38
C ALA O 30 25.63 7.78 18.86
N SER O 31 25.88 6.52 19.19
CA SER O 31 25.86 6.11 20.58
C SER O 31 26.84 4.96 20.80
N SER O 32 27.33 4.86 22.01
CA SER O 32 28.27 3.81 22.33
C SER O 32 27.53 2.49 22.52
N VAL O 33 28.17 1.40 22.11
CA VAL O 33 27.67 0.06 22.35
C VAL O 33 28.56 -0.55 23.39
N ASN O 34 27.99 -0.76 24.58
CA ASN O 34 28.69 -1.41 25.65
C ASN O 34 29.96 -0.69 26.07
N ALA O 36 30.58 2.57 28.83
CA ALA O 36 30.08 3.60 29.75
C ALA O 36 31.05 4.79 29.85
N THR O 37 32.36 4.53 29.71
CA THR O 37 33.34 5.62 29.85
C THR O 37 33.42 6.55 28.67
N LEU O 38 33.35 5.96 27.47
CA LEU O 38 33.42 6.69 26.21
C LEU O 38 31.98 6.72 25.67
N VAL O 39 31.38 7.92 25.70
CA VAL O 39 30.00 8.14 25.31
C VAL O 39 29.89 8.93 24.00
N TYR O 40 29.68 8.21 22.90
CA TYR O 40 29.49 8.83 21.59
C TYR O 40 28.14 9.52 21.52
N GLU O 41 28.09 10.59 20.73
CA GLU O 41 26.89 11.41 20.60
C GLU O 41 26.49 11.74 19.20
N SER O 42 27.44 11.98 18.29
CA SER O 42 27.12 12.28 16.91
C SER O 42 28.22 11.86 15.93
N TRP O 43 27.81 11.77 14.66
CA TRP O 43 28.71 11.39 13.59
C TRP O 43 28.32 12.16 12.34
N LYS O 44 29.31 12.35 11.49
CA LYS O 44 29.10 13.01 10.20
C LYS O 44 30.23 12.61 9.25
N GLN O 45 29.85 12.32 8.01
N GLN O 45 29.84 12.27 8.02
CA GLN O 45 30.80 11.95 7.00
CA GLN O 45 30.75 11.94 6.93
C GLN O 45 31.06 13.09 6.00
C GLN O 45 31.05 13.15 6.05
N GLU O 46 32.34 13.42 5.83
CA GLU O 46 32.81 14.47 4.96
C GLU O 46 33.89 13.83 4.08
N GLY O 47 33.55 13.57 2.83
CA GLY O 47 34.47 12.90 1.94
C GLY O 47 34.73 11.51 2.49
N THR O 48 36.00 11.13 2.60
CA THR O 48 36.38 9.85 3.21
C THR O 48 36.63 9.97 4.72
N LYS O 49 36.37 11.14 5.29
CA LYS O 49 36.59 11.38 6.71
C LYS O 49 35.30 11.12 7.49
N LEU O 50 35.46 10.77 8.76
CA LEU O 50 34.35 10.55 9.66
C LEU O 50 34.62 11.40 10.89
N ILE O 51 33.68 12.29 11.21
CA ILE O 51 33.80 13.13 12.39
C ILE O 51 32.92 12.47 13.44
N LEU O 52 33.51 12.15 14.59
CA LEU O 52 32.78 11.57 15.69
C LEU O 52 32.88 12.51 16.87
N THR O 53 31.75 12.74 17.55
CA THR O 53 31.74 13.57 18.76
C THR O 53 31.16 12.78 19.90
N GLY O 54 31.48 13.22 21.11
CA GLY O 54 31.02 12.56 22.30
C GLY O 54 31.71 13.10 23.51
N LYS O 55 31.67 12.34 24.58
CA LYS O 55 32.39 12.73 25.78
C LYS O 55 33.01 11.55 26.48
N SER O 56 34.09 11.85 27.20
N SER O 56 33.95 11.83 27.38
CA SER O 56 34.77 10.85 27.98
CA SER O 56 34.59 10.80 28.21
C SER O 56 34.56 11.31 29.41
C SER O 56 34.24 11.02 29.69
N ILE O 57 34.12 10.35 30.22
N ILE O 57 33.91 9.96 30.44
CA ILE O 57 33.72 10.54 31.62
CA ILE O 57 33.52 10.13 31.84
C ILE O 57 34.76 10.02 32.60
C ILE O 57 34.70 9.88 32.77
N GLY O 58 35.14 10.89 33.53
CA GLY O 58 36.14 10.66 34.53
C GLY O 58 35.49 10.82 35.89
N ASN O 59 36.31 10.81 36.93
CA ASN O 59 35.79 10.95 38.27
C ASN O 59 35.51 12.44 38.56
N GLY O 60 34.23 12.80 38.48
CA GLY O 60 33.82 14.18 38.75
C GLY O 60 34.07 15.18 37.63
N GLN O 61 34.55 14.71 36.48
CA GLN O 61 34.76 15.59 35.30
C GLN O 61 34.42 14.79 34.05
N THR O 62 34.05 15.50 33.01
CA THR O 62 33.71 14.90 31.75
C THR O 62 34.25 15.85 30.72
N ILE O 63 34.66 15.34 29.57
CA ILE O 63 35.21 16.22 28.54
C ILE O 63 34.63 15.84 27.22
N GLU O 64 34.06 16.81 26.52
CA GLU O 64 33.56 16.57 25.19
C GLU O 64 34.72 16.55 24.18
N PHE O 65 34.58 15.78 23.12
CA PHE O 65 35.60 15.71 22.08
C PHE O 65 34.98 15.79 20.71
N VAL O 66 35.78 16.22 19.74
CA VAL O 66 35.42 16.18 18.32
C VAL O 66 36.63 15.57 17.64
N ASP O 67 36.52 14.31 17.21
CA ASP O 67 37.60 13.55 16.58
C ASP O 67 37.33 13.34 15.10
N THR O 68 38.38 13.45 14.29
CA THR O 68 38.31 13.26 12.84
C THR O 68 39.11 12.00 12.49
N ASP O 70 39.85 8.78 9.42
CA ASP O 70 39.84 8.41 8.01
C ASP O 70 39.15 7.07 7.92
N ILE O 71 38.22 6.95 6.97
CA ILE O 71 37.56 5.68 6.71
C ILE O 71 38.44 4.99 5.70
N LYS O 72 39.03 3.87 6.10
CA LYS O 72 39.92 3.12 5.24
C LYS O 72 39.16 2.05 4.48
N ARG O 73 38.06 1.56 5.06
CA ARG O 73 37.26 0.53 4.44
C ARG O 73 35.83 0.64 4.94
N LEU O 74 34.87 0.47 4.05
CA LEU O 74 33.44 0.51 4.38
C LEU O 74 32.70 -0.42 3.43
N THR O 75 32.27 -1.57 3.96
CA THR O 75 31.53 -2.59 3.22
C THR O 75 30.28 -2.95 4.04
N ALA O 76 29.49 -3.90 3.54
CA ALA O 76 28.31 -4.38 4.25
C ALA O 76 28.68 -4.97 5.61
N ASP O 77 29.86 -5.56 5.71
CA ASP O 77 30.30 -6.20 6.94
C ASP O 77 31.45 -5.58 7.74
N SER O 78 32.17 -4.60 7.19
N SER O 78 32.17 -4.61 7.18
CA SER O 78 33.34 -4.05 7.87
CA SER O 78 33.34 -4.05 7.88
C SER O 78 33.49 -2.54 7.75
C SER O 78 33.49 -2.55 7.75
N LEU O 79 34.11 -1.95 8.77
CA LEU O 79 34.38 -0.52 8.81
C LEU O 79 35.75 -0.42 9.44
N VAL O 80 36.70 0.17 8.73
CA VAL O 80 38.05 0.33 9.26
C VAL O 80 38.27 1.82 9.32
N LEU O 81 38.55 2.31 10.53
CA LEU O 81 38.82 3.71 10.80
C LEU O 81 40.27 3.86 11.25
N ASP O 82 40.84 5.01 10.95
CA ASP O 82 42.21 5.32 11.27
C ASP O 82 42.32 6.78 11.79
N ASN O 83 42.61 6.97 13.08
CA ASN O 83 42.86 8.31 13.65
C ASN O 83 44.34 8.41 13.89
N GLN O 84 44.99 9.29 13.12
CA GLN O 84 46.42 9.51 13.18
C GLN O 84 47.11 8.16 12.97
N GLY O 85 47.98 7.72 13.88
CA GLY O 85 48.68 6.44 13.72
C GLY O 85 48.00 5.23 14.36
N GLU O 87 44.74 2.48 14.08
CA GLU O 87 43.66 1.95 13.26
C GLU O 87 42.80 0.92 13.99
N ILE O 88 41.48 1.02 13.82
N ILE O 88 41.48 1.01 13.90
CA ILE O 88 40.54 0.09 14.42
CA ILE O 88 40.67 -0.08 14.46
C ILE O 88 39.68 -0.57 13.34
C ILE O 88 39.64 -0.57 13.45
N ARG O 89 39.46 -1.89 13.44
CA ARG O 89 38.61 -2.59 12.50
C ARG O 89 37.36 -3.04 13.24
N TYR O 90 36.20 -2.67 12.72
CA TYR O 90 34.92 -3.05 13.29
C TYR O 90 34.19 -3.98 12.33
N ALA O 91 33.30 -4.82 12.89
CA ALA O 91 32.40 -5.68 12.14
C ALA O 91 30.97 -5.17 12.34
N LYS O 92 30.12 -5.36 11.35
CA LYS O 92 28.75 -4.93 11.44
C LYS O 92 28.04 -5.88 12.38
N GLN O 93 27.33 -5.34 13.37
CA GLN O 93 26.64 -6.18 14.34
C GLN O 93 25.35 -6.71 13.73
N ALA P 2 38.19 17.32 -18.18
CA ALA P 2 39.57 16.80 -18.24
C ALA P 2 40.44 17.38 -17.14
N SER P 3 40.17 18.61 -16.68
CA SER P 3 40.96 19.22 -15.60
C SER P 3 40.32 19.12 -14.21
N ILE P 4 41.14 18.83 -13.21
CA ILE P 4 40.68 18.71 -11.85
C ILE P 4 40.49 20.09 -11.20
N VAL P 5 40.94 21.18 -11.83
CA VAL P 5 40.76 22.49 -11.23
C VAL P 5 39.28 22.79 -11.27
N GLY P 6 38.70 23.03 -10.10
CA GLY P 6 37.28 23.36 -9.93
C GLY P 6 36.78 23.04 -8.53
N SER P 7 35.48 23.23 -8.29
CA SER P 7 34.90 22.88 -6.99
C SER P 7 34.17 21.55 -7.10
N TRP P 8 34.57 20.61 -6.24
CA TRP P 8 34.03 19.26 -6.21
C TRP P 8 33.18 19.05 -4.97
N VAL P 9 31.92 18.65 -5.15
CA VAL P 9 31.01 18.56 -4.01
C VAL P 9 30.16 17.31 -3.94
N GLU P 10 29.55 17.11 -2.76
CA GLU P 10 28.63 16.02 -2.45
C GLU P 10 27.56 16.65 -1.55
N PRO P 11 26.40 16.02 -1.40
CA PRO P 11 25.37 16.56 -0.54
C PRO P 11 25.79 16.63 0.93
N VAL P 12 25.24 17.59 1.66
CA VAL P 12 25.46 17.66 3.09
C VAL P 12 24.44 16.69 3.68
N PRO P 13 24.92 15.64 4.35
CA PRO P 13 24.02 14.63 4.92
C PRO P 13 22.94 15.28 5.77
N GLY P 14 21.70 14.89 5.53
CA GLY P 14 20.58 15.40 6.30
C GLY P 14 20.10 16.83 6.02
N LEU P 15 20.78 17.56 5.12
CA LEU P 15 20.41 18.96 4.83
C LEU P 15 20.15 19.14 3.35
N GLU P 16 18.86 19.01 3.00
CA GLU P 16 18.43 19.05 1.60
C GLU P 16 18.94 20.29 0.87
N GLY P 17 19.52 20.07 -0.30
CA GLY P 17 20.01 21.19 -1.11
C GLY P 17 21.39 21.76 -0.80
N GLN P 18 21.96 21.45 0.36
CA GLN P 18 23.28 21.98 0.72
C GLN P 18 24.37 21.03 0.20
N VAL P 19 25.54 21.59 -0.10
CA VAL P 19 26.64 20.78 -0.60
C VAL P 19 27.88 21.08 0.21
N GLN P 20 28.81 20.14 0.18
CA GLN P 20 30.08 20.27 0.88
C GLN P 20 31.16 19.66 0.00
N GLY P 21 32.41 20.05 0.18
CA GLY P 21 33.47 19.54 -0.70
C GLY P 21 34.76 20.32 -0.69
N ILE P 22 35.43 20.31 -1.84
CA ILE P 22 36.76 20.87 -1.93
C ILE P 22 36.93 21.63 -3.22
N LYS P 23 37.50 22.83 -3.12
CA LYS P 23 37.76 23.69 -4.26
C LYS P 23 39.26 23.64 -4.52
N GLU P 25 42.17 25.21 -6.89
CA GLU P 25 42.48 26.30 -7.81
C GLU P 25 43.84 26.17 -8.48
N GLU P 26 43.96 26.86 -9.61
CA GLU P 26 45.25 27.00 -10.27
C GLU P 26 46.26 27.48 -9.24
N GLY P 27 47.47 26.96 -9.28
CA GLY P 27 48.51 27.37 -8.36
C GLY P 27 48.67 26.43 -7.18
N GLY P 28 47.68 25.57 -6.94
CA GLY P 28 47.79 24.56 -5.89
C GLY P 28 47.01 24.81 -4.62
N VAL P 29 46.36 25.96 -4.50
CA VAL P 29 45.56 26.24 -3.32
C VAL P 29 44.28 25.41 -3.36
N ALA P 30 43.95 24.81 -2.22
CA ALA P 30 42.72 24.07 -2.01
C ALA P 30 42.01 24.70 -0.82
N SER P 31 40.69 24.66 -0.81
CA SER P 31 39.92 25.12 0.37
C SER P 31 38.65 24.29 0.55
N SER P 32 38.16 24.23 1.78
CA SER P 32 36.95 23.52 2.07
C SER P 32 35.75 24.32 1.54
N VAL P 33 34.73 23.60 1.11
CA VAL P 33 33.47 24.19 0.72
C VAL P 33 32.49 23.74 1.78
N ASN P 34 32.07 24.70 2.63
CA ASN P 34 31.06 24.47 3.66
C ASN P 34 31.38 23.42 4.71
N ALA P 36 33.76 23.03 8.37
CA ALA P 36 34.50 23.70 9.42
C ALA P 36 35.53 22.79 10.10
N THR P 37 35.16 21.53 10.32
CA THR P 37 36.05 20.62 11.02
C THR P 37 37.27 20.25 10.16
N LEU P 38 37.05 20.14 8.85
CA LEU P 38 38.12 19.89 7.89
C LEU P 38 38.48 21.16 7.14
N VAL P 39 39.76 21.54 7.20
CA VAL P 39 40.25 22.75 6.55
C VAL P 39 41.33 22.36 5.52
N TYR P 40 40.90 22.30 4.26
CA TYR P 40 41.84 22.03 3.17
C TYR P 40 42.70 23.25 2.87
N GLU P 41 43.94 22.96 2.46
CA GLU P 41 44.93 23.99 2.20
C GLU P 41 45.57 23.96 0.85
N SER P 42 45.92 22.78 0.35
CA SER P 42 46.57 22.73 -0.95
C SER P 42 46.36 21.38 -1.63
N TRP P 43 46.60 21.33 -2.93
CA TRP P 43 46.49 20.09 -3.68
C TRP P 43 47.61 19.98 -4.71
N LYS P 44 47.92 18.74 -5.07
CA LYS P 44 48.89 18.42 -6.14
C LYS P 44 48.42 17.18 -6.82
N GLN P 45 48.64 17.11 -8.13
CA GLN P 45 48.31 15.93 -8.93
C GLN P 45 49.58 15.44 -9.62
N GLU P 46 49.98 14.20 -9.34
CA GLU P 46 51.16 13.59 -9.98
C GLU P 46 50.68 12.34 -10.69
N GLY P 47 50.66 12.38 -12.02
CA GLY P 47 50.08 11.32 -12.84
C GLY P 47 48.61 11.24 -12.44
N THR P 48 48.20 10.08 -11.92
CA THR P 48 46.82 9.89 -11.48
C THR P 48 46.69 9.90 -9.96
N LYS P 49 47.75 10.29 -9.26
CA LYS P 49 47.70 10.48 -7.79
C LYS P 49 47.31 11.92 -7.45
N LEU P 50 46.38 12.08 -6.50
CA LEU P 50 46.00 13.38 -6.01
C LEU P 50 46.50 13.44 -4.55
N ILE P 51 47.19 14.52 -4.22
CA ILE P 51 47.74 14.72 -2.91
C ILE P 51 47.06 15.93 -2.29
N LEU P 52 46.33 15.72 -1.20
CA LEU P 52 45.56 16.79 -0.53
C LEU P 52 46.10 17.05 0.85
N THR P 53 46.46 18.31 1.12
N THR P 53 46.45 18.31 1.11
CA THR P 53 46.96 18.69 2.42
CA THR P 53 46.99 18.76 2.38
C THR P 53 45.95 19.62 3.09
C THR P 53 45.95 19.62 3.08
N GLY P 54 45.80 19.43 4.39
CA GLY P 54 44.85 20.18 5.16
C GLY P 54 45.09 19.96 6.62
N LYS P 55 44.10 20.35 7.41
CA LYS P 55 44.13 20.14 8.83
C LYS P 55 42.73 19.95 9.38
N SER P 56 42.64 19.23 10.48
CA SER P 56 41.38 19.02 11.17
C SER P 56 41.47 19.80 12.45
N ILE P 57 40.31 20.31 12.89
CA ILE P 57 40.21 21.14 14.08
C ILE P 57 39.26 20.49 15.07
N GLY P 58 39.63 20.51 16.33
CA GLY P 58 38.79 19.99 17.38
C GLY P 58 39.56 19.92 18.66
N ASN P 59 38.83 19.93 19.78
CA ASN P 59 39.40 19.80 21.10
C ASN P 59 40.39 20.88 21.47
N GLY P 60 40.20 22.07 20.90
CA GLY P 60 41.08 23.21 21.15
C GLY P 60 42.42 23.03 20.48
N GLN P 61 42.46 22.17 19.46
CA GLN P 61 43.69 21.82 18.80
C GLN P 61 43.50 21.63 17.33
N THR P 62 44.62 21.54 16.64
CA THR P 62 44.67 21.37 15.20
C THR P 62 45.58 20.22 14.86
N ILE P 63 45.19 19.39 13.89
CA ILE P 63 46.05 18.28 13.45
C ILE P 63 46.21 18.34 11.94
N GLU P 64 47.46 18.45 11.48
CA GLU P 64 47.76 18.49 10.06
C GLU P 64 47.64 17.10 9.44
N PHE P 65 47.21 17.04 8.19
CA PHE P 65 47.16 15.76 7.48
C PHE P 65 47.52 15.98 6.02
N VAL P 66 48.02 14.92 5.41
CA VAL P 66 48.31 14.89 3.98
C VAL P 66 47.77 13.55 3.48
N ASP P 67 46.73 13.60 2.64
CA ASP P 67 46.08 12.42 2.08
C ASP P 67 46.47 12.19 0.62
N THR P 68 46.85 10.96 0.30
CA THR P 68 47.22 10.61 -1.06
C THR P 68 46.23 9.60 -1.62
N ASP P 70 44.19 7.83 -5.30
CA ASP P 70 44.23 7.51 -6.71
C ASP P 70 43.00 8.16 -7.34
N ILE P 71 43.15 8.77 -8.51
CA ILE P 71 42.02 9.34 -9.24
C ILE P 71 41.57 8.23 -10.18
N LYS P 72 40.32 7.78 -10.01
CA LYS P 72 39.70 6.70 -10.76
C LYS P 72 38.88 7.16 -11.95
N ARG P 73 38.36 8.37 -11.88
CA ARG P 73 37.58 8.97 -12.94
C ARG P 73 37.63 10.49 -12.78
N LEU P 74 37.77 11.18 -13.90
CA LEU P 74 37.86 12.64 -13.94
C LEU P 74 37.26 13.11 -15.27
N THR P 75 36.12 13.75 -15.19
CA THR P 75 35.44 14.28 -16.35
C THR P 75 34.99 15.70 -15.99
N ALA P 76 34.32 16.36 -16.92
CA ALA P 76 33.82 17.70 -16.70
C ALA P 76 32.87 17.75 -15.50
N ASP P 77 32.15 16.65 -15.27
CA ASP P 77 31.13 16.60 -14.22
C ASP P 77 31.41 15.76 -12.99
N SER P 78 32.42 14.89 -13.03
CA SER P 78 32.72 13.98 -11.93
C SER P 78 34.20 13.77 -11.61
N LEU P 79 34.42 13.46 -10.34
CA LEU P 79 35.70 13.12 -9.79
C LEU P 79 35.47 11.92 -8.86
N VAL P 80 36.13 10.80 -9.13
CA VAL P 80 36.04 9.63 -8.27
C VAL P 80 37.46 9.36 -7.78
N LEU P 81 37.62 9.30 -6.46
CA LEU P 81 38.91 9.06 -5.80
C LEU P 81 38.82 7.74 -5.05
N ASP P 82 39.96 7.08 -4.85
CA ASP P 82 40.02 5.76 -4.21
C ASP P 82 41.32 5.59 -3.41
N ASN P 83 41.24 4.81 -2.33
CA ASN P 83 42.39 4.44 -1.54
C ASN P 83 42.15 3.03 -1.04
N GLN P 84 42.88 2.08 -1.62
CA GLN P 84 42.68 0.66 -1.34
C GLN P 84 41.22 0.35 -1.74
N GLY P 85 40.38 -0.02 -0.78
CA GLY P 85 38.97 -0.29 -1.09
C GLY P 85 38.09 0.97 -1.09
N GLU P 87 36.30 4.26 -1.80
CA GLU P 87 36.01 5.17 -2.90
C GLU P 87 35.03 6.28 -2.56
N ILE P 88 35.15 7.42 -3.24
CA ILE P 88 34.28 8.57 -3.02
C ILE P 88 34.02 9.27 -4.36
N ARG P 89 32.77 9.64 -4.62
CA ARG P 89 32.40 10.34 -5.84
C ARG P 89 32.00 11.77 -5.54
N TYR P 90 32.52 12.71 -6.34
CA TYR P 90 32.15 14.14 -6.22
C TYR P 90 31.60 14.61 -7.57
N ALA P 91 30.71 15.61 -7.50
CA ALA P 91 30.14 16.26 -8.68
C ALA P 91 30.72 17.67 -8.78
N LYS P 92 30.84 18.18 -10.01
CA LYS P 92 31.32 19.54 -10.25
C LYS P 92 30.24 20.47 -9.71
N GLN P 93 30.62 21.45 -8.91
CA GLN P 93 29.64 22.35 -8.29
C GLN P 93 28.95 23.25 -9.31
N LYS P 94 27.62 23.26 -9.26
CA LYS P 94 26.80 24.05 -10.19
C LYS P 94 26.89 25.54 -9.87
#